data_3GBM
#
_entry.id   3GBM
#
_cell.length_a   202.761
_cell.length_b   202.761
_cell.length_c   202.761
_cell.angle_alpha   90.00
_cell.angle_beta   90.00
_cell.angle_gamma   90.00
#
_symmetry.space_group_name_H-M   'P 21 3'
#
loop_
_entity.id
_entity.type
_entity.pdbx_description
1 polymer Hemagglutinin
2 polymer Hemagglutinin
3 polymer 'antibody (Fab)'
4 polymer 'antibody (Fab)'
5 branched 2-acetamido-2-deoxy-beta-D-glucopyranose-(1-4)-2-acetamido-2-deoxy-beta-D-glucopyranose
6 non-polymer 2-acetamido-2-deoxy-beta-D-glucopyranose
7 non-polymer beta-D-mannopyranose
8 non-polymer 1,2-ETHANEDIOL
9 non-polymer GLYCEROL
10 water water
#
loop_
_entity_poly.entity_id
_entity_poly.type
_entity_poly.pdbx_seq_one_letter_code
_entity_poly.pdbx_strand_id
1 'polypeptide(L)'
;ADPGDQICIGYHANNSTEQVDTIMEKNVTVTHAQDILEKKHNGKLCDLDGVKPLILRDCSVAGWLLGNPMCDEFINVPEW
SYIVEKANPVNDLCYPGDFNDYEELKHLLSRINHFEKIQIIPKSSWSSHEASLGVSSACPYQGKSSFFRNVVWLIKKNST
YPTIKRSYNNTNQEDLLVLWGIHHPNDAAEQTKLYQNPTTYISVGTSTLNQRLVPRIATRSKVNGQSGRMEFFWTILKPN
DAINFESNGNFIAPEYAYKIVKKGDSTIMKSELEYGNCNTKCQTPMGAINSSMPFHNIHPLTIGECPKYVKSNRLVLATG
LRNSPQRERRRKKR
;
A,C
2 'polypeptide(L)'
;GLFGAIAGFIEGGWQGMVDGWYGYHHSNEQGSGYAADKESTQKAIDGVTNKVNSIIDKMNTQFEAVGREFNNLERRIENL
NKKMEDGFLDVWTYNAELLVLMENERTLDFHDSNVKNLYDKVRLQLRDNAKELGNGCFEFYHKCDNECMESVRNGTYDYP
QYSEEARLKREEISSGR
;
B,D
3 'polypeptide(L)'
;EVQLVESGAEVKKPGSSVKVSCKASGGPFRSYAISWVRQAPGQGPEWMGGIIPIFGTTKYAPKFQGRVTITADDFAGTVY
MELSSLRSEDTAMYYCAKHMGYQVRETMDVWGKGTTVTVSSASTKGPSVFPLAPSSKSTSGGTAALGCLVKDYFPEPVTV
SWNSGALTSGVHTFPAVLQSSGLYSLSSVVTVPSSSLGTQTYICNVNHKPSNTKVDKRVEPKSCDK
;
H,I
4 'polypeptide(L)'
;QSVLTQPPSVSAAPGQKVTISCSGSSSNIGNDYVSWYQQLPGTAPKLLIYDNNKRPSGIPDRFSGSKSGTSATLGITGLQ
TGDEANYYCATWDRRPTAYVVFGGGTKLTVLGAAAGQPKAAPSVTLFPPSSEELQANKATLVCLISDFYPGAVTVAWKAD
SSPVKAGVETTTPSKQSNNKYAASSYLSLTPEQWKSHRSYSCQVTHEGSTVEKTVAPTECS
;
L,M
#
loop_
_chem_comp.id
_chem_comp.type
_chem_comp.name
_chem_comp.formula
BMA D-saccharide, beta linking beta-D-mannopyranose 'C6 H12 O6'
EDO non-polymer 1,2-ETHANEDIOL 'C2 H6 O2'
GOL non-polymer GLYCEROL 'C3 H8 O3'
NAG D-saccharide, beta linking 2-acetamido-2-deoxy-beta-D-glucopyranose 'C8 H15 N O6'
#
# COMPACT_ATOMS: atom_id res chain seq x y z
N ASP A 2 58.08 -4.71 -26.62
CA ASP A 2 56.73 -5.29 -26.43
C ASP A 2 56.32 -5.31 -24.93
N PRO A 3 55.03 -5.00 -24.64
CA PRO A 3 54.56 -5.10 -23.28
C PRO A 3 54.62 -6.55 -22.83
N GLY A 4 54.71 -6.77 -21.53
CA GLY A 4 54.78 -8.10 -21.02
C GLY A 4 53.50 -8.47 -20.33
N ASP A 5 53.38 -9.76 -20.03
CA ASP A 5 52.21 -10.24 -19.35
C ASP A 5 52.11 -9.44 -18.06
N GLN A 6 50.98 -9.53 -17.39
CA GLN A 6 50.77 -8.77 -16.16
C GLN A 6 49.94 -9.57 -15.14
N ILE A 7 50.21 -9.34 -13.86
CA ILE A 7 49.29 -9.75 -12.83
C ILE A 7 49.05 -8.55 -11.91
N CYS A 8 47.81 -8.34 -11.54
CA CYS A 8 47.46 -7.20 -10.73
C CYS A 8 46.82 -7.72 -9.42
N ILE A 9 47.00 -6.99 -8.32
CA ILE A 9 46.33 -7.32 -7.06
C ILE A 9 45.21 -6.31 -6.83
N GLY A 10 44.09 -6.75 -6.27
CA GLY A 10 42.87 -5.96 -6.25
C GLY A 10 41.88 -6.51 -5.23
N TYR A 11 40.68 -5.96 -5.22
CA TYR A 11 39.75 -6.31 -4.17
C TYR A 11 38.34 -6.16 -4.66
N HIS A 12 37.47 -6.81 -3.91
CA HIS A 12 36.10 -6.95 -4.24
C HIS A 12 35.35 -5.62 -4.15
N ALA A 13 34.49 -5.39 -5.15
CA ALA A 13 33.53 -4.27 -5.13
C ALA A 13 32.19 -4.90 -5.46
N ASN A 14 31.09 -4.25 -5.11
CA ASN A 14 29.80 -4.78 -5.47
C ASN A 14 28.82 -3.62 -5.50
N ASN A 15 27.51 -3.87 -5.55
CA ASN A 15 26.51 -2.82 -5.64
CA ASN A 15 26.50 -2.82 -5.67
C ASN A 15 25.80 -2.55 -4.31
N SER A 16 26.44 -2.95 -3.22
CA SER A 16 25.92 -2.66 -1.89
C SER A 16 25.90 -1.15 -1.61
N THR A 17 24.82 -0.68 -0.99
CA THR A 17 24.70 0.65 -0.45
C THR A 17 24.52 0.57 1.08
N GLU A 18 24.83 -0.57 1.70
CA GLU A 18 24.91 -0.70 3.15
C GLU A 18 26.00 0.22 3.67
N GLN A 19 25.75 0.84 4.82
CA GLN A 19 26.58 1.93 5.30
C GLN A 19 26.89 1.79 6.77
N VAL A 20 28.14 2.05 7.12
CA VAL A 20 28.57 1.98 8.52
C VAL A 20 29.20 3.27 8.96
N ASP A 21 29.09 3.56 10.25
CA ASP A 21 29.81 4.67 10.90
C ASP A 21 31.13 4.27 11.59
N THR A 22 31.98 5.24 11.71
CA THR A 22 33.36 5.14 12.17
C THR A 22 33.59 6.40 13.08
N ILE A 23 34.54 6.39 14.01
CA ILE A 23 34.72 7.61 14.85
C ILE A 23 35.11 8.79 13.98
N MET A 24 35.80 8.52 12.87
CA MET A 24 36.30 9.58 11.96
C MET A 24 35.48 9.92 10.70
N GLU A 25 34.54 9.07 10.36
CA GLU A 25 33.80 9.17 9.13
C GLU A 25 32.50 8.40 9.28
N LYS A 26 31.40 9.09 9.00
CA LYS A 26 30.08 8.53 9.10
C LYS A 26 29.65 8.12 7.68
N ASN A 27 28.68 7.20 7.62
CA ASN A 27 28.09 6.76 6.36
C ASN A 27 29.10 6.26 5.35
N VAL A 28 30.03 5.42 5.78
CA VAL A 28 30.96 4.77 4.89
C VAL A 28 30.26 3.61 4.24
N THR A 29 30.34 3.52 2.92
CA THR A 29 29.58 2.51 2.19
C THR A 29 30.43 1.25 2.14
N VAL A 30 29.87 0.13 2.53
CA VAL A 30 30.61 -1.08 2.68
C VAL A 30 30.01 -2.20 1.86
N THR A 31 30.89 -3.05 1.40
CA THR A 31 30.59 -4.26 0.70
C THR A 31 29.63 -5.23 1.40
N HIS A 32 29.80 -5.39 2.70
CA HIS A 32 28.96 -6.28 3.52
C HIS A 32 28.87 -5.69 4.88
N ALA A 33 27.76 -5.91 5.57
CA ALA A 33 27.48 -5.27 6.86
C ALA A 33 26.54 -6.14 7.65
N GLN A 34 26.37 -5.90 8.94
CA GLN A 34 25.50 -6.75 9.70
C GLN A 34 24.77 -5.91 10.73
N ASP A 35 23.45 -5.80 10.60
CA ASP A 35 22.65 -5.09 11.59
C ASP A 35 22.61 -6.02 12.80
N ILE A 36 22.72 -5.47 14.01
CA ILE A 36 22.66 -6.26 15.24
C ILE A 36 21.68 -5.68 16.26
N LEU A 37 20.83 -4.75 15.80
CA LEU A 37 19.79 -4.14 16.64
C LEU A 37 18.43 -4.54 16.09
N GLU A 38 17.61 -5.16 16.94
CA GLU A 38 16.22 -5.49 16.59
C GLU A 38 15.33 -4.31 16.92
N LYS A 39 14.59 -3.83 15.91
CA LYS A 39 13.75 -2.62 16.06
C LYS A 39 12.27 -2.93 15.96
N LYS A 40 11.92 -4.20 15.76
CA LYS A 40 10.55 -4.59 15.50
C LYS A 40 9.95 -5.38 16.63
N HIS A 41 8.71 -5.07 16.94
CA HIS A 41 7.89 -5.91 17.80
C HIS A 41 6.51 -6.05 17.14
N ASN A 42 5.65 -6.89 17.72
CA ASN A 42 4.38 -7.19 17.08
C ASN A 42 3.16 -6.52 17.73
N GLY A 43 3.37 -5.68 18.73
CA GLY A 43 2.25 -4.95 19.35
C GLY A 43 1.24 -5.77 20.15
N LYS A 44 1.59 -7.01 20.50
CA LYS A 44 0.66 -7.82 21.27
C LYS A 44 1.28 -8.37 22.56
N LEU A 45 0.43 -8.66 23.54
CA LEU A 45 0.82 -9.45 24.70
C LEU A 45 0.53 -10.93 24.42
N CYS A 46 1.53 -11.78 24.62
CA CYS A 46 1.45 -13.23 24.32
C CYS A 46 1.81 -14.12 25.49
N ASP A 47 1.38 -15.38 25.36
CA ASP A 47 1.92 -16.50 26.13
C ASP A 47 3.42 -16.39 26.11
N LEU A 48 4.06 -16.62 27.24
CA LEU A 48 5.52 -16.70 27.30
C LEU A 48 5.93 -18.16 27.29
N ASP A 49 6.41 -18.64 26.15
CA ASP A 49 6.52 -20.07 25.92
C ASP A 49 5.14 -20.75 25.98
N GLY A 50 4.97 -21.80 26.75
CA GLY A 50 3.66 -22.38 26.84
C GLY A 50 2.63 -21.50 27.54
N VAL A 51 3.06 -20.69 28.50
CA VAL A 51 2.19 -20.21 29.56
C VAL A 51 1.58 -18.82 29.34
N LYS A 52 0.27 -18.79 29.19
CA LYS A 52 -0.48 -17.54 29.07
C LYS A 52 -0.30 -16.70 30.32
N PRO A 53 -0.12 -15.39 30.16
CA PRO A 53 -0.05 -14.50 31.29
C PRO A 53 -1.41 -14.24 31.92
N LEU A 54 -1.40 -13.82 33.18
CA LEU A 54 -2.56 -13.33 33.87
C LEU A 54 -2.77 -11.88 33.48
N ILE A 55 -3.66 -11.61 32.53
CA ILE A 55 -4.02 -10.23 32.20
C ILE A 55 -5.21 -9.81 33.04
N LEU A 56 -4.93 -9.13 34.15
CA LEU A 56 -5.93 -8.40 34.90
C LEU A 56 -6.47 -7.42 33.87
N ARG A 57 -7.75 -7.14 33.89
CA ARG A 57 -8.23 -6.30 32.80
C ARG A 57 -8.28 -4.88 33.37
N ASP A 58 -9.42 -4.46 33.91
CA ASP A 58 -9.53 -3.21 34.62
C ASP A 58 -9.34 -3.41 36.14
N CYS A 59 -8.88 -4.57 36.59
CA CYS A 59 -8.61 -4.73 38.03
C CYS A 59 -7.17 -4.43 38.42
N SER A 60 -7.00 -4.02 39.67
CA SER A 60 -5.70 -3.88 40.32
C SER A 60 -5.38 -5.19 41.05
N VAL A 61 -4.14 -5.33 41.51
CA VAL A 61 -3.75 -6.51 42.29
C VAL A 61 -4.53 -6.55 43.59
N ALA A 62 -4.77 -5.38 44.18
CA ALA A 62 -5.52 -5.33 45.41
C ALA A 62 -6.93 -5.82 45.10
N GLY A 63 -7.57 -5.18 44.14
CA GLY A 63 -8.87 -5.62 43.66
C GLY A 63 -8.99 -7.12 43.47
N TRP A 64 -7.95 -7.75 42.92
CA TRP A 64 -8.01 -9.19 42.61
C TRP A 64 -7.91 -10.05 43.88
N LEU A 65 -6.90 -9.76 44.69
CA LEU A 65 -6.63 -10.55 45.88
C LEU A 65 -7.75 -10.41 46.90
N LEU A 66 -8.22 -9.17 47.08
CA LEU A 66 -9.33 -8.92 48.02
C LEU A 66 -10.68 -9.32 47.41
N GLY A 67 -10.78 -9.26 46.08
CA GLY A 67 -11.97 -9.77 45.41
C GLY A 67 -13.02 -8.71 45.32
N ASN A 68 -12.63 -7.55 44.86
CA ASN A 68 -13.59 -6.52 44.45
C ASN A 68 -14.65 -7.23 43.60
N PRO A 69 -15.94 -7.00 43.89
CA PRO A 69 -17.03 -7.64 43.15
C PRO A 69 -16.90 -7.55 41.63
N MET A 70 -16.34 -6.44 41.15
CA MET A 70 -16.13 -6.21 39.71
C MET A 70 -14.96 -7.02 39.12
N CYS A 71 -14.21 -7.70 39.96
CA CYS A 71 -13.05 -8.47 39.54
C CYS A 71 -13.31 -9.97 39.50
N ASP A 72 -14.57 -10.36 39.29
CA ASP A 72 -14.96 -11.77 39.40
C ASP A 72 -14.22 -12.70 38.43
N GLU A 73 -13.77 -12.20 37.27
CA GLU A 73 -13.08 -13.05 36.28
C GLU A 73 -11.90 -13.82 36.90
N PHE A 74 -11.39 -13.30 38.03
CA PHE A 74 -10.13 -13.75 38.60
C PHE A 74 -10.33 -14.53 39.88
N ILE A 75 -11.55 -15.06 40.05
CA ILE A 75 -11.92 -15.80 41.25
C ILE A 75 -10.97 -16.99 41.46
N ASN A 76 -10.63 -17.70 40.38
CA ASN A 76 -9.78 -18.88 40.48
C ASN A 76 -8.84 -19.07 39.28
N VAL A 77 -7.71 -18.36 39.31
CA VAL A 77 -6.89 -18.20 38.12
C VAL A 77 -5.86 -19.30 37.89
N PRO A 78 -5.67 -19.67 36.60
CA PRO A 78 -4.65 -20.67 36.30
C PRO A 78 -3.23 -20.12 36.46
N GLU A 79 -2.29 -21.05 36.50
CA GLU A 79 -0.89 -20.74 36.61
C GLU A 79 -0.53 -19.78 35.48
N TRP A 80 0.29 -18.79 35.80
CA TRP A 80 0.59 -17.68 34.89
C TRP A 80 2.09 -17.51 34.69
N SER A 81 2.43 -16.78 33.63
CA SER A 81 3.81 -16.49 33.28
C SER A 81 4.18 -15.07 33.65
N TYR A 82 3.33 -14.11 33.38
CA TYR A 82 3.53 -12.78 33.93
C TYR A 82 2.17 -12.20 34.19
N ILE A 83 2.13 -11.19 35.05
CA ILE A 83 0.91 -10.49 35.34
C ILE A 83 0.94 -9.20 34.58
N VAL A 84 -0.18 -8.77 34.02
CA VAL A 84 -0.26 -7.48 33.33
C VAL A 84 -1.29 -6.60 34.02
N GLU A 85 -0.89 -5.40 34.38
CA GLU A 85 -1.73 -4.55 35.18
C GLU A 85 -1.72 -3.22 34.49
N LYS A 86 -2.88 -2.58 34.40
CA LYS A 86 -2.95 -1.27 33.76
C LYS A 86 -2.36 -0.21 34.70
N ALA A 87 -2.08 0.96 34.13
CA ALA A 87 -1.43 2.03 34.88
C ALA A 87 -2.35 2.50 35.96
N ASN A 88 -3.63 2.67 35.61
CA ASN A 88 -4.64 3.12 36.55
C ASN A 88 -5.91 2.30 36.49
N PRO A 89 -5.89 1.12 37.09
CA PRO A 89 -7.04 0.25 37.18
C PRO A 89 -8.25 0.97 37.75
N VAL A 90 -9.36 0.91 37.00
CA VAL A 90 -10.60 1.49 37.44
C VAL A 90 -11.11 0.78 38.66
N ASN A 91 -10.85 -0.53 38.74
CA ASN A 91 -11.38 -1.40 39.81
C ASN A 91 -10.33 -1.83 40.80
N ASP A 92 -10.23 -1.07 41.88
CA ASP A 92 -9.17 -1.22 42.85
C ASP A 92 -9.88 -1.36 44.18
N LEU A 93 -9.80 -0.35 45.07
CA LEU A 93 -10.47 -0.44 46.37
C LEU A 93 -11.87 0.22 46.35
N CYS A 94 -12.86 -0.51 45.85
CA CYS A 94 -14.22 0.05 45.70
C CYS A 94 -14.68 0.79 46.95
N TYR A 95 -14.51 0.17 48.13
CA TYR A 95 -14.61 0.88 49.41
C TYR A 95 -13.26 1.55 49.71
N PRO A 96 -13.26 2.88 49.76
CA PRO A 96 -12.00 3.56 49.83
C PRO A 96 -11.16 3.16 51.02
N GLY A 97 -9.86 3.31 50.90
CA GLY A 97 -9.00 2.89 51.96
C GLY A 97 -7.55 2.83 51.56
N ASP A 98 -6.88 1.80 52.06
CA ASP A 98 -5.44 1.72 52.04
C ASP A 98 -5.03 0.29 52.26
N PHE A 99 -3.89 -0.06 51.69
CA PHE A 99 -3.42 -1.44 51.68
C PHE A 99 -1.99 -1.47 52.17
N ASN A 100 -1.81 -2.07 53.34
CA ASN A 100 -0.54 -2.00 54.03
C ASN A 100 0.53 -2.78 53.28
N ASP A 101 1.73 -2.21 53.23
CA ASP A 101 2.88 -2.79 52.56
C ASP A 101 2.50 -3.34 51.19
N TYR A 102 1.69 -2.58 50.46
CA TYR A 102 1.15 -3.02 49.17
C TYR A 102 2.28 -3.29 48.16
N GLU A 103 3.29 -2.41 48.15
CA GLU A 103 4.36 -2.60 47.21
C GLU A 103 5.21 -3.80 47.62
N GLU A 104 5.43 -4.00 48.91
CA GLU A 104 6.25 -5.15 49.29
C GLU A 104 5.56 -6.46 48.90
N LEU A 105 4.22 -6.45 48.89
CA LEU A 105 3.46 -7.64 48.47
C LEU A 105 3.50 -7.82 46.97
N LYS A 106 3.40 -6.71 46.22
CA LYS A 106 3.49 -6.77 44.76
C LYS A 106 4.85 -7.32 44.38
N HIS A 107 5.85 -6.97 45.17
CA HIS A 107 7.19 -7.44 44.94
C HIS A 107 7.27 -8.94 45.12
N LEU A 108 6.63 -9.47 46.15
CA LEU A 108 6.56 -10.92 46.38
C LEU A 108 5.95 -11.66 45.22
N LEU A 109 4.89 -11.09 44.64
CA LEU A 109 4.21 -11.68 43.48
C LEU A 109 5.09 -11.76 42.29
N SER A 110 6.07 -10.88 42.17
CA SER A 110 7.00 -10.99 41.04
C SER A 110 7.73 -12.32 41.06
N ARG A 111 7.70 -13.03 42.19
CA ARG A 111 8.27 -14.38 42.28
C ARG A 111 7.26 -15.52 42.34
N ILE A 112 5.97 -15.25 42.15
CA ILE A 112 4.96 -16.30 42.26
C ILE A 112 4.24 -16.54 40.93
N ASN A 113 4.07 -17.82 40.60
CA ASN A 113 3.42 -18.21 39.34
C ASN A 113 2.05 -18.87 39.49
N HIS A 114 1.66 -19.27 40.71
CA HIS A 114 0.33 -19.85 40.93
C HIS A 114 -0.10 -19.84 42.40
N PHE A 115 -1.28 -19.25 42.63
CA PHE A 115 -2.00 -19.39 43.89
C PHE A 115 -3.08 -20.47 43.73
N GLU A 116 -3.34 -21.22 44.79
CA GLU A 116 -4.61 -21.94 44.93
C GLU A 116 -5.39 -21.38 46.12
N LYS A 117 -6.58 -20.85 45.82
CA LYS A 117 -7.41 -20.18 46.80
C LYS A 117 -8.10 -21.23 47.66
N ILE A 118 -7.97 -21.13 48.98
CA ILE A 118 -8.71 -22.02 49.89
C ILE A 118 -9.53 -21.22 50.90
N GLN A 119 -10.59 -21.83 51.42
CA GLN A 119 -11.39 -21.24 52.47
C GLN A 119 -10.78 -21.64 53.80
N ILE A 120 -10.48 -20.68 54.64
CA ILE A 120 -9.83 -20.99 55.90
C ILE A 120 -10.69 -20.65 57.12
N ILE A 121 -11.59 -19.68 57.00
CA ILE A 121 -12.60 -19.39 58.02
C ILE A 121 -13.93 -19.30 57.29
N PRO A 122 -14.77 -20.36 57.40
CA PRO A 122 -16.00 -20.24 56.63
C PRO A 122 -16.93 -19.11 57.11
N LYS A 123 -17.59 -18.45 56.15
CA LYS A 123 -18.52 -17.37 56.44
C LYS A 123 -19.70 -17.83 57.29
N SER A 124 -20.16 -19.04 57.03
CA SER A 124 -21.28 -19.62 57.75
C SER A 124 -20.97 -19.88 59.22
N SER A 125 -19.69 -19.91 59.60
CA SER A 125 -19.31 -20.28 60.95
C SER A 125 -19.43 -19.16 61.98
N TRP A 126 -19.87 -17.97 61.60
CA TRP A 126 -19.94 -16.84 62.53
C TRP A 126 -21.30 -16.80 63.22
N SER A 127 -21.42 -17.50 64.34
CA SER A 127 -22.74 -17.70 64.96
C SER A 127 -23.21 -16.44 65.71
N SER A 128 -22.36 -15.91 66.59
CA SER A 128 -22.72 -14.72 67.40
C SER A 128 -22.37 -13.35 66.79
N HIS A 129 -22.15 -13.30 65.47
CA HIS A 129 -22.00 -12.04 64.74
C HIS A 129 -22.72 -12.15 63.41
N GLU A 130 -23.29 -11.05 62.96
CA GLU A 130 -23.93 -11.01 61.65
C GLU A 130 -22.82 -10.97 60.62
N ALA A 131 -22.89 -11.88 59.66
CA ALA A 131 -21.88 -12.00 58.61
C ALA A 131 -22.36 -11.59 57.22
N SER A 132 -23.68 -11.51 57.02
CA SER A 132 -24.23 -11.19 55.70
C SER A 132 -24.66 -9.75 55.53
N LEU A 133 -24.42 -8.90 56.54
CA LEU A 133 -24.89 -7.51 56.49
C LEU A 133 -23.78 -6.53 56.19
N GLY A 134 -22.60 -7.05 55.84
CA GLY A 134 -21.38 -6.26 55.72
C GLY A 134 -21.14 -5.81 54.29
N VAL A 135 -21.94 -4.86 53.85
CA VAL A 135 -22.13 -4.62 52.43
C VAL A 135 -22.21 -3.11 52.19
N SER A 136 -22.02 -2.66 50.96
CA SER A 136 -21.92 -1.23 50.72
C SER A 136 -22.24 -0.82 49.30
N SER A 137 -22.89 0.34 49.17
CA SER A 137 -23.18 0.91 47.87
C SER A 137 -21.88 1.24 47.12
N ALA A 138 -20.79 1.48 47.84
CA ALA A 138 -19.49 1.69 47.20
C ALA A 138 -18.99 0.47 46.43
N CYS A 139 -19.52 -0.72 46.71
CA CYS A 139 -19.09 -1.93 46.02
C CYS A 139 -20.28 -2.66 45.36
N PRO A 140 -20.87 -2.04 44.31
CA PRO A 140 -21.99 -2.69 43.61
C PRO A 140 -21.55 -3.91 42.82
N TYR A 141 -22.33 -4.98 42.87
CA TYR A 141 -22.11 -6.12 41.98
C TYR A 141 -23.06 -6.03 40.80
N GLN A 142 -24.36 -6.06 41.06
CA GLN A 142 -25.30 -5.76 39.97
C GLN A 142 -26.65 -5.29 40.52
N GLY A 143 -26.67 -4.02 40.91
CA GLY A 143 -27.76 -3.45 41.70
C GLY A 143 -27.43 -3.73 43.16
N LYS A 144 -28.03 -4.79 43.71
CA LYS A 144 -27.67 -5.27 45.03
C LYS A 144 -26.20 -4.89 45.36
N SER A 145 -26.06 -3.92 46.25
CA SER A 145 -24.78 -3.44 46.68
C SER A 145 -24.06 -4.51 47.52
N SER A 146 -22.74 -4.66 47.33
CA SER A 146 -21.97 -5.86 47.77
C SER A 146 -20.73 -5.57 48.58
N PHE A 147 -19.69 -6.41 48.44
CA PHE A 147 -18.41 -6.21 49.13
C PHE A 147 -17.27 -7.12 48.61
N PHE A 148 -16.03 -6.77 48.97
CA PHE A 148 -14.89 -7.64 48.72
C PHE A 148 -15.31 -9.06 49.05
N ARG A 149 -15.14 -9.96 48.10
CA ARG A 149 -15.56 -11.34 48.23
C ARG A 149 -14.69 -12.22 49.12
N ASN A 150 -13.44 -11.87 49.32
CA ASN A 150 -12.53 -12.77 50.02
C ASN A 150 -12.40 -12.49 51.50
N VAL A 151 -13.07 -11.44 51.96
CA VAL A 151 -13.08 -11.10 53.38
C VAL A 151 -14.50 -10.68 53.80
N VAL A 152 -14.85 -10.92 55.05
CA VAL A 152 -16.20 -10.64 55.53
C VAL A 152 -16.24 -9.37 56.40
N TRP A 153 -17.17 -8.48 56.13
CA TRP A 153 -17.36 -7.32 56.99
C TRP A 153 -18.32 -7.66 58.14
N LEU A 154 -17.77 -8.16 59.25
CA LEU A 154 -18.59 -8.63 60.38
C LEU A 154 -19.23 -7.48 61.17
N ILE A 155 -20.40 -7.73 61.73
CA ILE A 155 -21.24 -6.67 62.31
C ILE A 155 -22.04 -7.20 63.51
N LYS A 156 -22.55 -6.29 64.33
CA LYS A 156 -23.19 -6.67 65.61
C LYS A 156 -24.46 -7.51 65.42
N LYS A 157 -24.62 -8.54 66.25
CA LYS A 157 -25.81 -9.41 66.22
C LYS A 157 -26.65 -9.25 67.48
N ASN A 158 -27.97 -9.24 67.30
CA ASN A 158 -28.88 -8.79 68.35
C ASN A 158 -28.33 -7.38 68.57
N SER A 159 -28.24 -6.88 69.80
CA SER A 159 -27.61 -5.54 69.93
C SER A 159 -26.08 -5.49 70.15
N THR A 160 -25.40 -6.64 70.05
CA THR A 160 -24.07 -6.81 70.65
C THR A 160 -22.99 -7.46 69.74
N TYR A 161 -21.75 -7.36 70.20
CA TYR A 161 -20.55 -7.85 69.48
C TYR A 161 -19.57 -8.53 70.44
N PRO A 162 -19.79 -9.83 70.74
CA PRO A 162 -18.92 -10.54 71.66
C PRO A 162 -17.49 -10.52 71.15
N THR A 163 -16.53 -10.59 72.07
CA THR A 163 -15.13 -10.69 71.68
C THR A 163 -14.93 -11.98 70.87
N ILE A 164 -14.44 -11.80 69.64
CA ILE A 164 -14.03 -12.87 68.73
C ILE A 164 -12.64 -13.33 69.12
N LYS A 165 -12.43 -14.65 69.16
CA LYS A 165 -11.12 -15.28 69.41
C LYS A 165 -11.07 -16.46 68.47
N ARG A 166 -10.53 -16.27 67.27
CA ARG A 166 -10.50 -17.29 66.21
C ARG A 166 -9.07 -17.51 65.72
N SER A 167 -8.76 -18.75 65.34
CA SER A 167 -7.45 -19.01 64.78
C SER A 167 -7.36 -20.16 63.76
N TYR A 168 -6.51 -19.94 62.74
CA TYR A 168 -6.29 -20.91 61.68
C TYR A 168 -4.87 -21.42 61.73
N ASN A 169 -4.72 -22.71 61.52
CA ASN A 169 -3.42 -23.38 61.57
C ASN A 169 -3.11 -23.86 60.16
N ASN A 170 -1.88 -23.69 59.71
CA ASN A 170 -1.54 -23.98 58.35
C ASN A 170 -1.11 -25.42 58.23
N THR A 171 -2.09 -26.30 58.19
CA THR A 171 -1.85 -27.74 58.07
C THR A 171 -1.38 -28.13 56.67
N ASN A 172 -1.42 -27.17 55.73
CA ASN A 172 -0.88 -27.35 54.37
C ASN A 172 0.66 -27.46 54.32
N GLN A 173 1.19 -27.67 53.12
CA GLN A 173 2.64 -27.83 52.93
C GLN A 173 3.32 -26.58 52.40
N GLU A 174 2.54 -25.58 51.98
CA GLU A 174 3.10 -24.42 51.32
C GLU A 174 2.75 -23.11 52.05
N ASP A 175 3.59 -22.08 51.89
CA ASP A 175 3.31 -20.78 52.48
C ASP A 175 1.90 -20.28 52.08
N LEU A 176 1.27 -19.55 53.00
CA LEU A 176 -0.12 -19.11 52.81
C LEU A 176 -0.22 -17.57 52.92
N LEU A 177 -0.79 -16.93 51.90
CA LEU A 177 -0.99 -15.50 51.96
C LEU A 177 -2.33 -15.20 52.63
N VAL A 178 -2.29 -14.63 53.82
CA VAL A 178 -3.50 -14.33 54.53
C VAL A 178 -3.69 -12.83 54.50
N LEU A 179 -4.93 -12.42 54.20
CA LEU A 179 -5.37 -11.03 54.13
C LEU A 179 -6.49 -10.78 55.18
N TRP A 180 -6.51 -9.58 55.76
CA TRP A 180 -7.59 -9.17 56.64
C TRP A 180 -7.63 -7.65 56.65
N GLY A 181 -8.56 -7.06 57.39
CA GLY A 181 -8.71 -5.59 57.40
C GLY A 181 -9.34 -4.99 58.67
N ILE A 182 -9.31 -3.65 58.72
CA ILE A 182 -9.94 -2.89 59.81
C ILE A 182 -10.86 -1.81 59.24
N HIS A 183 -11.98 -1.54 59.92
CA HIS A 183 -12.86 -0.46 59.49
C HIS A 183 -12.60 0.81 60.32
N HIS A 184 -12.29 1.89 59.63
CA HIS A 184 -12.16 3.20 60.24
C HIS A 184 -13.43 4.00 59.96
N PRO A 185 -14.31 4.21 60.97
CA PRO A 185 -15.59 4.87 60.69
C PRO A 185 -15.55 6.40 60.68
N ASN A 186 -16.65 7.02 60.29
CA ASN A 186 -16.75 8.50 60.28
C ASN A 186 -16.79 9.11 61.65
N ASP A 187 -17.55 8.50 62.55
CA ASP A 187 -17.80 9.06 63.88
C ASP A 187 -18.23 8.01 64.90
N ALA A 188 -18.28 8.43 66.17
CA ALA A 188 -18.65 7.54 67.28
C ALA A 188 -20.05 6.95 67.08
N ALA A 189 -20.94 7.73 66.47
CA ALA A 189 -22.30 7.28 66.18
C ALA A 189 -22.26 6.00 65.34
N GLU A 190 -21.56 6.05 64.21
CA GLU A 190 -21.48 4.92 63.32
C GLU A 190 -20.74 3.77 63.96
N GLN A 191 -19.76 4.09 64.80
CA GLN A 191 -18.99 3.03 65.48
C GLN A 191 -19.94 2.19 66.32
N THR A 192 -20.77 2.85 67.11
CA THR A 192 -21.66 2.13 68.01
C THR A 192 -22.84 1.51 67.24
N LYS A 193 -23.41 2.27 66.32
CA LYS A 193 -24.39 1.73 65.39
C LYS A 193 -24.02 0.37 64.81
N LEU A 194 -22.76 0.19 64.39
CA LEU A 194 -22.39 -1.06 63.71
C LEU A 194 -21.78 -2.10 64.63
N TYR A 195 -21.20 -1.69 65.74
CA TYR A 195 -20.43 -2.63 66.57
C TYR A 195 -20.72 -2.53 68.06
N GLN A 196 -21.63 -1.61 68.44
CA GLN A 196 -21.95 -1.29 69.83
C GLN A 196 -20.78 -0.83 70.69
N ASN A 197 -19.72 -1.65 70.71
CA ASN A 197 -18.58 -1.41 71.57
C ASN A 197 -17.87 -0.13 71.11
N PRO A 198 -17.66 0.84 72.03
CA PRO A 198 -17.14 2.14 71.56
C PRO A 198 -15.61 2.20 71.39
N THR A 199 -14.88 1.36 72.10
CA THR A 199 -13.43 1.35 72.10
C THR A 199 -12.97 -0.07 71.68
N THR A 200 -12.50 -0.18 70.45
CA THR A 200 -12.19 -1.49 69.85
C THR A 200 -10.73 -1.63 69.32
N TYR A 201 -10.43 -2.83 68.84
CA TYR A 201 -9.08 -3.23 68.47
C TYR A 201 -9.18 -4.58 67.75
N ILE A 202 -8.20 -4.88 66.90
CA ILE A 202 -8.01 -6.23 66.32
C ILE A 202 -6.57 -6.60 66.57
N SER A 203 -6.35 -7.71 67.26
CA SER A 203 -5.02 -8.17 67.52
C SER A 203 -4.82 -9.46 66.73
N VAL A 204 -3.63 -9.59 66.10
CA VAL A 204 -3.30 -10.70 65.21
C VAL A 204 -1.91 -11.17 65.54
N GLY A 205 -1.72 -12.49 65.66
CA GLY A 205 -0.44 -13.03 66.09
C GLY A 205 -0.01 -14.30 65.38
N THR A 206 1.28 -14.42 65.13
CA THR A 206 1.87 -15.60 64.53
C THR A 206 3.14 -15.93 65.31
N SER A 207 3.97 -16.85 64.80
CA SER A 207 5.31 -16.99 65.35
C SER A 207 6.14 -15.72 65.16
N THR A 208 5.75 -14.89 64.20
CA THR A 208 6.49 -13.65 63.94
C THR A 208 5.68 -12.38 64.07
N LEU A 209 4.37 -12.44 63.85
CA LEU A 209 3.54 -11.23 63.87
C LEU A 209 3.03 -10.93 65.29
N ASN A 210 3.03 -9.64 65.64
CA ASN A 210 2.55 -9.15 66.94
C ASN A 210 1.80 -7.82 66.73
N GLN A 211 0.66 -7.90 66.07
CA GLN A 211 -0.13 -6.72 65.70
C GLN A 211 -1.34 -6.48 66.61
N ARG A 212 -1.50 -5.22 67.05
CA ARG A 212 -2.76 -4.74 67.68
C ARG A 212 -3.27 -3.49 66.95
N LEU A 213 -4.25 -3.68 66.08
CA LEU A 213 -4.80 -2.58 65.27
C LEU A 213 -5.93 -1.89 66.03
N VAL A 214 -6.05 -0.59 65.86
CA VAL A 214 -7.05 0.20 66.55
C VAL A 214 -7.77 1.10 65.57
N PRO A 215 -9.10 1.02 65.47
CA PRO A 215 -9.77 1.89 64.52
C PRO A 215 -9.51 3.35 64.83
N ARG A 216 -9.51 4.15 63.79
CA ARG A 216 -9.09 5.53 63.85
C ARG A 216 -10.23 6.36 63.30
N ILE A 217 -10.76 7.26 64.11
CA ILE A 217 -11.83 8.14 63.64
C ILE A 217 -11.27 9.50 63.20
N ALA A 218 -11.88 10.02 62.13
CA ALA A 218 -11.46 11.24 61.46
C ALA A 218 -12.54 11.58 60.43
N THR A 219 -12.66 12.86 60.11
CA THR A 219 -13.73 13.33 59.25
C THR A 219 -13.10 13.45 57.89
N ARG A 220 -13.64 12.75 56.89
CA ARG A 220 -12.97 12.61 55.60
C ARG A 220 -13.91 12.86 54.43
N SER A 221 -13.36 13.31 53.30
CA SER A 221 -14.13 13.52 52.08
C SER A 221 -14.72 12.21 51.60
N LYS A 222 -15.87 12.27 50.97
CA LYS A 222 -16.48 11.05 50.47
C LYS A 222 -15.65 10.60 49.28
N VAL A 223 -15.45 9.29 49.18
CA VAL A 223 -14.80 8.69 48.02
C VAL A 223 -15.62 7.45 47.66
N ASN A 224 -16.05 7.39 46.41
CA ASN A 224 -17.10 6.43 46.00
C ASN A 224 -18.26 6.51 47.01
N GLY A 225 -18.60 7.74 47.39
CA GLY A 225 -19.70 8.02 48.31
C GLY A 225 -19.49 7.70 49.77
N GLN A 226 -18.33 7.16 50.15
CA GLN A 226 -18.07 6.82 51.55
C GLN A 226 -16.99 7.68 52.22
N SER A 227 -17.30 8.20 53.41
CA SER A 227 -16.28 8.89 54.23
C SER A 227 -15.56 7.96 55.20
N GLY A 228 -16.04 6.74 55.36
CA GLY A 228 -15.32 5.77 56.17
C GLY A 228 -14.18 5.20 55.37
N ARG A 229 -13.28 4.48 56.02
CA ARG A 229 -12.13 3.88 55.34
C ARG A 229 -11.88 2.46 55.80
N MET A 230 -11.30 1.69 54.90
CA MET A 230 -11.01 0.30 55.13
C MET A 230 -9.49 0.17 54.91
N GLU A 231 -8.78 -0.49 55.83
CA GLU A 231 -7.31 -0.60 55.75
C GLU A 231 -6.91 -2.03 55.82
N PHE A 232 -6.30 -2.54 54.76
CA PHE A 232 -6.09 -3.98 54.72
C PHE A 232 -4.68 -4.35 55.11
N PHE A 233 -4.52 -5.54 55.64
CA PHE A 233 -3.22 -6.01 56.11
C PHE A 233 -2.98 -7.41 55.63
N TRP A 234 -1.76 -7.93 55.77
CA TRP A 234 -1.45 -9.27 55.25
C TRP A 234 -0.24 -9.89 55.91
N THR A 235 -0.10 -11.19 55.72
CA THR A 235 1.07 -11.87 56.19
C THR A 235 1.24 -13.16 55.41
N ILE A 236 2.45 -13.71 55.46
CA ILE A 236 2.74 -15.01 54.88
C ILE A 236 2.86 -15.95 56.05
N LEU A 237 1.97 -16.94 56.13
CA LEU A 237 1.85 -17.80 57.30
C LEU A 237 2.51 -19.09 56.95
N LYS A 238 3.65 -19.37 57.58
CA LYS A 238 4.49 -20.50 57.20
C LYS A 238 3.75 -21.80 57.42
N PRO A 239 4.15 -22.87 56.72
CA PRO A 239 3.53 -24.15 57.01
C PRO A 239 3.76 -24.56 58.46
N ASN A 240 2.71 -25.09 59.08
CA ASN A 240 2.72 -25.57 60.47
C ASN A 240 2.57 -24.46 61.53
N ASP A 241 2.28 -23.24 61.09
CA ASP A 241 2.14 -22.11 61.99
C ASP A 241 0.69 -21.70 61.97
N ALA A 242 0.25 -20.92 62.96
CA ALA A 242 -1.13 -20.47 63.00
C ALA A 242 -1.19 -18.99 63.18
N ILE A 243 -2.33 -18.43 62.78
CA ILE A 243 -2.59 -17.01 62.92
C ILE A 243 -3.79 -16.94 63.86
N ASN A 244 -3.68 -16.11 64.88
CA ASN A 244 -4.70 -16.00 65.94
C ASN A 244 -5.25 -14.59 65.94
N PHE A 245 -6.52 -14.44 65.61
CA PHE A 245 -7.17 -13.13 65.68
C PHE A 245 -7.91 -12.99 67.00
N GLU A 246 -8.03 -11.75 67.45
CA GLU A 246 -8.93 -11.43 68.52
C GLU A 246 -9.51 -10.03 68.26
N SER A 247 -10.81 -9.87 68.47
CA SER A 247 -11.43 -8.59 68.20
C SER A 247 -12.78 -8.35 68.85
N ASN A 248 -13.15 -7.09 68.79
CA ASN A 248 -14.05 -6.47 69.71
C ASN A 248 -14.87 -5.49 68.88
N GLY A 249 -14.63 -5.45 67.57
CA GLY A 249 -15.21 -4.44 66.67
C GLY A 249 -14.32 -4.08 65.48
N ASN A 250 -14.93 -3.63 64.39
CA ASN A 250 -14.22 -3.13 63.19
C ASN A 250 -13.36 -4.15 62.45
N PHE A 251 -13.52 -5.41 62.74
CA PHE A 251 -12.76 -6.48 62.12
C PHE A 251 -13.36 -6.84 60.76
N ILE A 252 -12.50 -6.94 59.76
CA ILE A 252 -12.88 -7.47 58.46
C ILE A 252 -12.11 -8.79 58.32
N ALA A 253 -12.81 -9.90 58.51
CA ALA A 253 -12.17 -11.20 58.71
C ALA A 253 -11.86 -11.91 57.39
N PRO A 254 -10.82 -12.76 57.38
CA PRO A 254 -10.57 -13.55 56.20
C PRO A 254 -11.67 -14.55 55.99
N GLU A 255 -12.05 -14.82 54.74
CA GLU A 255 -12.79 -16.05 54.42
C GLU A 255 -11.89 -16.97 53.59
N TYR A 256 -11.37 -16.41 52.50
CA TYR A 256 -10.47 -17.14 51.61
C TYR A 256 -9.02 -16.63 51.78
N ALA A 257 -8.07 -17.53 51.61
CA ALA A 257 -6.66 -17.16 51.58
C ALA A 257 -5.96 -17.96 50.45
N TYR A 258 -4.72 -17.62 50.16
CA TYR A 258 -4.04 -18.15 48.99
C TYR A 258 -2.83 -19.00 49.33
N LYS A 259 -2.86 -20.27 48.92
CA LYS A 259 -1.66 -21.11 48.96
C LYS A 259 -0.73 -20.72 47.81
N ILE A 260 0.55 -20.55 48.12
CA ILE A 260 1.55 -20.24 47.10
C ILE A 260 2.06 -21.55 46.53
N VAL A 261 1.43 -21.98 45.44
CA VAL A 261 1.59 -23.31 44.90
C VAL A 261 2.87 -23.45 44.09
N LYS A 262 3.19 -22.43 43.30
CA LYS A 262 4.50 -22.42 42.68
C LYS A 262 5.12 -21.05 42.52
N LYS A 263 6.44 -21.05 42.72
CA LYS A 263 7.30 -19.89 42.72
C LYS A 263 8.16 -19.96 41.47
N GLY A 264 8.56 -18.80 40.93
CA GLY A 264 9.38 -18.78 39.71
C GLY A 264 9.58 -17.39 39.20
N ASP A 265 10.14 -17.26 38.00
CA ASP A 265 10.32 -15.93 37.40
C ASP A 265 8.95 -15.41 36.96
N SER A 266 8.60 -14.21 37.41
CA SER A 266 7.55 -13.45 36.77
C SER A 266 7.71 -11.96 37.07
N THR A 267 6.76 -11.17 36.61
CA THR A 267 6.86 -9.74 36.73
C THR A 267 5.44 -9.18 36.66
N ILE A 268 5.28 -7.95 37.12
CA ILE A 268 4.05 -7.24 36.91
C ILE A 268 4.32 -6.19 35.84
N MET A 269 3.96 -6.52 34.62
CA MET A 269 4.07 -5.57 33.54
C MET A 269 2.98 -4.53 33.63
N LYS A 270 3.35 -3.31 33.29
CA LYS A 270 2.41 -2.24 33.17
C LYS A 270 2.23 -2.04 31.67
N SER A 271 1.02 -2.38 31.21
CA SER A 271 0.64 -2.18 29.82
C SER A 271 -0.85 -1.95 29.70
N GLU A 272 -1.27 -1.05 28.82
CA GLU A 272 -2.69 -0.89 28.51
C GLU A 272 -3.21 -1.95 27.51
N LEU A 273 -2.31 -2.65 26.83
CA LEU A 273 -2.69 -3.63 25.84
C LEU A 273 -3.39 -4.86 26.42
N GLU A 274 -3.93 -5.66 25.49
CA GLU A 274 -4.74 -6.86 25.77
C GLU A 274 -4.10 -8.14 25.25
N TYR A 275 -4.67 -9.28 25.64
CA TYR A 275 -4.17 -10.58 25.19
C TYR A 275 -4.21 -10.71 23.66
N GLY A 276 -3.09 -11.13 23.07
CA GLY A 276 -2.92 -11.17 21.61
C GLY A 276 -3.07 -12.54 20.95
N ASN A 277 -3.44 -13.56 21.72
CA ASN A 277 -3.66 -14.92 21.20
C ASN A 277 -2.46 -15.41 20.40
N CYS A 278 -1.30 -15.32 21.01
CA CYS A 278 -0.04 -15.55 20.33
C CYS A 278 0.98 -16.07 21.33
N ASN A 279 2.18 -16.34 20.87
CA ASN A 279 3.22 -16.92 21.72
C ASN A 279 4.58 -16.27 21.42
N THR A 280 5.42 -16.12 22.45
CA THR A 280 6.84 -15.76 22.28
C THR A 280 7.71 -16.31 23.36
N LYS A 281 9.00 -16.23 23.08
CA LYS A 281 10.05 -16.41 24.06
C LYS A 281 10.50 -15.10 24.73
N CYS A 282 10.06 -13.93 24.24
CA CYS A 282 10.44 -12.59 24.76
C CYS A 282 9.31 -11.56 24.66
N GLN A 283 8.91 -10.96 25.78
CA GLN A 283 7.78 -10.05 25.83
C GLN A 283 8.14 -8.65 26.42
N THR A 284 7.52 -7.63 25.85
CA THR A 284 7.69 -6.23 26.16
C THR A 284 6.30 -5.64 26.44
N PRO A 285 6.20 -4.63 27.31
CA PRO A 285 4.93 -3.97 27.58
C PRO A 285 4.24 -3.44 26.34
N MET A 286 5.01 -3.25 25.27
CA MET A 286 4.45 -2.82 23.99
C MET A 286 4.24 -3.94 22.98
N GLY A 287 4.70 -5.16 23.27
CA GLY A 287 4.60 -6.26 22.32
C GLY A 287 5.74 -7.28 22.33
N ALA A 288 5.52 -8.40 21.66
CA ALA A 288 6.47 -9.49 21.71
C ALA A 288 7.62 -9.20 20.74
N ILE A 289 8.79 -9.78 21.03
CA ILE A 289 9.96 -9.70 20.17
C ILE A 289 10.28 -11.09 19.69
N ASN A 290 10.56 -11.21 18.40
CA ASN A 290 10.85 -12.46 17.76
C ASN A 290 12.15 -12.29 16.98
N SER A 291 13.28 -12.53 17.64
CA SER A 291 14.56 -12.12 17.10
C SER A 291 15.70 -12.96 17.65
N SER A 292 16.70 -13.22 16.82
CA SER A 292 18.00 -13.75 17.28
C SER A 292 19.00 -12.64 17.63
N MET A 293 18.67 -11.37 17.36
CA MET A 293 19.65 -10.30 17.45
C MET A 293 20.14 -10.16 18.87
N PRO A 294 21.39 -9.71 19.07
CA PRO A 294 21.89 -9.42 20.41
C PRO A 294 21.28 -8.20 21.10
N PHE A 295 20.86 -7.18 20.34
CA PHE A 295 20.27 -5.96 20.90
C PHE A 295 18.87 -5.71 20.38
N HIS A 296 18.10 -4.96 21.16
CA HIS A 296 16.86 -4.35 20.70
C HIS A 296 16.69 -2.97 21.40
N ASN A 297 15.78 -2.14 20.89
CA ASN A 297 15.55 -0.80 21.40
C ASN A 297 14.07 -0.56 21.64
N ILE A 298 13.33 -1.61 21.88
CA ILE A 298 11.91 -1.51 22.05
C ILE A 298 11.53 -0.89 23.40
N HIS A 299 11.93 -1.52 24.51
CA HIS A 299 11.53 -1.11 25.84
C HIS A 299 12.33 -1.88 26.86
N PRO A 300 12.77 -1.24 27.94
CA PRO A 300 13.74 -1.95 28.78
C PRO A 300 13.17 -3.02 29.70
N LEU A 301 11.87 -3.02 29.92
CA LEU A 301 11.30 -3.90 30.91
C LEU A 301 10.72 -5.10 30.19
N THR A 302 11.52 -6.14 29.99
CA THR A 302 11.07 -7.29 29.24
C THR A 302 11.04 -8.49 30.16
N ILE A 303 10.43 -9.59 29.74
CA ILE A 303 10.56 -10.86 30.41
C ILE A 303 10.77 -11.93 29.34
N GLY A 304 11.44 -13.01 29.70
CA GLY A 304 11.73 -14.08 28.77
C GLY A 304 13.17 -14.04 28.31
N GLU A 305 13.45 -14.68 27.19
CA GLU A 305 14.81 -14.84 26.69
C GLU A 305 15.05 -13.78 25.67
N CYS A 306 15.51 -12.60 26.09
CA CYS A 306 15.48 -11.41 25.22
C CYS A 306 16.84 -10.92 24.79
N PRO A 307 16.89 -10.07 23.75
CA PRO A 307 18.12 -9.35 23.54
C PRO A 307 18.30 -8.26 24.59
N LYS A 308 19.41 -7.54 24.50
CA LYS A 308 19.77 -6.59 25.52
C LYS A 308 19.33 -5.21 25.02
N TYR A 309 18.68 -4.44 25.90
CA TYR A 309 18.05 -3.16 25.48
C TYR A 309 19.05 -2.07 25.40
N VAL A 310 18.97 -1.27 24.34
CA VAL A 310 19.75 -0.05 24.27
C VAL A 310 18.88 1.11 23.75
N LYS A 311 19.27 2.33 24.09
CA LYS A 311 18.57 3.51 23.60
C LYS A 311 18.86 3.78 22.11
N SER A 312 19.74 3.05 21.46
CA SER A 312 20.18 3.41 20.12
C SER A 312 19.09 3.26 19.08
N ASN A 313 19.15 4.09 18.05
CA ASN A 313 18.32 3.96 16.87
C ASN A 313 18.96 3.06 15.84
N ARG A 314 20.25 2.82 15.97
CA ARG A 314 20.98 2.19 14.88
C ARG A 314 22.30 1.59 15.37
N LEU A 315 22.51 0.32 15.03
CA LEU A 315 23.77 -0.35 15.30
C LEU A 315 24.13 -1.36 14.20
N VAL A 316 25.15 -1.07 13.41
CA VAL A 316 25.50 -1.92 12.30
C VAL A 316 27.00 -2.06 12.26
N LEU A 317 27.46 -3.31 12.31
CA LEU A 317 28.87 -3.67 12.16
C LEU A 317 29.29 -3.80 10.74
N ALA A 318 30.49 -3.39 10.43
CA ALA A 318 31.08 -3.64 9.12
C ALA A 318 31.49 -5.07 9.16
N THR A 319 31.34 -5.79 8.06
CA THR A 319 31.97 -7.10 7.89
C THR A 319 32.84 -7.07 6.63
N GLY A 320 32.32 -6.49 5.57
CA GLY A 320 33.05 -6.35 4.33
C GLY A 320 33.91 -5.12 4.35
N LEU A 321 34.25 -4.61 3.20
CA LEU A 321 35.27 -3.61 3.10
C LEU A 321 34.69 -2.42 2.41
N ARG A 322 35.46 -1.35 2.31
CA ARG A 322 34.90 -0.08 1.83
C ARG A 322 34.54 -0.22 0.37
N ASN A 323 33.30 0.13 0.02
CA ASN A 323 32.73 -0.14 -1.32
C ASN A 323 32.95 1.02 -2.28
N SER A 324 33.46 0.71 -3.46
CA SER A 324 33.98 1.71 -4.42
C SER A 324 32.99 2.84 -4.89
N PRO A 325 33.47 3.83 -5.66
CA PRO A 325 32.92 5.21 -5.57
C PRO A 325 31.41 5.32 -5.79
N GLY B 1 42.79 5.05 3.52
CA GLY B 1 42.90 4.09 4.62
C GLY B 1 44.27 4.04 5.25
N LEU B 2 44.32 3.63 6.51
CA LEU B 2 45.57 3.54 7.22
C LEU B 2 46.64 2.80 6.43
N PHE B 3 46.27 1.86 5.58
CA PHE B 3 47.30 1.10 4.91
C PHE B 3 47.50 1.49 3.46
N GLY B 4 46.70 2.41 2.95
CA GLY B 4 46.99 3.06 1.69
C GLY B 4 46.75 2.20 0.49
N ALA B 5 46.03 1.09 0.64
CA ALA B 5 45.86 0.16 -0.48
C ALA B 5 44.49 0.27 -1.13
N ILE B 6 43.43 0.02 -0.35
CA ILE B 6 42.04 0.16 -0.80
C ILE B 6 41.69 1.66 -0.98
N ALA B 7 41.20 2.04 -2.16
CA ALA B 7 40.99 3.42 -2.50
C ALA B 7 42.26 4.20 -2.20
N GLY B 8 43.42 3.62 -2.52
CA GLY B 8 44.68 4.34 -2.46
C GLY B 8 45.47 4.05 -3.70
N PHE B 9 46.57 3.34 -3.57
CA PHE B 9 47.42 3.10 -4.73
C PHE B 9 46.77 2.13 -5.67
N ILE B 10 45.90 1.28 -5.12
CA ILE B 10 44.88 0.56 -5.91
C ILE B 10 43.59 1.40 -5.90
N GLU B 11 43.30 2.09 -6.99
CA GLU B 11 42.20 3.08 -6.93
C GLU B 11 41.02 2.29 -7.34
N GLY B 12 40.03 2.21 -6.45
CA GLY B 12 38.87 1.38 -6.74
C GLY B 12 39.05 -0.10 -6.90
N GLY B 13 37.96 -0.83 -6.61
CA GLY B 13 37.88 -2.29 -6.56
C GLY B 13 37.23 -2.95 -7.77
N TRP B 14 37.13 -4.30 -7.76
CA TRP B 14 36.70 -5.10 -8.93
C TRP B 14 35.32 -5.76 -8.75
N GLN B 15 34.34 -5.21 -9.48
CA GLN B 15 32.99 -5.74 -9.55
C GLN B 15 33.06 -7.16 -10.06
N GLY B 16 34.12 -7.46 -10.81
CA GLY B 16 34.22 -8.71 -11.53
C GLY B 16 35.01 -9.82 -10.88
N MET B 17 35.39 -9.63 -9.62
CA MET B 17 35.95 -10.70 -8.83
C MET B 17 34.98 -10.99 -7.76
N VAL B 18 34.22 -12.04 -7.97
CA VAL B 18 33.01 -12.28 -7.20
C VAL B 18 33.18 -13.30 -6.11
N ASP B 19 34.21 -14.12 -6.18
CA ASP B 19 34.36 -15.26 -5.28
C ASP B 19 35.30 -15.08 -4.09
N GLY B 20 35.51 -13.84 -3.67
CA GLY B 20 36.37 -13.58 -2.53
C GLY B 20 36.47 -12.09 -2.35
N TRP B 21 37.16 -11.66 -1.31
CA TRP B 21 37.35 -10.23 -1.01
C TRP B 21 38.61 -9.66 -1.63
N TYR B 22 39.63 -10.49 -1.78
CA TYR B 22 40.91 -10.04 -2.34
C TYR B 22 41.35 -11.07 -3.38
N GLY B 23 42.09 -10.63 -4.39
CA GLY B 23 42.50 -11.55 -5.41
C GLY B 23 43.30 -10.96 -6.53
N TYR B 24 43.26 -11.59 -7.70
CA TYR B 24 44.19 -11.27 -8.74
C TYR B 24 43.49 -11.06 -10.05
N HIS B 25 44.04 -10.19 -10.88
CA HIS B 25 43.66 -10.14 -12.27
C HIS B 25 44.90 -10.36 -13.10
N HIS B 26 44.86 -11.26 -14.08
CA HIS B 26 46.04 -11.54 -14.88
C HIS B 26 45.79 -11.34 -16.35
N SER B 27 46.86 -11.19 -17.11
CA SER B 27 46.74 -10.92 -18.52
C SER B 27 47.96 -11.41 -19.26
N ASN B 28 47.76 -12.37 -20.16
CA ASN B 28 48.84 -12.95 -20.93
C ASN B 28 48.40 -13.43 -22.33
N GLU B 29 49.32 -13.99 -23.09
CA GLU B 29 49.02 -14.45 -24.45
C GLU B 29 47.69 -15.25 -24.55
N GLN B 30 47.46 -16.17 -23.62
CA GLN B 30 46.24 -16.99 -23.59
C GLN B 30 44.98 -16.26 -23.08
N GLY B 31 45.07 -14.96 -22.79
CA GLY B 31 43.93 -14.22 -22.34
C GLY B 31 44.13 -13.50 -21.03
N SER B 32 43.04 -13.30 -20.29
CA SER B 32 43.04 -12.52 -19.08
C SER B 32 41.94 -13.07 -18.21
N GLY B 33 41.81 -12.59 -16.98
CA GLY B 33 40.84 -13.16 -16.05
C GLY B 33 41.07 -12.81 -14.58
N TYR B 34 40.06 -13.00 -13.74
CA TYR B 34 40.14 -12.73 -12.32
C TYR B 34 40.16 -14.05 -11.56
N ALA B 35 40.74 -14.01 -10.37
CA ALA B 35 40.86 -15.21 -9.53
C ALA B 35 40.98 -14.72 -8.08
N ALA B 36 40.15 -15.25 -7.18
CA ALA B 36 40.15 -14.86 -5.74
C ALA B 36 41.33 -15.53 -5.11
N ASP B 37 41.90 -14.90 -4.09
CA ASP B 37 42.87 -15.56 -3.23
C ASP B 37 42.14 -16.19 -2.06
N LYS B 38 42.10 -17.51 -2.05
CA LYS B 38 41.29 -18.24 -1.08
C LYS B 38 41.83 -18.04 0.33
N GLU B 39 43.14 -18.03 0.47
CA GLU B 39 43.72 -18.08 1.81
C GLU B 39 43.54 -16.76 2.55
N SER B 40 43.84 -15.65 1.90
CA SER B 40 43.60 -14.35 2.50
C SER B 40 42.14 -14.11 2.77
N THR B 41 41.29 -14.38 1.80
CA THR B 41 39.86 -14.18 2.03
C THR B 41 39.44 -15.00 3.25
N GLN B 42 39.98 -16.22 3.38
CA GLN B 42 39.56 -17.09 4.49
C GLN B 42 40.00 -16.55 5.87
N LYS B 43 41.24 -16.02 5.95
CA LYS B 43 41.76 -15.43 7.21
C LYS B 43 40.91 -14.26 7.62
N ALA B 44 40.54 -13.47 6.63
CA ALA B 44 39.65 -12.36 6.85
C ALA B 44 38.30 -12.81 7.39
N ILE B 45 37.69 -13.84 6.78
CA ILE B 45 36.35 -14.31 7.23
C ILE B 45 36.49 -14.84 8.62
N ASP B 46 37.57 -15.56 8.87
CA ASP B 46 37.84 -16.05 10.24
C ASP B 46 37.89 -14.92 11.25
N GLY B 47 38.54 -13.80 10.85
CA GLY B 47 38.76 -12.67 11.75
C GLY B 47 37.46 -11.99 12.10
N VAL B 48 36.73 -11.66 11.05
CA VAL B 48 35.49 -10.92 11.16
C VAL B 48 34.45 -11.78 11.84
N THR B 49 34.47 -13.07 11.57
CA THR B 49 33.51 -14.01 12.18
C THR B 49 33.75 -14.09 13.68
N ASN B 50 35.01 -14.33 14.05
CA ASN B 50 35.36 -14.27 15.43
C ASN B 50 35.01 -12.93 16.12
N LYS B 51 35.23 -11.82 15.43
CA LYS B 51 34.92 -10.53 15.98
C LYS B 51 33.45 -10.42 16.27
N VAL B 52 32.62 -10.83 15.34
CA VAL B 52 31.19 -10.71 15.56
C VAL B 52 30.80 -11.60 16.69
N ASN B 53 31.42 -12.77 16.81
CA ASN B 53 31.09 -13.65 17.94
C ASN B 53 31.53 -13.11 19.27
N SER B 54 32.70 -12.45 19.31
CA SER B 54 33.23 -11.89 20.56
C SER B 54 32.36 -10.74 21.07
N ILE B 55 31.94 -9.88 20.14
CA ILE B 55 30.98 -8.85 20.50
C ILE B 55 29.69 -9.42 21.08
N ILE B 56 29.08 -10.38 20.41
CA ILE B 56 27.85 -10.99 20.96
C ILE B 56 28.16 -11.50 22.35
N ASP B 57 29.26 -12.22 22.50
CA ASP B 57 29.57 -12.86 23.78
C ASP B 57 29.83 -11.85 24.93
N LYS B 58 30.62 -10.82 24.67
CA LYS B 58 30.88 -9.83 25.72
C LYS B 58 29.66 -9.02 26.07
N MET B 59 28.70 -8.89 25.17
CA MET B 59 27.48 -8.18 25.53
C MET B 59 26.44 -9.10 26.14
N ASN B 60 26.86 -10.28 26.60
CA ASN B 60 25.93 -11.31 27.04
C ASN B 60 25.36 -11.03 28.41
N THR B 61 26.25 -10.73 29.36
CA THR B 61 25.84 -10.14 30.62
C THR B 61 25.94 -8.63 30.41
N GLN B 62 24.98 -7.92 30.99
CA GLN B 62 24.68 -6.53 30.68
C GLN B 62 23.40 -6.19 31.46
N PHE B 63 23.22 -4.93 31.83
CA PHE B 63 22.18 -4.62 32.80
C PHE B 63 20.79 -4.93 32.29
N GLU B 64 19.94 -5.44 33.18
CA GLU B 64 18.58 -5.87 32.86
C GLU B 64 17.70 -5.18 33.86
N ALA B 65 16.97 -4.16 33.41
CA ALA B 65 16.00 -3.50 34.27
C ALA B 65 14.88 -4.45 34.78
N VAL B 66 14.39 -4.14 35.98
CA VAL B 66 13.28 -4.84 36.63
C VAL B 66 12.36 -3.74 37.16
N GLY B 67 11.05 -3.96 37.11
CA GLY B 67 10.09 -3.00 37.64
C GLY B 67 9.88 -3.10 39.15
N ARG B 68 9.99 -1.97 39.83
CA ARG B 68 9.65 -1.88 41.25
C ARG B 68 8.74 -0.70 41.42
N GLU B 69 7.74 -0.88 42.28
CA GLU B 69 6.77 0.14 42.57
C GLU B 69 7.05 0.78 43.92
N PHE B 70 6.62 2.03 44.05
CA PHE B 70 6.86 2.83 45.24
C PHE B 70 5.63 3.70 45.48
N ASN B 71 5.30 3.94 46.74
CA ASN B 71 4.16 4.75 47.06
C ASN B 71 4.55 6.21 47.05
N ASN B 72 3.55 7.04 47.30
CA ASN B 72 3.64 8.47 47.25
C ASN B 72 4.55 9.13 48.32
N LEU B 73 5.00 8.39 49.32
CA LEU B 73 6.01 8.93 50.27
C LEU B 73 7.33 8.13 50.23
N GLU B 74 7.59 7.51 49.09
CA GLU B 74 8.83 6.84 48.81
C GLU B 74 9.33 7.45 47.53
N ARG B 75 9.24 8.76 47.43
CA ARG B 75 9.60 9.42 46.19
C ARG B 75 11.12 9.47 46.03
N ARG B 76 11.84 9.63 47.14
CA ARG B 76 13.31 9.69 47.09
C ARG B 76 13.90 8.39 46.64
N ILE B 77 13.38 7.26 47.11
CA ILE B 77 13.90 5.97 46.60
C ILE B 77 13.34 5.64 45.20
N GLU B 78 12.21 6.22 44.80
CA GLU B 78 11.69 5.94 43.46
C GLU B 78 12.60 6.65 42.47
N ASN B 79 13.02 7.85 42.82
CA ASN B 79 13.95 8.63 42.03
C ASN B 79 15.34 7.98 41.97
N LEU B 80 15.83 7.52 43.12
CA LEU B 80 17.09 6.79 43.17
C LEU B 80 17.03 5.51 42.33
N ASN B 81 15.88 4.82 42.34
CA ASN B 81 15.69 3.67 41.45
C ASN B 81 15.66 4.01 39.97
N LYS B 82 14.97 5.08 39.60
CA LYS B 82 14.88 5.47 38.21
C LYS B 82 16.27 5.77 37.73
N LYS B 83 16.99 6.59 38.49
CA LYS B 83 18.30 7.07 38.06
C LYS B 83 19.32 5.96 37.99
N MET B 84 19.24 5.01 38.91
CA MET B 84 20.12 3.88 38.87
C MET B 84 19.89 3.11 37.60
N GLU B 85 18.65 2.77 37.33
CA GLU B 85 18.31 2.04 36.13
C GLU B 85 18.57 2.80 34.84
N ASP B 86 18.21 4.08 34.77
CA ASP B 86 18.66 4.87 33.60
C ASP B 86 20.17 4.94 33.49
N GLY B 87 20.85 4.94 34.62
CA GLY B 87 22.29 5.09 34.60
C GLY B 87 22.93 3.92 33.88
N PHE B 88 22.42 2.72 34.10
CA PHE B 88 22.97 1.55 33.45
C PHE B 88 22.56 1.50 31.98
N LEU B 89 21.31 1.82 31.62
CA LEU B 89 20.97 1.82 30.18
C LEU B 89 21.97 2.76 29.46
N ASP B 90 22.40 3.83 30.12
CA ASP B 90 23.28 4.78 29.45
C ASP B 90 24.70 4.25 29.32
N VAL B 91 25.18 3.58 30.36
CA VAL B 91 26.51 3.04 30.33
C VAL B 91 26.51 2.01 29.24
N TRP B 92 25.51 1.16 29.23
CA TRP B 92 25.54 0.07 28.25
C TRP B 92 25.36 0.52 26.81
N THR B 93 24.51 1.51 26.56
CA THR B 93 24.33 2.07 25.21
C THR B 93 25.61 2.68 24.68
N TYR B 94 26.30 3.44 25.53
CA TYR B 94 27.61 3.98 25.18
C TYR B 94 28.57 2.83 24.85
N ASN B 95 28.61 1.82 25.70
CA ASN B 95 29.52 0.69 25.45
C ASN B 95 29.26 0.03 24.10
N ALA B 96 28.00 -0.24 23.76
CA ALA B 96 27.67 -0.89 22.50
C ALA B 96 27.98 0.01 21.33
N GLU B 97 27.65 1.28 21.44
CA GLU B 97 27.84 2.20 20.32
C GLU B 97 29.31 2.41 20.05
N LEU B 98 30.04 2.63 21.11
CA LEU B 98 31.47 2.87 20.98
C LEU B 98 32.27 1.65 20.53
N LEU B 99 31.87 0.46 21.01
CA LEU B 99 32.49 -0.75 20.54
C LEU B 99 32.23 -0.91 19.07
N VAL B 100 30.99 -0.66 18.64
CA VAL B 100 30.67 -0.80 17.24
C VAL B 100 31.48 0.18 16.43
N LEU B 101 31.50 1.45 16.81
CA LEU B 101 32.29 2.43 16.03
C LEU B 101 33.77 2.08 16.01
N MET B 102 34.30 1.66 17.13
CA MET B 102 35.73 1.43 17.18
C MET B 102 36.11 0.22 16.36
N GLU B 103 35.34 -0.86 16.52
CA GLU B 103 35.58 -2.06 15.71
C GLU B 103 35.31 -1.90 14.22
N ASN B 104 34.40 -1.00 13.81
CA ASN B 104 34.20 -0.77 12.37
C ASN B 104 35.44 -0.22 11.72
N GLU B 105 36.08 0.75 12.36
CA GLU B 105 37.34 1.30 11.84
C GLU B 105 38.42 0.22 11.67
N ARG B 106 38.51 -0.62 12.69
CA ARG B 106 39.52 -1.67 12.68
C ARG B 106 39.25 -2.64 11.58
N THR B 107 38.00 -3.06 11.44
CA THR B 107 37.59 -3.91 10.32
C THR B 107 37.90 -3.32 8.93
N LEU B 108 37.53 -2.09 8.72
CA LEU B 108 37.81 -1.49 7.44
C LEU B 108 39.30 -1.41 7.21
N ASP B 109 40.06 -1.09 8.25
CA ASP B 109 41.55 -1.04 8.17
C ASP B 109 42.24 -2.40 8.05
N PHE B 110 41.68 -3.42 8.70
CA PHE B 110 42.04 -4.83 8.53
C PHE B 110 42.02 -5.26 7.05
N HIS B 111 40.92 -5.00 6.35
CA HIS B 111 40.83 -5.38 4.93
C HIS B 111 41.91 -4.65 4.13
N ASP B 112 42.07 -3.36 4.40
CA ASP B 112 43.05 -2.53 3.73
C ASP B 112 44.39 -3.19 3.91
N SER B 113 44.69 -3.60 5.15
CA SER B 113 45.98 -4.26 5.44
C SER B 113 46.13 -5.54 4.65
N ASN B 114 45.03 -6.27 4.56
CA ASN B 114 45.04 -7.53 3.89
C ASN B 114 45.38 -7.37 2.42
N VAL B 115 44.85 -6.33 1.76
CA VAL B 115 45.22 -6.11 0.37
C VAL B 115 46.66 -5.64 0.24
N LYS B 116 47.12 -4.73 1.09
CA LYS B 116 48.54 -4.38 1.07
C LYS B 116 49.45 -5.59 1.20
N ASN B 117 49.15 -6.48 2.15
CA ASN B 117 50.02 -7.63 2.41
C ASN B 117 50.08 -8.62 1.27
N LEU B 118 48.94 -8.82 0.60
CA LEU B 118 48.84 -9.69 -0.57
C LEU B 118 49.64 -9.11 -1.71
N TYR B 119 49.51 -7.79 -1.91
CA TYR B 119 50.30 -7.10 -2.92
C TYR B 119 51.80 -7.31 -2.68
N ASP B 120 52.22 -7.05 -1.44
CA ASP B 120 53.58 -7.33 -0.99
C ASP B 120 53.99 -8.80 -1.10
N LYS B 121 53.04 -9.73 -1.05
CA LYS B 121 53.38 -11.15 -1.18
C LYS B 121 53.84 -11.42 -2.58
N VAL B 122 53.12 -10.83 -3.52
CA VAL B 122 53.42 -11.02 -4.91
C VAL B 122 54.72 -10.24 -5.17
N ARG B 123 54.81 -9.01 -4.65
CA ARG B 123 55.99 -8.19 -4.91
C ARG B 123 57.30 -8.91 -4.59
N LEU B 124 57.37 -9.50 -3.39
CA LEU B 124 58.60 -10.17 -2.90
C LEU B 124 58.82 -11.58 -3.48
N GLN B 125 57.80 -12.18 -4.11
CA GLN B 125 58.01 -13.39 -4.90
C GLN B 125 58.75 -13.03 -6.20
N LEU B 126 58.13 -12.13 -6.97
CA LEU B 126 58.65 -11.71 -8.27
C LEU B 126 59.96 -10.92 -8.23
N ARG B 127 60.11 -10.02 -7.26
CA ARG B 127 61.32 -9.19 -7.21
C ARG B 127 61.60 -8.49 -8.55
N ASP B 128 62.83 -8.53 -9.04
CA ASP B 128 63.19 -7.83 -10.28
C ASP B 128 62.92 -8.67 -11.53
N ASN B 129 62.16 -9.76 -11.40
CA ASN B 129 61.64 -10.50 -12.56
C ASN B 129 60.37 -9.81 -13.06
N ALA B 130 59.89 -8.82 -12.30
CA ALA B 130 58.77 -8.01 -12.73
C ALA B 130 58.98 -6.57 -12.32
N LYS B 131 58.24 -5.70 -12.98
CA LYS B 131 58.35 -4.24 -12.81
C LYS B 131 57.06 -3.78 -12.15
N GLU B 132 57.20 -3.03 -11.06
CA GLU B 132 56.04 -2.51 -10.29
C GLU B 132 55.54 -1.31 -11.11
N LEU B 133 54.25 -1.32 -11.48
CA LEU B 133 53.75 -0.29 -12.40
C LEU B 133 53.06 0.82 -11.66
N GLY B 134 52.56 0.55 -10.46
CA GLY B 134 52.22 1.59 -9.52
C GLY B 134 50.76 1.73 -9.20
N ASN B 135 49.96 0.88 -9.84
CA ASN B 135 48.50 0.97 -9.78
C ASN B 135 47.99 -0.31 -9.19
N GLY B 136 48.87 -1.10 -8.60
CA GLY B 136 48.53 -2.43 -8.11
C GLY B 136 48.99 -3.56 -9.01
N CYS B 137 49.63 -3.24 -10.15
CA CYS B 137 50.02 -4.25 -11.13
C CYS B 137 51.53 -4.42 -11.27
N PHE B 138 51.91 -5.63 -11.70
CA PHE B 138 53.26 -5.99 -12.07
C PHE B 138 53.32 -6.37 -13.55
N GLU B 139 54.31 -5.91 -14.28
CA GLU B 139 54.52 -6.33 -15.65
C GLU B 139 55.75 -7.20 -15.68
N PHE B 140 55.59 -8.46 -16.11
CA PHE B 140 56.68 -9.42 -16.11
C PHE B 140 57.73 -9.09 -17.15
N TYR B 141 58.99 -9.41 -16.83
CA TYR B 141 60.07 -9.32 -17.79
C TYR B 141 60.22 -10.62 -18.59
N HIS B 142 59.39 -11.61 -18.26
CA HIS B 142 59.42 -12.89 -18.95
C HIS B 142 58.02 -13.29 -19.28
N LYS B 143 57.87 -14.30 -20.11
CA LYS B 143 56.55 -14.79 -20.53
C LYS B 143 55.97 -15.53 -19.32
N CYS B 144 54.73 -15.27 -18.93
CA CYS B 144 54.14 -15.99 -17.79
C CYS B 144 52.78 -16.52 -18.15
N ASP B 145 52.72 -17.81 -18.48
CA ASP B 145 51.48 -18.46 -18.91
C ASP B 145 50.62 -18.83 -17.72
N ASN B 146 49.48 -19.48 -17.96
CA ASN B 146 48.54 -19.74 -16.88
C ASN B 146 49.14 -20.59 -15.73
N GLU B 147 50.05 -21.51 -16.05
CA GLU B 147 50.73 -22.33 -15.05
C GLU B 147 51.63 -21.46 -14.20
N CYS B 148 52.40 -20.60 -14.87
CA CYS B 148 53.27 -19.63 -14.17
C CYS B 148 52.46 -18.65 -13.30
N MET B 149 51.30 -18.21 -13.80
CA MET B 149 50.43 -17.32 -13.06
C MET B 149 49.98 -17.98 -11.77
N GLU B 150 49.41 -19.17 -11.86
CA GLU B 150 49.02 -19.94 -10.67
C GLU B 150 50.14 -20.06 -9.66
N SER B 151 51.37 -20.18 -10.14
CA SER B 151 52.47 -20.31 -9.22
C SER B 151 52.57 -18.99 -8.41
N VAL B 152 52.36 -17.85 -9.05
CA VAL B 152 52.26 -16.61 -8.28
C VAL B 152 51.10 -16.63 -7.29
N ARG B 153 49.96 -17.16 -7.71
CA ARG B 153 48.78 -17.06 -6.87
C ARG B 153 48.81 -17.97 -5.68
N ASN B 154 49.63 -19.01 -5.73
CA ASN B 154 49.58 -20.02 -4.67
C ASN B 154 50.85 -20.14 -3.87
N GLY B 155 51.78 -19.20 -4.04
CA GLY B 155 53.02 -19.14 -3.22
C GLY B 155 54.26 -19.85 -3.75
N THR B 156 54.18 -20.37 -4.97
CA THR B 156 55.11 -21.34 -5.54
C THR B 156 56.04 -20.79 -6.62
N TYR B 157 55.90 -19.50 -6.98
CA TYR B 157 56.73 -18.94 -8.05
C TYR B 157 58.23 -19.17 -7.79
N ASP B 158 58.85 -19.81 -8.77
CA ASP B 158 60.28 -20.07 -8.79
C ASP B 158 61.01 -18.92 -9.46
N TYR B 159 61.67 -18.09 -8.67
CA TYR B 159 62.34 -16.95 -9.24
C TYR B 159 63.52 -17.45 -10.08
N PRO B 160 64.42 -18.25 -9.50
CA PRO B 160 65.55 -18.72 -10.30
C PRO B 160 65.22 -19.24 -11.67
N GLN B 161 64.07 -19.87 -11.84
CA GLN B 161 63.71 -20.49 -13.10
C GLN B 161 63.51 -19.49 -14.25
N TYR B 162 63.09 -18.26 -13.93
CA TYR B 162 62.87 -17.25 -14.98
C TYR B 162 63.94 -16.16 -15.02
N SER B 163 64.80 -16.08 -14.01
CA SER B 163 65.67 -14.91 -13.88
C SER B 163 66.58 -14.66 -15.10
N GLU B 164 66.94 -15.70 -15.82
CA GLU B 164 67.80 -15.52 -16.98
C GLU B 164 67.08 -14.78 -18.08
N GLU B 165 65.84 -15.18 -18.29
CA GLU B 165 65.01 -14.55 -19.31
C GLU B 165 64.72 -13.12 -18.88
N ALA B 166 64.54 -12.97 -17.58
CA ALA B 166 64.34 -11.69 -16.96
C ALA B 166 65.54 -10.79 -17.20
N ARG B 167 66.77 -11.29 -16.97
CA ARG B 167 67.92 -10.37 -17.11
C ARG B 167 68.12 -9.95 -18.57
N LEU B 168 67.75 -10.83 -19.50
CA LEU B 168 67.88 -10.52 -20.94
C LEU B 168 66.90 -9.44 -21.34
N LYS B 169 65.70 -9.50 -20.81
CA LYS B 169 64.70 -8.50 -21.13
C LYS B 169 65.07 -7.15 -20.51
N ARG B 170 65.37 -7.10 -19.22
CA ARG B 170 65.84 -5.85 -18.60
C ARG B 170 67.01 -5.23 -19.37
N GLU B 171 67.89 -6.11 -19.89
CA GLU B 171 69.02 -5.71 -20.71
C GLU B 171 68.55 -5.01 -21.97
N GLU B 172 67.63 -5.65 -22.71
CA GLU B 172 67.09 -5.05 -23.91
C GLU B 172 66.48 -3.68 -23.62
N ILE B 173 65.74 -3.56 -22.52
CA ILE B 173 65.04 -2.31 -22.18
C ILE B 173 65.99 -1.14 -21.88
N SER B 174 67.00 -1.37 -21.03
CA SER B 174 68.05 -0.36 -20.74
C SER B 174 68.81 0.09 -21.99
N SER B 175 69.12 -0.86 -22.87
CA SER B 175 69.84 -0.57 -24.11
C SER B 175 69.02 0.26 -25.11
N GLY B 176 67.70 0.16 -25.04
CA GLY B 176 66.78 0.99 -25.85
C GLY B 176 66.09 0.26 -26.99
N ARG B 177 66.37 -1.05 -27.12
CA ARG B 177 65.79 -1.87 -28.18
C ARG B 177 66.90 -2.46 -29.06
N PRO C 3 -30.87 -33.02 -24.49
CA PRO C 3 -31.20 -31.84 -23.71
C PRO C 3 -30.02 -31.46 -22.81
N GLY C 4 -29.48 -30.24 -22.95
CA GLY C 4 -28.26 -29.84 -22.24
C GLY C 4 -28.10 -28.35 -21.96
N ASP C 5 -27.65 -28.00 -20.75
CA ASP C 5 -27.46 -26.60 -20.36
C ASP C 5 -26.42 -25.90 -21.25
N GLN C 6 -26.51 -24.60 -21.42
CA GLN C 6 -25.43 -23.87 -22.12
C GLN C 6 -25.11 -22.47 -21.62
N ILE C 7 -23.87 -22.06 -21.93
CA ILE C 7 -23.41 -20.71 -21.67
C ILE C 7 -22.83 -20.20 -22.97
N CYS C 8 -22.93 -18.89 -23.21
CA CYS C 8 -22.43 -18.30 -24.46
C CYS C 8 -21.57 -17.07 -24.23
N ILE C 9 -20.50 -16.93 -25.00
CA ILE C 9 -19.79 -15.70 -24.96
C ILE C 9 -20.37 -14.91 -26.09
N GLY C 10 -20.68 -13.66 -25.80
CA GLY C 10 -21.31 -12.80 -26.80
C GLY C 10 -20.99 -11.36 -26.53
N TYR C 11 -21.57 -10.50 -27.39
CA TYR C 11 -21.38 -9.05 -27.36
C TYR C 11 -22.68 -8.23 -27.38
N HIS C 12 -22.52 -6.97 -27.03
CA HIS C 12 -23.60 -6.01 -26.94
C HIS C 12 -24.22 -5.60 -28.29
N ALA C 13 -25.55 -5.39 -28.30
CA ALA C 13 -26.24 -4.64 -29.36
C ALA C 13 -27.20 -3.61 -28.75
N ASN C 14 -27.62 -2.66 -29.57
CA ASN C 14 -28.58 -1.64 -29.14
C ASN C 14 -29.29 -1.02 -30.37
N ASN C 15 -30.17 -0.05 -30.17
CA ASN C 15 -30.90 0.55 -31.30
CA ASN C 15 -30.91 0.56 -31.28
C ASN C 15 -30.14 1.70 -32.00
N SER C 16 -28.87 1.92 -31.64
CA SER C 16 -28.08 2.94 -32.31
C SER C 16 -28.19 2.81 -33.82
N THR C 17 -28.28 3.95 -34.48
CA THR C 17 -28.21 4.06 -35.92
C THR C 17 -26.99 4.85 -36.37
N GLU C 18 -26.15 5.28 -35.44
CA GLU C 18 -24.93 5.99 -35.77
C GLU C 18 -24.03 5.09 -36.60
N GLN C 19 -23.41 5.66 -37.61
CA GLN C 19 -22.57 4.86 -38.47
C GLN C 19 -21.25 5.55 -38.71
N VAL C 20 -20.25 4.72 -38.95
CA VAL C 20 -18.89 5.18 -39.05
C VAL C 20 -18.29 4.51 -40.26
N ASP C 21 -17.25 5.12 -40.84
CA ASP C 21 -16.58 4.54 -42.03
C ASP C 21 -15.26 3.86 -41.75
N THR C 22 -14.95 2.86 -42.57
CA THR C 22 -13.64 2.19 -42.58
C THR C 22 -13.18 2.01 -44.03
N ILE C 23 -12.01 1.44 -44.25
CA ILE C 23 -11.41 1.44 -45.57
C ILE C 23 -12.10 0.42 -46.45
N MET C 24 -12.35 -0.73 -45.84
CA MET C 24 -12.96 -1.85 -46.49
C MET C 24 -14.49 -1.79 -46.46
N GLU C 25 -15.07 -0.84 -45.76
CA GLU C 25 -16.53 -0.87 -45.59
C GLU C 25 -17.07 0.45 -45.03
N LYS C 26 -17.67 1.25 -45.90
CA LYS C 26 -18.37 2.49 -45.53
C LYS C 26 -19.71 2.23 -44.81
N ASN C 27 -20.18 3.23 -44.08
CA ASN C 27 -21.47 3.15 -43.33
C ASN C 27 -21.68 1.92 -42.49
N VAL C 28 -20.71 1.54 -41.68
CA VAL C 28 -20.91 0.43 -40.77
C VAL C 28 -21.65 1.00 -39.58
N THR C 29 -22.80 0.40 -39.26
CA THR C 29 -23.61 0.83 -38.10
C THR C 29 -22.94 0.22 -36.89
N VAL C 30 -23.04 0.93 -35.77
CA VAL C 30 -22.13 0.74 -34.67
C VAL C 30 -22.78 1.15 -33.36
N THR C 31 -22.38 0.44 -32.32
CA THR C 31 -23.01 0.51 -31.01
C THR C 31 -22.83 1.83 -30.29
N HIS C 32 -21.67 2.46 -30.48
CA HIS C 32 -21.33 3.74 -29.86
C HIS C 32 -20.36 4.44 -30.76
N ALA C 33 -20.44 5.77 -30.84
CA ALA C 33 -19.59 6.56 -31.71
C ALA C 33 -19.38 7.93 -31.08
N GLN C 34 -18.41 8.67 -31.57
CA GLN C 34 -18.05 9.95 -31.03
C GLN C 34 -17.86 10.94 -32.18
N ASP C 35 -18.94 11.60 -32.57
CA ASP C 35 -18.83 12.71 -33.53
C ASP C 35 -17.76 13.62 -32.94
N ILE C 36 -16.94 14.15 -33.81
CA ILE C 36 -15.75 14.88 -33.41
C ILE C 36 -15.61 16.18 -34.22
N LEU C 37 -16.69 16.53 -34.94
CA LEU C 37 -16.70 17.66 -35.85
C LEU C 37 -17.87 18.54 -35.48
N GLU C 38 -17.58 19.83 -35.30
CA GLU C 38 -18.59 20.80 -34.94
C GLU C 38 -19.07 21.45 -36.21
N LYS C 39 -20.40 21.49 -36.35
CA LYS C 39 -21.05 21.91 -37.60
C LYS C 39 -21.89 23.17 -37.42
N LYS C 40 -22.18 23.55 -36.18
CA LYS C 40 -23.11 24.62 -35.89
C LYS C 40 -22.40 25.92 -35.47
N HIS C 41 -23.00 27.05 -35.83
CA HIS C 41 -22.54 28.39 -35.42
C HIS C 41 -23.73 29.32 -35.24
N ASN C 42 -23.60 30.28 -34.31
CA ASN C 42 -24.68 31.21 -33.98
C ASN C 42 -25.08 32.25 -35.06
N GLY C 43 -24.30 32.36 -36.13
CA GLY C 43 -24.60 33.28 -37.21
C GLY C 43 -24.31 34.74 -36.92
N LYS C 44 -23.66 35.03 -35.80
CA LYS C 44 -23.47 36.40 -35.32
C LYS C 44 -22.00 36.80 -35.17
N LEU C 45 -21.77 38.09 -34.99
CA LEU C 45 -20.45 38.61 -34.68
C LEU C 45 -20.47 38.99 -33.21
N CYS C 46 -19.62 38.36 -32.41
CA CYS C 46 -19.65 38.53 -30.96
C CYS C 46 -18.39 39.21 -30.47
N ASP C 47 -18.37 39.52 -29.19
CA ASP C 47 -17.19 40.05 -28.54
C ASP C 47 -16.29 38.85 -28.31
N LEU C 48 -14.99 39.09 -28.17
CA LEU C 48 -14.05 38.00 -27.98
C LEU C 48 -13.57 38.06 -26.54
N ASP C 49 -14.07 37.16 -25.71
CA ASP C 49 -13.73 37.14 -24.28
C ASP C 49 -13.87 38.54 -23.66
N GLY C 50 -15.09 39.10 -23.76
CA GLY C 50 -15.43 40.39 -23.16
C GLY C 50 -14.73 41.61 -23.75
N VAL C 51 -14.35 41.52 -25.03
CA VAL C 51 -13.80 42.66 -25.80
C VAL C 51 -14.51 42.76 -27.16
N LYS C 52 -15.31 43.81 -27.33
CA LYS C 52 -16.11 43.97 -28.52
C LYS C 52 -15.20 44.32 -29.72
N PRO C 53 -15.51 43.85 -30.94
CA PRO C 53 -14.72 44.21 -32.14
C PRO C 53 -14.91 45.61 -32.67
N LEU C 54 -14.04 46.04 -33.57
CA LEU C 54 -14.22 47.28 -34.33
C LEU C 54 -14.95 46.95 -35.62
N ILE C 55 -16.23 47.27 -35.67
CA ILE C 55 -17.05 46.90 -36.82
C ILE C 55 -17.25 48.10 -37.72
N LEU C 56 -16.48 48.13 -38.81
CA LEU C 56 -16.43 49.29 -39.69
C LEU C 56 -17.69 49.36 -40.58
N ARG C 57 -18.85 49.38 -39.94
CA ARG C 57 -20.14 49.22 -40.62
C ARG C 57 -20.01 49.34 -42.14
N ASP C 58 -19.77 50.56 -42.65
CA ASP C 58 -19.59 50.80 -44.08
C ASP C 58 -18.33 51.55 -44.45
N CYS C 59 -17.46 51.74 -43.48
CA CYS C 59 -16.18 52.36 -43.77
C CYS C 59 -15.14 51.29 -44.04
N SER C 60 -14.10 51.69 -44.76
CA SER C 60 -12.93 50.86 -44.95
C SER C 60 -11.86 51.43 -44.04
N VAL C 61 -10.77 50.69 -43.84
CA VAL C 61 -9.74 51.11 -42.93
C VAL C 61 -9.25 52.51 -43.31
N ALA C 62 -9.11 52.76 -44.60
CA ALA C 62 -8.66 54.05 -45.10
C ALA C 62 -9.68 55.13 -44.76
N GLY C 63 -10.95 54.84 -45.04
CA GLY C 63 -12.03 55.75 -44.69
C GLY C 63 -12.07 56.05 -43.19
N TRP C 64 -11.73 55.04 -42.39
CA TRP C 64 -11.62 55.22 -40.96
C TRP C 64 -10.37 56.03 -40.58
N LEU C 65 -9.20 55.56 -40.98
CA LEU C 65 -7.93 56.16 -40.52
C LEU C 65 -7.71 57.59 -41.02
N LEU C 66 -7.88 57.83 -42.33
CA LEU C 66 -8.09 59.19 -42.83
C LEU C 66 -9.50 59.56 -42.38
N GLY C 67 -9.77 60.83 -42.12
CA GLY C 67 -11.09 61.18 -41.56
C GLY C 67 -12.24 61.29 -42.54
N ASN C 68 -12.55 60.24 -43.30
CA ASN C 68 -13.65 60.32 -44.27
C ASN C 68 -14.85 60.90 -43.54
N PRO C 69 -15.49 61.91 -44.13
CA PRO C 69 -16.61 62.57 -43.46
C PRO C 69 -17.76 61.60 -43.10
N MET C 70 -18.10 60.69 -44.00
CA MET C 70 -19.21 59.77 -43.78
C MET C 70 -18.94 58.75 -42.66
N CYS C 71 -17.73 58.82 -42.10
CA CYS C 71 -17.24 57.82 -41.14
C CYS C 71 -17.09 58.33 -39.70
N ASP C 72 -17.42 59.61 -39.47
CA ASP C 72 -17.43 60.21 -38.12
C ASP C 72 -17.58 59.18 -37.00
N GLU C 73 -18.51 58.24 -37.21
CA GLU C 73 -18.78 57.13 -36.28
C GLU C 73 -17.60 56.60 -35.48
N PHE C 74 -16.41 56.61 -36.08
CA PHE C 74 -15.21 56.05 -35.48
C PHE C 74 -14.16 57.11 -35.09
N ILE C 75 -14.46 58.39 -35.32
CA ILE C 75 -13.52 59.52 -35.07
C ILE C 75 -12.57 59.29 -33.87
N ASN C 76 -12.98 58.45 -32.93
CA ASN C 76 -12.16 58.02 -31.80
C ASN C 76 -12.76 56.77 -31.16
N VAL C 77 -12.03 55.65 -31.20
CA VAL C 77 -12.61 54.34 -30.84
C VAL C 77 -11.77 53.50 -29.85
N PRO C 78 -12.47 52.74 -28.99
CA PRO C 78 -11.84 52.07 -27.87
C PRO C 78 -11.21 50.73 -28.30
N GLU C 79 -10.59 50.04 -27.33
CA GLU C 79 -9.97 48.72 -27.56
C GLU C 79 -10.92 47.77 -28.28
N TRP C 80 -10.39 47.04 -29.26
CA TRP C 80 -11.15 46.03 -29.99
C TRP C 80 -10.43 44.70 -29.96
N SER C 81 -11.19 43.62 -30.06
CA SER C 81 -10.61 42.29 -30.18
C SER C 81 -10.10 42.05 -31.61
N TYR C 82 -10.96 42.36 -32.59
CA TYR C 82 -10.63 42.17 -34.01
C TYR C 82 -11.41 43.17 -34.83
N ILE C 83 -10.89 43.50 -36.01
CA ILE C 83 -11.57 44.44 -36.91
C ILE C 83 -12.42 43.69 -37.95
N VAL C 84 -13.64 44.18 -38.20
CA VAL C 84 -14.47 43.63 -39.27
C VAL C 84 -14.66 44.62 -40.42
N GLU C 85 -14.35 44.19 -41.64
CA GLU C 85 -14.47 45.02 -42.84
C GLU C 85 -15.34 44.27 -43.83
N LYS C 86 -16.23 44.99 -44.51
CA LYS C 86 -17.04 44.41 -45.55
C LYS C 86 -16.16 44.19 -46.78
N ALA C 87 -16.64 43.37 -47.70
CA ALA C 87 -15.89 43.01 -48.90
C ALA C 87 -15.66 44.23 -49.77
N ASN C 88 -16.66 45.12 -49.81
CA ASN C 88 -16.57 46.33 -50.62
C ASN C 88 -17.23 47.49 -49.90
N PRO C 89 -16.53 48.07 -48.91
CA PRO C 89 -17.05 49.19 -48.15
C PRO C 89 -17.35 50.40 -49.03
N VAL C 90 -18.55 50.98 -48.88
CA VAL C 90 -18.97 52.13 -49.71
C VAL C 90 -18.12 53.35 -49.39
N ASN C 91 -17.99 53.67 -48.10
CA ASN C 91 -17.22 54.82 -47.67
C ASN C 91 -15.75 54.48 -47.55
N ASP C 92 -15.01 54.78 -48.62
CA ASP C 92 -13.60 54.47 -48.70
C ASP C 92 -12.95 55.83 -48.93
N LEU C 93 -12.31 56.04 -50.08
CA LEU C 93 -11.69 57.33 -50.37
C LEU C 93 -12.67 58.21 -51.13
N CYS C 94 -13.44 59.02 -50.40
CA CYS C 94 -14.48 59.87 -51.00
C CYS C 94 -13.90 60.69 -52.16
N TYR C 95 -12.87 61.48 -51.88
CA TYR C 95 -12.09 62.12 -52.93
C TYR C 95 -11.17 61.06 -53.51
N PRO C 96 -11.39 60.67 -54.77
CA PRO C 96 -10.75 59.47 -55.28
C PRO C 96 -9.22 59.57 -55.33
N GLY C 97 -8.56 58.41 -55.29
CA GLY C 97 -7.12 58.32 -55.49
C GLY C 97 -6.56 56.95 -55.15
N ASP C 98 -5.48 56.95 -54.37
CA ASP C 98 -4.82 55.72 -53.98
C ASP C 98 -4.19 55.89 -52.61
N PHE C 99 -3.90 54.77 -51.98
CA PHE C 99 -3.32 54.76 -50.65
C PHE C 99 -2.05 53.91 -50.73
N ASN C 100 -0.90 54.55 -50.52
CA ASN C 100 0.39 53.86 -50.64
C ASN C 100 0.60 52.76 -49.60
N ASP C 101 1.12 51.62 -50.05
CA ASP C 101 1.37 50.46 -49.19
C ASP C 101 0.17 50.13 -48.32
N TYR C 102 -1.02 50.26 -48.90
CA TYR C 102 -2.24 50.08 -48.12
C TYR C 102 -2.29 48.70 -47.48
N GLU C 103 -1.97 47.68 -48.28
CA GLU C 103 -2.04 46.28 -47.81
C GLU C 103 -1.00 46.04 -46.71
N GLU C 104 0.19 46.63 -46.87
CA GLU C 104 1.19 46.53 -45.83
C GLU C 104 0.71 47.17 -44.54
N LEU C 105 -0.03 48.27 -44.64
CA LEU C 105 -0.58 48.99 -43.47
C LEU C 105 -1.65 48.16 -42.77
N LYS C 106 -2.51 47.53 -43.57
CA LYS C 106 -3.60 46.68 -43.05
C LYS C 106 -3.05 45.49 -42.29
N HIS C 107 -1.80 45.14 -42.57
CA HIS C 107 -1.15 44.01 -41.95
C HIS C 107 -0.59 44.32 -40.55
N LEU C 108 -0.04 45.53 -40.37
CA LEU C 108 0.41 45.97 -39.04
C LEU C 108 -0.75 46.07 -38.05
N LEU C 109 -1.89 46.53 -38.54
CA LEU C 109 -3.12 46.59 -37.75
C LEU C 109 -3.48 45.27 -37.07
N SER C 110 -3.13 44.13 -37.67
CA SER C 110 -3.37 42.84 -37.02
C SER C 110 -2.46 42.61 -35.80
N ARG C 111 -1.46 43.47 -35.61
CA ARG C 111 -0.67 43.47 -34.38
C ARG C 111 -1.01 44.70 -33.51
N ILE C 112 -2.23 45.24 -33.70
CA ILE C 112 -2.68 46.45 -33.02
C ILE C 112 -4.10 46.28 -32.50
N ASN C 113 -4.28 46.52 -31.20
CA ASN C 113 -5.59 46.41 -30.55
C ASN C 113 -6.21 47.75 -30.18
N HIS C 114 -5.41 48.81 -30.13
CA HIS C 114 -5.93 50.10 -29.70
C HIS C 114 -5.06 51.29 -30.13
N PHE C 115 -5.68 52.22 -30.84
CA PHE C 115 -5.09 53.52 -31.08
C PHE C 115 -5.63 54.56 -30.08
N GLU C 116 -4.85 55.64 -29.91
CA GLU C 116 -5.32 56.88 -29.26
C GLU C 116 -5.08 58.09 -30.20
N LYS C 117 -6.13 58.55 -30.88
CA LYS C 117 -5.98 59.67 -31.82
C LYS C 117 -5.40 60.90 -31.11
N ILE C 118 -4.38 61.54 -31.69
CA ILE C 118 -3.73 62.68 -31.05
C ILE C 118 -3.39 63.81 -32.03
N GLN C 119 -3.67 65.05 -31.64
CA GLN C 119 -3.35 66.21 -32.49
C GLN C 119 -1.84 66.47 -32.55
N ILE C 120 -1.28 66.55 -33.76
CA ILE C 120 0.18 66.81 -33.94
C ILE C 120 0.54 68.05 -34.79
N ILE C 121 -0.35 68.46 -35.68
CA ILE C 121 -0.20 69.73 -36.41
C ILE C 121 -1.58 70.37 -36.48
N PRO C 122 -1.92 71.22 -35.50
CA PRO C 122 -3.27 71.82 -35.39
C PRO C 122 -3.64 72.77 -36.55
N LYS C 123 -4.90 72.68 -37.03
CA LYS C 123 -5.37 73.48 -38.17
C LYS C 123 -5.16 74.98 -37.99
N SER C 124 -5.26 75.45 -36.75
CA SER C 124 -5.15 76.87 -36.43
C SER C 124 -3.72 77.44 -36.52
N SER C 125 -2.73 76.55 -36.63
CA SER C 125 -1.34 76.98 -36.76
C SER C 125 -0.91 77.24 -38.21
N TRP C 126 -1.85 77.20 -39.15
CA TRP C 126 -1.56 77.52 -40.55
C TRP C 126 -1.91 78.98 -40.87
N SER C 127 -1.11 79.90 -40.34
CA SER C 127 -1.27 81.33 -40.60
C SER C 127 -0.55 81.76 -41.88
N SER C 128 0.38 80.91 -42.34
CA SER C 128 1.05 81.07 -43.63
C SER C 128 0.13 80.78 -44.84
N HIS C 129 -0.84 79.87 -44.65
CA HIS C 129 -1.72 79.38 -45.75
C HIS C 129 -3.17 79.20 -45.29
N GLU C 130 -4.07 78.89 -46.23
CA GLU C 130 -5.50 78.70 -45.93
C GLU C 130 -5.82 77.26 -45.51
N ALA C 131 -6.32 77.10 -44.29
CA ALA C 131 -6.63 75.78 -43.73
C ALA C 131 -8.03 75.31 -44.12
N SER C 132 -9.02 76.21 -44.05
CA SER C 132 -10.43 75.81 -44.18
C SER C 132 -11.02 75.97 -45.59
N LEU C 133 -10.15 76.09 -46.60
CA LEU C 133 -10.60 76.12 -48.00
C LEU C 133 -10.49 74.75 -48.66
N GLY C 134 -9.97 73.77 -47.93
CA GLY C 134 -9.65 72.45 -48.48
C GLY C 134 -10.78 71.46 -48.42
N VAL C 135 -11.80 71.69 -49.24
CA VAL C 135 -13.07 70.97 -49.17
C VAL C 135 -13.42 70.47 -50.57
N SER C 136 -14.35 69.53 -50.68
CA SER C 136 -14.82 69.06 -52.00
C SER C 136 -16.20 68.39 -51.98
N SER C 137 -16.98 68.57 -53.04
CA SER C 137 -18.31 67.92 -53.16
C SER C 137 -18.22 66.41 -53.09
N ALA C 138 -17.10 65.85 -53.54
CA ALA C 138 -16.84 64.40 -53.50
C ALA C 138 -16.85 63.86 -52.07
N CYS C 139 -16.69 64.75 -51.09
CA CYS C 139 -16.74 64.37 -49.68
C CYS C 139 -17.83 65.14 -48.95
N PRO C 140 -19.10 64.90 -49.31
CA PRO C 140 -20.19 65.65 -48.68
C PRO C 140 -20.49 65.16 -47.27
N TYR C 141 -20.66 66.09 -46.33
CA TYR C 141 -21.05 65.71 -44.98
C TYR C 141 -22.53 66.06 -44.80
N GLN C 142 -22.86 67.18 -44.16
CA GLN C 142 -24.27 67.49 -43.85
C GLN C 142 -24.87 68.47 -44.89
N GLY C 143 -24.72 68.11 -46.16
CA GLY C 143 -25.00 69.01 -47.27
C GLY C 143 -23.73 69.71 -47.67
N LYS C 144 -23.24 70.59 -46.78
CA LYS C 144 -22.01 71.34 -47.02
C LYS C 144 -20.85 70.41 -47.38
N SER C 145 -20.39 70.52 -48.63
CA SER C 145 -19.29 69.70 -49.13
C SER C 145 -18.08 69.79 -48.19
N SER C 146 -17.45 68.64 -47.93
CA SER C 146 -16.44 68.51 -46.87
C SER C 146 -15.18 67.77 -47.34
N PHE C 147 -14.55 67.03 -46.44
CA PHE C 147 -13.23 66.41 -46.70
C PHE C 147 -12.81 65.49 -45.52
N PHE C 148 -11.67 64.80 -45.68
CA PHE C 148 -11.12 63.99 -44.60
C PHE C 148 -10.79 64.85 -43.37
N ARG C 149 -11.32 64.46 -42.20
CA ARG C 149 -11.14 65.22 -40.96
C ARG C 149 -9.72 65.15 -40.34
N ASN C 150 -8.96 64.11 -40.64
CA ASN C 150 -7.66 63.83 -39.96
C ASN C 150 -6.47 64.46 -40.65
N VAL C 151 -6.71 65.07 -41.79
CA VAL C 151 -5.67 65.59 -42.64
C VAL C 151 -6.19 66.87 -43.32
N VAL C 152 -5.29 67.80 -43.61
CA VAL C 152 -5.67 69.18 -43.94
C VAL C 152 -5.25 69.58 -45.35
N TRP C 153 -6.23 69.91 -46.18
CA TRP C 153 -5.98 70.31 -47.55
C TRP C 153 -5.68 71.82 -47.57
N LEU C 154 -4.41 72.15 -47.71
CA LEU C 154 -3.95 73.53 -47.65
C LEU C 154 -4.10 74.20 -49.01
N ILE C 155 -4.37 75.51 -48.98
CA ILE C 155 -4.45 76.35 -50.18
C ILE C 155 -3.74 77.69 -49.95
N LYS C 156 -3.26 78.29 -51.05
CA LYS C 156 -2.57 79.59 -51.03
C LYS C 156 -3.38 80.69 -50.34
N LYS C 157 -2.68 81.69 -49.80
CA LYS C 157 -3.31 82.85 -49.13
C LYS C 157 -2.94 84.14 -49.84
N ASN C 158 -3.92 85.03 -49.97
CA ASN C 158 -3.77 86.31 -50.68
C ASN C 158 -3.50 86.05 -52.16
N SER C 159 -2.34 85.47 -52.47
CA SER C 159 -2.10 84.77 -53.73
C SER C 159 -0.72 84.12 -53.75
N THR C 160 -0.29 83.60 -52.60
CA THR C 160 1.05 83.03 -52.44
C THR C 160 1.00 81.77 -51.57
N TYR C 161 2.00 80.92 -51.76
CA TYR C 161 2.16 79.66 -51.03
C TYR C 161 3.64 79.58 -50.62
N PRO C 162 4.02 80.32 -49.56
CA PRO C 162 5.41 80.29 -49.07
C PRO C 162 5.82 78.87 -48.75
N THR C 163 7.09 78.54 -48.99
CA THR C 163 7.56 77.18 -48.70
C THR C 163 7.32 76.86 -47.21
N ILE C 164 6.70 75.71 -46.99
CA ILE C 164 6.40 75.23 -45.65
C ILE C 164 7.62 74.48 -45.13
N LYS C 165 7.94 74.71 -43.86
CA LYS C 165 9.02 73.99 -43.17
C LYS C 165 8.55 73.72 -41.74
N ARG C 166 7.49 72.92 -41.65
CA ARG C 166 7.05 72.40 -40.37
C ARG C 166 7.90 71.16 -40.05
N SER C 167 7.65 70.57 -38.88
CA SER C 167 8.48 69.49 -38.36
C SER C 167 7.90 69.03 -37.01
N TYR C 168 7.76 67.71 -36.83
CA TYR C 168 7.18 67.16 -35.60
C TYR C 168 8.05 66.12 -34.92
N ASN C 169 8.46 66.43 -33.70
CA ASN C 169 9.23 65.54 -32.85
C ASN C 169 8.26 64.68 -32.04
N ASN C 170 8.61 63.41 -31.83
CA ASN C 170 7.72 62.47 -31.17
C ASN C 170 8.12 62.29 -29.71
N THR C 171 7.46 63.03 -28.82
CA THR C 171 7.83 63.03 -27.40
C THR C 171 7.02 62.05 -26.56
N ASN C 172 6.17 61.27 -27.22
CA ASN C 172 5.43 60.19 -26.55
C ASN C 172 6.35 58.97 -26.38
N GLN C 173 5.96 58.03 -25.53
CA GLN C 173 6.73 56.79 -25.35
C GLN C 173 6.25 55.65 -26.29
N GLU C 174 5.31 55.95 -27.19
CA GLU C 174 4.73 54.97 -28.13
C GLU C 174 5.05 55.30 -29.59
N ASP C 175 5.07 54.26 -30.43
CA ASP C 175 5.11 54.41 -31.89
C ASP C 175 3.88 55.19 -32.31
N LEU C 176 4.03 56.11 -33.24
CA LEU C 176 2.85 56.73 -33.81
C LEU C 176 2.82 56.67 -35.32
N LEU C 177 1.64 56.35 -35.84
CA LEU C 177 1.33 56.30 -37.26
C LEU C 177 0.99 57.68 -37.78
N VAL C 178 1.78 58.18 -38.72
CA VAL C 178 1.53 59.49 -39.31
C VAL C 178 1.03 59.32 -40.75
N LEU C 179 -0.07 60.01 -41.04
CA LEU C 179 -0.71 59.99 -42.35
C LEU C 179 -0.66 61.36 -43.02
N TRP C 180 -0.20 61.40 -44.27
CA TRP C 180 -0.22 62.62 -45.06
C TRP C 180 -0.57 62.29 -46.51
N GLY C 181 -0.52 63.28 -47.40
CA GLY C 181 -0.85 63.05 -48.80
C GLY C 181 -0.36 64.10 -49.78
N ILE C 182 -0.76 63.93 -51.04
CA ILE C 182 -0.46 64.86 -52.12
C ILE C 182 -1.64 64.86 -53.06
N HIS C 183 -1.91 66.01 -53.67
CA HIS C 183 -3.01 66.19 -54.62
C HIS C 183 -2.44 66.32 -56.03
N HIS C 184 -2.98 65.53 -56.95
CA HIS C 184 -2.62 65.57 -58.38
C HIS C 184 -3.73 66.31 -59.13
N PRO C 185 -3.43 67.54 -59.61
CA PRO C 185 -4.48 68.38 -60.22
C PRO C 185 -4.90 67.98 -61.63
N ASN C 186 -6.08 68.43 -62.02
CA ASN C 186 -6.60 68.19 -63.36
C ASN C 186 -5.79 68.83 -64.49
N ASP C 187 -5.25 70.01 -64.23
CA ASP C 187 -4.58 70.80 -65.27
C ASP C 187 -3.60 71.82 -64.69
N ALA C 188 -2.76 72.38 -65.55
CA ALA C 188 -1.81 73.41 -65.14
C ALA C 188 -2.55 74.64 -64.59
N ALA C 189 -3.68 74.99 -65.19
CA ALA C 189 -4.51 76.11 -64.74
C ALA C 189 -5.08 75.90 -63.33
N GLU C 190 -5.43 74.65 -62.99
CA GLU C 190 -5.97 74.32 -61.67
C GLU C 190 -4.87 74.43 -60.62
N GLN C 191 -3.68 73.95 -60.97
CA GLN C 191 -2.46 74.12 -60.17
C GLN C 191 -2.29 75.58 -59.73
N THR C 192 -2.35 76.50 -60.70
CA THR C 192 -2.31 77.95 -60.42
C THR C 192 -3.53 78.36 -59.60
N LYS C 193 -4.71 77.95 -60.07
CA LYS C 193 -5.98 78.32 -59.43
C LYS C 193 -6.08 77.86 -57.98
N LEU C 194 -5.22 76.92 -57.55
CA LEU C 194 -5.24 76.39 -56.19
C LEU C 194 -4.01 76.80 -55.35
N TYR C 195 -2.84 76.33 -55.72
CA TYR C 195 -1.62 76.52 -54.90
C TYR C 195 -0.69 77.59 -55.46
N GLN C 196 -1.16 78.28 -56.51
CA GLN C 196 -0.44 79.40 -57.16
C GLN C 196 0.81 78.93 -57.90
N ASN C 197 1.80 78.50 -57.11
CA ASN C 197 3.08 78.02 -57.63
C ASN C 197 2.86 76.92 -58.66
N PRO C 198 3.52 77.04 -59.82
CA PRO C 198 3.58 75.90 -60.71
C PRO C 198 4.78 75.07 -60.29
N THR C 199 4.81 73.80 -60.71
CA THR C 199 5.92 72.89 -60.38
C THR C 199 6.29 72.86 -58.87
N THR C 200 5.70 71.89 -58.16
CA THR C 200 5.80 71.79 -56.71
C THR C 200 6.49 70.50 -56.28
N TYR C 201 6.68 70.33 -54.97
CA TYR C 201 7.16 69.09 -54.40
C TYR C 201 6.66 68.97 -52.95
N ILE C 202 6.77 67.76 -52.39
CA ILE C 202 6.59 67.52 -50.96
C ILE C 202 7.71 66.61 -50.44
N SER C 203 8.67 67.20 -49.73
CA SER C 203 9.74 66.42 -49.10
C SER C 203 9.24 65.96 -47.73
N VAL C 204 9.52 64.71 -47.39
CA VAL C 204 9.11 64.14 -46.10
C VAL C 204 10.27 63.34 -45.51
N GLY C 205 10.79 63.78 -44.35
CA GLY C 205 12.00 63.20 -43.77
C GLY C 205 11.83 62.64 -42.35
N THR C 206 12.57 61.56 -42.05
CA THR C 206 12.55 60.87 -40.75
C THR C 206 13.96 60.30 -40.55
N SER C 207 14.18 59.47 -39.52
CA SER C 207 15.38 58.61 -39.46
C SER C 207 15.61 57.83 -40.75
N THR C 208 14.54 57.23 -41.24
CA THR C 208 14.59 56.21 -42.28
C THR C 208 13.93 56.69 -43.56
N LEU C 209 12.83 57.43 -43.44
CA LEU C 209 12.10 57.95 -44.61
C LEU C 209 12.89 59.05 -45.30
N ASN C 210 12.82 59.04 -46.63
CA ASN C 210 13.51 60.00 -47.47
C ASN C 210 12.77 60.10 -48.79
N GLN C 211 11.62 60.77 -48.79
CA GLN C 211 10.85 60.96 -50.04
C GLN C 211 10.72 62.43 -50.45
N ARG C 212 10.74 62.66 -51.77
CA ARG C 212 10.42 63.95 -52.35
C ARG C 212 9.36 63.67 -53.39
N LEU C 213 8.10 63.77 -52.97
CA LEU C 213 6.95 63.52 -53.85
C LEU C 213 6.78 64.70 -54.78
N VAL C 214 6.32 64.44 -56.01
CA VAL C 214 6.09 65.49 -57.00
C VAL C 214 4.73 65.26 -57.65
N PRO C 215 3.96 66.34 -57.85
CA PRO C 215 2.63 66.19 -58.46
C PRO C 215 2.73 65.93 -59.95
N ARG C 216 1.90 65.04 -60.46
CA ARG C 216 1.87 64.80 -61.88
C ARG C 216 0.47 65.12 -62.40
N ILE C 217 0.44 65.86 -63.52
CA ILE C 217 -0.79 66.24 -64.20
C ILE C 217 -1.21 65.11 -65.14
N ALA C 218 -2.53 64.95 -65.31
CA ALA C 218 -3.09 63.98 -66.25
C ALA C 218 -4.61 64.19 -66.40
N THR C 219 -5.11 63.99 -67.63
CA THR C 219 -6.54 64.05 -67.88
C THR C 219 -7.14 62.68 -67.55
N ARG C 220 -7.56 62.53 -66.31
CA ARG C 220 -8.14 61.28 -65.84
C ARG C 220 -9.64 61.27 -66.09
N SER C 221 -10.25 60.08 -66.03
CA SER C 221 -11.70 59.96 -66.00
C SER C 221 -12.21 60.63 -64.74
N LYS C 222 -13.53 60.66 -64.58
CA LYS C 222 -14.14 61.22 -63.39
C LYS C 222 -14.73 60.14 -62.51
N VAL C 223 -14.53 60.30 -61.20
CA VAL C 223 -15.15 59.44 -60.21
C VAL C 223 -15.56 60.34 -59.05
N ASN C 224 -16.82 60.23 -58.63
CA ASN C 224 -17.41 61.08 -57.59
C ASN C 224 -17.23 62.56 -57.85
N GLY C 225 -17.56 62.98 -59.08
CA GLY C 225 -17.51 64.40 -59.47
C GLY C 225 -16.15 64.86 -59.94
N GLN C 226 -15.10 64.48 -59.20
CA GLN C 226 -13.75 64.97 -59.45
C GLN C 226 -12.96 64.10 -60.44
N SER C 227 -12.10 64.76 -61.21
CA SER C 227 -11.16 64.07 -62.09
C SER C 227 -9.73 64.18 -61.55
N GLY C 228 -9.51 65.09 -60.60
CA GLY C 228 -8.24 65.15 -59.88
C GLY C 228 -8.05 63.94 -58.99
N ARG C 229 -6.89 63.84 -58.35
CA ARG C 229 -6.57 62.64 -57.54
C ARG C 229 -5.74 62.97 -56.33
N MET C 230 -6.02 62.26 -55.24
CA MET C 230 -5.31 62.42 -53.98
C MET C 230 -4.59 61.10 -53.66
N GLU C 231 -3.28 61.17 -53.41
CA GLU C 231 -2.50 59.98 -53.09
C GLU C 231 -1.96 60.10 -51.67
N PHE C 232 -2.29 59.15 -50.80
CA PHE C 232 -1.87 59.23 -49.40
C PHE C 232 -0.69 58.33 -49.13
N PHE C 233 0.06 58.69 -48.09
CA PHE C 233 1.29 58.02 -47.70
C PHE C 233 1.34 57.96 -46.19
N TRP C 234 2.12 57.04 -45.63
CA TRP C 234 2.22 56.96 -44.18
C TRP C 234 3.62 56.56 -43.70
N THR C 235 3.84 56.69 -42.40
CA THR C 235 5.04 56.16 -41.77
C THR C 235 4.81 55.94 -40.27
N ILE C 236 5.72 55.18 -39.65
CA ILE C 236 5.69 54.92 -38.23
C ILE C 236 6.81 55.70 -37.62
N LEU C 237 6.47 56.71 -36.83
CA LEU C 237 7.48 57.55 -36.20
C LEU C 237 7.87 56.91 -34.88
N LYS C 238 9.15 56.56 -34.75
CA LYS C 238 9.66 55.81 -33.60
C LYS C 238 9.60 56.65 -32.33
N PRO C 239 9.60 56.00 -31.13
CA PRO C 239 9.51 56.70 -29.85
C PRO C 239 9.99 58.14 -29.89
N ASN C 240 11.27 58.39 -30.17
CA ASN C 240 11.83 59.76 -29.99
C ASN C 240 12.47 60.36 -31.26
N ASP C 241 11.92 60.01 -32.42
CA ASP C 241 12.36 60.48 -33.72
C ASP C 241 11.46 61.65 -34.15
N ALA C 242 11.77 62.28 -35.28
CA ALA C 242 10.99 63.42 -35.79
C ALA C 242 10.75 63.38 -37.31
N ILE C 243 9.54 63.75 -37.73
CA ILE C 243 9.15 63.77 -39.14
C ILE C 243 9.11 65.22 -39.64
N ASN C 244 9.79 65.48 -40.76
CA ASN C 244 10.02 66.84 -41.24
C ASN C 244 9.46 67.05 -42.65
N PHE C 245 8.36 67.78 -42.71
CA PHE C 245 7.69 68.06 -43.97
C PHE C 245 8.20 69.36 -44.54
N GLU C 246 8.05 69.52 -45.84
CA GLU C 246 8.38 70.77 -46.52
C GLU C 246 7.83 70.75 -47.94
N SER C 247 7.06 71.76 -48.30
CA SER C 247 6.40 71.74 -49.59
C SER C 247 6.25 73.10 -50.26
N ASN C 248 6.22 73.03 -51.59
CA ASN C 248 6.06 74.15 -52.50
C ASN C 248 4.60 74.32 -52.93
N GLY C 249 3.76 73.34 -52.56
CA GLY C 249 2.36 73.25 -53.02
C GLY C 249 1.82 71.83 -52.93
N ASN C 250 0.52 71.68 -53.20
CA ASN C 250 -0.11 70.38 -53.36
C ASN C 250 -0.09 69.47 -52.13
N PHE C 251 0.10 70.05 -50.95
CA PHE C 251 0.37 69.29 -49.73
C PHE C 251 -0.87 69.01 -48.89
N ILE C 252 -1.17 67.73 -48.66
CA ILE C 252 -2.26 67.36 -47.76
C ILE C 252 -1.67 66.88 -46.43
N ALA C 253 -1.40 67.84 -45.54
CA ALA C 253 -0.67 67.59 -44.30
C ALA C 253 -1.52 67.00 -43.18
N PRO C 254 -0.86 66.34 -42.20
CA PRO C 254 -1.55 65.74 -41.08
C PRO C 254 -2.01 66.78 -40.07
N GLU C 255 -3.21 66.59 -39.52
CA GLU C 255 -3.59 67.24 -38.28
C GLU C 255 -3.52 66.22 -37.13
N TYR C 256 -4.06 65.03 -37.38
CA TYR C 256 -4.13 64.00 -36.36
C TYR C 256 -3.37 62.75 -36.76
N ALA C 257 -2.55 62.26 -35.86
CA ALA C 257 -1.87 60.96 -36.02
C ALA C 257 -2.46 60.01 -34.98
N TYR C 258 -1.96 58.77 -34.95
CA TYR C 258 -2.42 57.77 -33.99
C TYR C 258 -1.29 57.24 -33.13
N LYS C 259 -1.44 57.30 -31.81
CA LYS C 259 -0.53 56.61 -30.91
C LYS C 259 -0.93 55.13 -30.88
N ILE C 260 0.04 54.24 -31.12
CA ILE C 260 -0.23 52.81 -31.00
C ILE C 260 -0.20 52.45 -29.52
N VAL C 261 -1.39 52.37 -28.92
CA VAL C 261 -1.54 52.18 -27.47
C VAL C 261 -1.40 50.72 -27.09
N LYS C 262 -2.29 49.84 -27.59
CA LYS C 262 -2.23 48.41 -27.28
C LYS C 262 -1.75 47.64 -28.50
N LYS C 263 -0.72 46.81 -28.30
CA LYS C 263 -0.20 45.87 -29.33
C LYS C 263 -0.58 44.44 -28.92
N GLY C 264 -0.90 43.61 -29.92
CA GLY C 264 -1.37 42.24 -29.67
C GLY C 264 -2.14 41.60 -30.81
N ASP C 265 -2.70 40.43 -30.55
CA ASP C 265 -3.30 39.62 -31.59
C ASP C 265 -4.70 40.11 -31.94
N SER C 266 -4.82 40.61 -33.18
CA SER C 266 -6.10 40.98 -33.80
C SER C 266 -6.10 40.53 -35.27
N THR C 267 -7.23 40.77 -35.96
CA THR C 267 -7.30 40.45 -37.38
C THR C 267 -8.26 41.40 -38.07
N ILE C 268 -8.07 41.62 -39.37
CA ILE C 268 -9.06 42.31 -40.18
C ILE C 268 -9.93 41.26 -40.84
N MET C 269 -11.17 41.13 -40.40
CA MET C 269 -11.99 40.00 -40.78
C MET C 269 -13.05 40.40 -41.77
N LYS C 270 -13.07 39.74 -42.93
CA LYS C 270 -14.02 40.03 -44.00
C LYS C 270 -15.40 39.37 -43.75
N SER C 271 -16.35 40.16 -43.27
CA SER C 271 -17.72 39.70 -43.08
C SER C 271 -18.69 40.82 -43.38
N GLU C 272 -19.85 40.45 -43.92
CA GLU C 272 -20.91 41.40 -44.22
C GLU C 272 -21.90 41.51 -43.04
N LEU C 273 -21.64 40.76 -41.97
CA LEU C 273 -22.55 40.68 -40.83
C LEU C 273 -22.53 41.91 -39.93
N GLU C 274 -23.64 42.11 -39.22
CA GLU C 274 -23.77 43.16 -38.22
C GLU C 274 -23.38 42.62 -36.82
N TYR C 275 -23.09 43.53 -35.90
CA TYR C 275 -22.85 43.20 -34.50
C TYR C 275 -24.00 42.38 -33.97
N GLY C 276 -23.74 41.50 -33.01
CA GLY C 276 -24.78 40.60 -32.53
C GLY C 276 -25.08 40.66 -31.05
N ASN C 277 -24.35 41.49 -30.30
CA ASN C 277 -24.57 41.62 -28.86
C ASN C 277 -24.38 40.29 -28.12
N CYS C 278 -23.26 39.60 -28.38
CA CYS C 278 -22.97 38.29 -27.77
C CYS C 278 -21.49 38.18 -27.39
N ASN C 279 -21.15 37.12 -26.67
CA ASN C 279 -19.75 36.77 -26.42
C ASN C 279 -19.40 35.34 -26.90
N THR C 280 -18.18 35.15 -27.41
CA THR C 280 -17.65 33.81 -27.60
C THR C 280 -16.15 33.77 -27.44
N LYS C 281 -15.66 32.54 -27.28
CA LYS C 281 -14.25 32.26 -27.22
C LYS C 281 -13.68 32.06 -28.64
N CYS C 282 -14.51 32.10 -29.68
CA CYS C 282 -14.04 31.77 -31.05
C CYS C 282 -14.92 32.33 -32.16
N GLN C 283 -14.39 33.25 -32.98
CA GLN C 283 -15.21 33.91 -34.03
C GLN C 283 -14.87 33.55 -35.50
N THR C 284 -15.91 33.51 -36.33
CA THR C 284 -15.84 33.17 -37.75
C THR C 284 -16.58 34.23 -38.54
N PRO C 285 -16.09 34.60 -39.74
CA PRO C 285 -16.80 35.52 -40.64
C PRO C 285 -18.29 35.22 -40.87
N MET C 286 -18.69 33.98 -40.61
CA MET C 286 -20.07 33.52 -40.76
C MET C 286 -20.81 33.50 -39.43
N GLY C 287 -20.08 33.37 -38.34
CA GLY C 287 -20.67 33.33 -36.98
C GLY C 287 -19.70 32.85 -35.90
N ALA C 288 -20.14 32.92 -34.65
CA ALA C 288 -19.35 32.43 -33.50
C ALA C 288 -19.59 30.92 -33.26
N ILE C 289 -18.60 30.26 -32.65
CA ILE C 289 -18.67 28.82 -32.32
C ILE C 289 -18.58 28.61 -30.80
N ASN C 290 -19.43 27.76 -30.24
CA ASN C 290 -19.21 27.28 -28.89
C ASN C 290 -19.30 25.77 -28.86
N SER C 291 -18.12 25.14 -28.87
CA SER C 291 -18.03 23.71 -28.61
C SER C 291 -16.72 23.34 -27.95
N SER C 292 -16.66 22.11 -27.47
CA SER C 292 -15.42 21.52 -26.99
C SER C 292 -14.79 20.65 -28.11
N MET C 293 -15.42 20.63 -29.29
CA MET C 293 -14.98 19.69 -30.31
C MET C 293 -13.68 20.06 -30.99
N PRO C 294 -12.89 19.04 -31.35
CA PRO C 294 -11.56 19.27 -31.86
C PRO C 294 -11.56 19.87 -33.26
N PHE C 295 -12.60 19.61 -34.05
CA PHE C 295 -12.72 20.18 -35.42
C PHE C 295 -13.98 21.04 -35.65
N HIS C 296 -13.92 21.95 -36.64
CA HIS C 296 -15.13 22.55 -37.22
C HIS C 296 -15.01 22.56 -38.74
N ASN C 297 -16.13 22.73 -39.44
CA ASN C 297 -16.09 22.93 -40.90
C ASN C 297 -16.77 24.22 -41.37
N ILE C 298 -16.86 25.19 -40.48
CA ILE C 298 -17.58 26.41 -40.72
C ILE C 298 -16.84 27.33 -41.70
N HIS C 299 -15.62 27.71 -41.38
CA HIS C 299 -14.84 28.66 -42.22
C HIS C 299 -13.39 28.74 -41.76
N PRO C 300 -12.44 28.75 -42.70
CA PRO C 300 -11.03 28.65 -42.35
C PRO C 300 -10.44 29.80 -41.55
N LEU C 301 -10.92 31.02 -41.76
CA LEU C 301 -10.38 32.21 -41.08
C LEU C 301 -11.03 32.47 -39.71
N THR C 302 -10.36 32.17 -38.63
CA THR C 302 -10.98 32.34 -37.31
C THR C 302 -10.08 33.15 -36.39
N ILE C 303 -10.62 33.58 -35.26
CA ILE C 303 -9.82 34.17 -34.19
C ILE C 303 -10.37 33.74 -32.84
N GLY C 304 -9.47 33.53 -31.87
CA GLY C 304 -9.85 33.03 -30.55
C GLY C 304 -9.37 31.60 -30.32
N GLU C 305 -9.89 30.94 -29.30
CA GLU C 305 -9.52 29.57 -29.05
C GLU C 305 -10.53 28.71 -29.75
N CYS C 306 -10.15 28.17 -30.91
CA CYS C 306 -11.09 27.49 -31.80
C CYS C 306 -10.75 26.04 -32.02
N PRO C 307 -11.70 25.25 -32.53
CA PRO C 307 -11.31 23.94 -33.07
C PRO C 307 -10.48 24.14 -34.33
N LYS C 308 -9.99 23.04 -34.90
CA LYS C 308 -9.18 23.09 -36.12
C LYS C 308 -10.10 22.96 -37.33
N TYR C 309 -9.86 23.78 -38.36
CA TYR C 309 -10.72 23.77 -39.52
C TYR C 309 -10.45 22.59 -40.38
N VAL C 310 -11.52 21.97 -40.82
CA VAL C 310 -11.42 20.87 -41.77
C VAL C 310 -12.54 21.07 -42.81
N LYS C 311 -12.40 20.47 -43.99
CA LYS C 311 -13.43 20.57 -45.04
C LYS C 311 -14.47 19.43 -44.99
N SER C 312 -14.35 18.49 -44.07
CA SER C 312 -15.27 17.34 -44.02
C SER C 312 -16.67 17.71 -43.61
N ASN C 313 -17.63 17.00 -44.18
CA ASN C 313 -19.02 16.96 -43.70
C ASN C 313 -19.20 16.05 -42.49
N ARG C 314 -18.52 14.91 -42.47
CA ARG C 314 -18.61 13.96 -41.36
C ARG C 314 -17.23 13.46 -40.91
N LEU C 315 -16.99 13.57 -39.61
CA LEU C 315 -15.87 12.89 -38.93
C LEU C 315 -16.43 12.24 -37.68
N VAL C 316 -16.72 10.95 -37.76
CA VAL C 316 -17.24 10.21 -36.62
C VAL C 316 -16.35 9.03 -36.29
N LEU C 317 -15.77 9.05 -35.10
CA LEU C 317 -14.96 7.93 -34.57
C LEU C 317 -15.84 6.80 -34.03
N ALA C 318 -15.46 5.55 -34.29
CA ALA C 318 -16.06 4.42 -33.58
C ALA C 318 -15.48 4.37 -32.20
N THR C 319 -16.28 3.88 -31.29
CA THR C 319 -15.86 3.61 -29.92
C THR C 319 -16.37 2.23 -29.52
N GLY C 320 -17.66 1.97 -29.73
CA GLY C 320 -18.22 0.61 -29.56
C GLY C 320 -18.13 -0.30 -30.78
N LEU C 321 -18.90 -1.38 -30.75
CA LEU C 321 -18.84 -2.48 -31.73
C LEU C 321 -19.70 -2.26 -32.98
N ARG C 322 -19.51 -3.14 -33.95
CA ARG C 322 -20.40 -3.26 -35.11
C ARG C 322 -21.77 -3.75 -34.60
N ASN C 323 -22.80 -2.98 -34.90
CA ASN C 323 -24.12 -3.20 -34.30
C ASN C 323 -24.93 -4.30 -35.02
N SER C 324 -25.55 -5.20 -34.27
CA SER C 324 -26.48 -6.17 -34.84
C SER C 324 -27.83 -5.52 -35.21
N PRO C 325 -28.24 -5.62 -36.51
CA PRO C 325 -29.30 -4.83 -37.22
C PRO C 325 -30.53 -4.42 -36.39
N GLY D 1 -14.91 -9.71 -39.70
CA GLY D 1 -13.76 -9.07 -39.04
C GLY D 1 -12.58 -10.01 -38.94
N LEU D 2 -11.39 -9.43 -38.75
CA LEU D 2 -10.16 -10.22 -38.75
C LEU D 2 -10.16 -11.33 -37.74
N PHE D 3 -10.87 -11.21 -36.63
CA PHE D 3 -10.69 -12.19 -35.54
C PHE D 3 -11.78 -13.23 -35.48
N GLY D 4 -12.72 -13.09 -36.41
CA GLY D 4 -13.67 -14.14 -36.72
C GLY D 4 -14.80 -14.35 -35.73
N ALA D 5 -15.03 -13.42 -34.82
CA ALA D 5 -16.01 -13.66 -33.74
C ALA D 5 -17.30 -12.83 -33.95
N ILE D 6 -17.13 -11.50 -33.91
CA ILE D 6 -18.22 -10.56 -34.10
C ILE D 6 -18.66 -10.61 -35.55
N ALA D 7 -19.97 -10.83 -35.77
CA ALA D 7 -20.57 -10.89 -37.11
C ALA D 7 -19.87 -11.96 -37.93
N GLY D 8 -19.51 -13.04 -37.23
CA GLY D 8 -18.62 -14.09 -37.73
C GLY D 8 -19.09 -15.41 -37.15
N PHE D 9 -18.29 -16.09 -36.34
CA PHE D 9 -18.76 -17.36 -35.82
C PHE D 9 -19.81 -17.18 -34.74
N ILE D 10 -19.77 -16.05 -34.05
CA ILE D 10 -20.96 -15.52 -33.39
C ILE D 10 -21.68 -14.57 -34.40
N GLU D 11 -22.83 -15.03 -34.87
CA GLU D 11 -23.62 -14.31 -35.84
C GLU D 11 -24.52 -13.44 -35.01
N GLY D 12 -24.27 -12.14 -34.99
CA GLY D 12 -25.12 -11.20 -34.22
C GLY D 12 -24.88 -11.00 -32.72
N GLY D 13 -25.10 -9.75 -32.30
CA GLY D 13 -25.01 -9.33 -30.90
C GLY D 13 -26.32 -9.37 -30.11
N TRP D 14 -26.24 -9.04 -28.80
CA TRP D 14 -27.35 -9.13 -27.81
C TRP D 14 -27.89 -7.79 -27.29
N GLN D 15 -29.16 -7.51 -27.54
CA GLN D 15 -29.84 -6.37 -26.93
C GLN D 15 -30.03 -6.57 -25.44
N GLY D 16 -30.06 -7.83 -25.02
CA GLY D 16 -30.25 -8.18 -23.62
C GLY D 16 -29.14 -7.82 -22.67
N MET D 17 -27.89 -7.87 -23.12
CA MET D 17 -26.75 -7.58 -22.25
C MET D 17 -26.50 -6.09 -22.19
N VAL D 18 -26.83 -5.47 -21.05
CA VAL D 18 -26.87 -3.99 -20.97
C VAL D 18 -25.69 -3.34 -20.27
N ASP D 19 -25.05 -4.11 -19.42
CA ASP D 19 -24.03 -3.58 -18.52
C ASP D 19 -22.61 -3.56 -19.08
N GLY D 20 -22.42 -4.02 -20.33
CA GLY D 20 -21.08 -4.12 -20.92
C GLY D 20 -21.06 -4.25 -22.43
N TRP D 21 -19.86 -4.53 -22.95
CA TRP D 21 -19.67 -4.77 -24.38
C TRP D 21 -19.55 -6.25 -24.70
N TYR D 22 -18.88 -6.99 -23.83
CA TYR D 22 -18.65 -8.41 -24.05
C TYR D 22 -19.18 -9.10 -22.84
N GLY D 23 -19.68 -10.32 -23.01
CA GLY D 23 -20.12 -11.08 -21.86
C GLY D 23 -20.79 -12.38 -22.21
N TYR D 24 -21.65 -12.80 -21.29
CA TYR D 24 -22.16 -14.14 -21.23
C TYR D 24 -23.69 -14.19 -21.36
N HIS D 25 -24.19 -15.21 -22.05
CA HIS D 25 -25.60 -15.59 -21.99
C HIS D 25 -25.73 -17.06 -21.61
N HIS D 26 -26.43 -17.33 -20.51
CA HIS D 26 -26.61 -18.70 -20.04
C HIS D 26 -28.08 -19.14 -20.09
N SER D 27 -28.32 -20.45 -20.22
CA SER D 27 -29.64 -21.04 -19.97
C SER D 27 -29.54 -22.39 -19.27
N ASN D 28 -30.41 -22.59 -18.29
CA ASN D 28 -30.48 -23.85 -17.55
C ASN D 28 -31.84 -23.97 -16.88
N GLU D 29 -32.03 -25.01 -16.09
CA GLU D 29 -33.33 -25.26 -15.50
C GLU D 29 -33.85 -24.07 -14.72
N GLN D 30 -32.98 -23.39 -13.97
CA GLN D 30 -33.36 -22.15 -13.24
C GLN D 30 -33.81 -20.96 -14.09
N GLY D 31 -33.46 -20.97 -15.38
CA GLY D 31 -33.91 -19.97 -16.34
C GLY D 31 -32.75 -19.52 -17.18
N SER D 32 -32.93 -18.40 -17.88
CA SER D 32 -31.86 -17.85 -18.71
C SER D 32 -31.59 -16.36 -18.39
N GLY D 33 -30.46 -15.85 -18.85
CA GLY D 33 -30.09 -14.48 -18.55
C GLY D 33 -28.77 -14.03 -19.14
N TYR D 34 -28.47 -12.76 -18.97
CA TYR D 34 -27.25 -12.17 -19.50
C TYR D 34 -26.39 -11.57 -18.39
N ALA D 35 -25.07 -11.55 -18.62
CA ALA D 35 -24.13 -10.84 -17.74
C ALA D 35 -22.93 -10.29 -18.56
N ALA D 36 -22.52 -9.05 -18.28
CA ALA D 36 -21.25 -8.51 -18.79
C ALA D 36 -20.03 -9.18 -18.11
N ASP D 37 -18.90 -9.19 -18.83
CA ASP D 37 -17.59 -9.41 -18.23
C ASP D 37 -17.00 -8.03 -18.01
N LYS D 38 -16.81 -7.67 -16.74
CA LYS D 38 -16.29 -6.37 -16.34
C LYS D 38 -14.83 -6.17 -16.78
N GLU D 39 -13.96 -7.17 -16.59
CA GLU D 39 -12.52 -6.94 -16.82
C GLU D 39 -12.23 -6.63 -18.29
N SER D 40 -12.87 -7.40 -19.18
CA SER D 40 -12.59 -7.28 -20.60
C SER D 40 -13.25 -6.06 -21.11
N THR D 41 -14.43 -5.74 -20.59
CA THR D 41 -15.10 -4.49 -20.94
C THR D 41 -14.23 -3.34 -20.45
N GLN D 42 -13.57 -3.47 -19.32
CA GLN D 42 -12.72 -2.38 -18.83
C GLN D 42 -11.48 -2.17 -19.70
N LYS D 43 -10.84 -3.24 -20.13
CA LYS D 43 -9.61 -3.09 -20.94
C LYS D 43 -9.96 -2.41 -22.27
N ALA D 44 -11.12 -2.78 -22.82
CA ALA D 44 -11.65 -2.19 -24.02
C ALA D 44 -11.90 -0.68 -23.88
N ILE D 45 -12.53 -0.27 -22.78
CA ILE D 45 -12.76 1.15 -22.52
C ILE D 45 -11.42 1.84 -22.27
N ASP D 46 -10.53 1.22 -21.52
CA ASP D 46 -9.18 1.73 -21.40
C ASP D 46 -8.56 2.04 -22.79
N GLY D 47 -8.67 1.09 -23.72
CA GLY D 47 -8.10 1.26 -25.05
C GLY D 47 -8.70 2.44 -25.79
N VAL D 48 -10.02 2.44 -25.88
CA VAL D 48 -10.72 3.38 -26.76
C VAL D 48 -10.66 4.83 -26.21
N THR D 49 -10.66 4.95 -24.89
CA THR D 49 -10.50 6.25 -24.26
C THR D 49 -9.12 6.81 -24.58
N ASN D 50 -8.09 5.99 -24.37
CA ASN D 50 -6.71 6.38 -24.75
C ASN D 50 -6.60 6.70 -26.23
N LYS D 51 -7.27 5.90 -27.07
CA LYS D 51 -7.30 6.16 -28.51
C LYS D 51 -7.90 7.51 -28.82
N VAL D 52 -9.07 7.82 -28.25
CA VAL D 52 -9.71 9.11 -28.55
C VAL D 52 -8.83 10.24 -28.03
N ASN D 53 -8.28 10.04 -26.84
CA ASN D 53 -7.39 11.06 -26.31
C ASN D 53 -6.14 11.25 -27.19
N SER D 54 -5.56 10.15 -27.68
CA SER D 54 -4.40 10.27 -28.57
C SER D 54 -4.72 10.99 -29.87
N ILE D 55 -5.89 10.72 -30.44
CA ILE D 55 -6.27 11.37 -31.69
C ILE D 55 -6.45 12.88 -31.52
N ILE D 56 -7.09 13.29 -30.42
CA ILE D 56 -7.24 14.71 -30.12
C ILE D 56 -5.89 15.34 -29.85
N ASP D 57 -5.03 14.63 -29.13
CA ASP D 57 -3.71 15.16 -28.87
C ASP D 57 -2.91 15.37 -30.17
N LYS D 58 -2.94 14.39 -31.07
CA LYS D 58 -2.08 14.45 -32.28
C LYS D 58 -2.45 15.54 -33.26
N MET D 59 -3.65 16.08 -33.12
CA MET D 59 -4.19 17.05 -34.07
C MET D 59 -4.07 18.48 -33.55
N ASN D 60 -3.43 18.68 -32.38
CA ASN D 60 -3.22 20.02 -31.84
C ASN D 60 -2.27 20.90 -32.64
N THR D 61 -1.31 20.30 -33.36
CA THR D 61 -0.25 21.06 -34.01
C THR D 61 -0.62 21.47 -35.43
N GLN D 62 -1.90 21.59 -35.73
CA GLN D 62 -2.37 21.72 -37.12
C GLN D 62 -2.46 23.17 -37.62
N PHE D 63 -2.31 23.30 -38.94
CA PHE D 63 -2.25 24.59 -39.66
C PHE D 63 -3.50 25.42 -39.48
N GLU D 64 -3.29 26.75 -39.45
CA GLU D 64 -4.33 27.76 -39.21
C GLU D 64 -4.18 28.90 -40.24
N ALA D 65 -5.19 29.07 -41.09
CA ALA D 65 -5.11 30.06 -42.15
C ALA D 65 -5.14 31.47 -41.56
N VAL D 66 -4.68 32.45 -42.33
CA VAL D 66 -4.73 33.87 -41.95
C VAL D 66 -5.03 34.74 -43.17
N GLY D 67 -5.80 35.81 -42.96
CA GLY D 67 -6.25 36.68 -44.04
C GLY D 67 -5.14 37.59 -44.49
N ARG D 68 -4.92 37.65 -45.82
CA ARG D 68 -3.88 38.47 -46.40
C ARG D 68 -4.38 39.25 -47.63
N GLU D 69 -4.14 40.56 -47.63
CA GLU D 69 -4.58 41.47 -48.69
C GLU D 69 -3.52 41.64 -49.80
N PHE D 70 -3.99 41.70 -51.04
CA PHE D 70 -3.13 41.92 -52.20
C PHE D 70 -3.78 42.88 -53.20
N ASN D 71 -3.01 43.78 -53.78
CA ASN D 71 -3.59 44.72 -54.72
C ASN D 71 -3.66 44.13 -56.13
N ASN D 72 -4.34 44.82 -57.02
CA ASN D 72 -4.68 44.32 -58.35
C ASN D 72 -3.49 44.01 -59.24
N LEU D 73 -2.30 44.45 -58.84
CA LEU D 73 -1.02 44.09 -59.53
C LEU D 73 -0.12 43.15 -58.71
N GLU D 74 -0.70 42.45 -57.73
CA GLU D 74 0.00 41.46 -56.93
C GLU D 74 -0.81 40.16 -56.99
N ARG D 75 -1.23 39.80 -58.20
CA ARG D 75 -2.09 38.62 -58.41
C ARG D 75 -1.32 37.30 -58.35
N ARG D 76 -0.05 37.29 -58.74
CA ARG D 76 0.80 36.10 -58.57
C ARG D 76 0.92 35.74 -57.10
N ILE D 77 1.26 36.73 -56.28
CA ILE D 77 1.49 36.52 -54.86
C ILE D 77 0.16 36.11 -54.19
N GLU D 78 -0.92 36.82 -54.53
CA GLU D 78 -2.27 36.52 -54.00
C GLU D 78 -2.67 35.06 -54.29
N ASN D 79 -2.23 34.59 -55.44
CA ASN D 79 -2.54 33.27 -55.90
C ASN D 79 -1.61 32.29 -55.23
N LEU D 80 -0.33 32.63 -55.15
CA LEU D 80 0.63 31.78 -54.47
C LEU D 80 0.05 31.54 -53.09
N ASN D 81 -0.56 32.59 -52.56
CA ASN D 81 -1.11 32.57 -51.20
C ASN D 81 -2.33 31.66 -51.03
N LYS D 82 -3.37 31.86 -51.83
CA LYS D 82 -4.56 30.99 -51.82
C LYS D 82 -4.17 29.54 -51.99
N LYS D 83 -3.31 29.26 -52.96
CA LYS D 83 -2.94 27.89 -53.27
C LYS D 83 -2.18 27.27 -52.08
N MET D 84 -1.31 28.06 -51.46
CA MET D 84 -0.62 27.59 -50.29
C MET D 84 -1.61 27.19 -49.21
N GLU D 85 -2.52 28.09 -48.85
CA GLU D 85 -3.47 27.80 -47.75
C GLU D 85 -4.45 26.69 -48.08
N ASP D 86 -5.10 26.78 -49.23
CA ASP D 86 -5.89 25.67 -49.69
C ASP D 86 -5.07 24.37 -49.59
N GLY D 87 -3.78 24.49 -49.89
CA GLY D 87 -2.85 23.36 -49.87
C GLY D 87 -2.83 22.70 -48.51
N PHE D 88 -2.61 23.51 -47.49
CA PHE D 88 -2.52 22.97 -46.14
C PHE D 88 -3.87 22.45 -45.59
N LEU D 89 -4.98 23.13 -45.88
CA LEU D 89 -6.28 22.65 -45.41
C LEU D 89 -6.61 21.26 -46.04
N ASP D 90 -6.30 21.10 -47.32
CA ASP D 90 -6.45 19.81 -48.01
C ASP D 90 -5.63 18.69 -47.38
N VAL D 91 -4.37 18.97 -47.07
CA VAL D 91 -3.50 18.00 -46.40
C VAL D 91 -4.09 17.59 -45.06
N TRP D 92 -4.48 18.59 -44.27
CA TRP D 92 -4.98 18.29 -42.95
C TRP D 92 -6.37 17.63 -42.98
N THR D 93 -7.26 18.04 -43.91
CA THR D 93 -8.49 17.30 -44.08
C THR D 93 -8.20 15.85 -44.38
N TYR D 94 -7.26 15.62 -45.26
CA TYR D 94 -6.90 14.25 -45.63
C TYR D 94 -6.38 13.50 -44.41
N ASN D 95 -5.40 14.10 -43.76
CA ASN D 95 -4.85 13.53 -42.55
C ASN D 95 -5.91 13.10 -41.59
N ALA D 96 -6.89 13.97 -41.35
CA ALA D 96 -7.91 13.76 -40.31
C ALA D 96 -8.85 12.66 -40.72
N GLU D 97 -9.39 12.76 -41.93
CA GLU D 97 -10.28 11.72 -42.45
C GLU D 97 -9.56 10.37 -42.45
N LEU D 98 -8.27 10.36 -42.82
CA LEU D 98 -7.55 9.11 -42.95
C LEU D 98 -7.36 8.43 -41.61
N LEU D 99 -6.84 9.14 -40.63
CA LEU D 99 -6.73 8.60 -39.27
C LEU D 99 -8.04 7.96 -38.80
N VAL D 100 -9.16 8.63 -39.01
CA VAL D 100 -10.42 8.15 -38.48
C VAL D 100 -10.85 6.90 -39.22
N LEU D 101 -10.63 6.91 -40.53
CA LEU D 101 -10.91 5.72 -41.34
C LEU D 101 -10.08 4.51 -40.87
N MET D 102 -8.80 4.76 -40.61
CA MET D 102 -7.90 3.70 -40.30
C MET D 102 -8.09 3.20 -38.89
N GLU D 103 -8.18 4.12 -37.94
CA GLU D 103 -8.47 3.76 -36.54
C GLU D 103 -9.87 3.16 -36.29
N ASN D 104 -10.86 3.54 -37.09
CA ASN D 104 -12.19 2.94 -36.96
C ASN D 104 -12.12 1.44 -37.20
N GLU D 105 -11.51 1.11 -38.34
CA GLU D 105 -11.28 -0.29 -38.70
C GLU D 105 -10.53 -0.96 -37.57
N ARG D 106 -9.52 -0.29 -37.02
CA ARG D 106 -8.74 -0.92 -35.94
C ARG D 106 -9.58 -1.18 -34.68
N THR D 107 -10.34 -0.16 -34.26
CA THR D 107 -11.31 -0.30 -33.18
C THR D 107 -12.29 -1.48 -33.36
N LEU D 108 -12.89 -1.61 -34.54
CA LEU D 108 -13.83 -2.72 -34.75
C LEU D 108 -13.10 -4.04 -34.56
N ASP D 109 -11.93 -4.18 -35.17
CA ASP D 109 -11.10 -5.37 -35.03
C ASP D 109 -10.64 -5.61 -33.58
N PHE D 110 -10.40 -4.50 -32.87
CA PHE D 110 -10.06 -4.54 -31.47
C PHE D 110 -11.18 -5.19 -30.66
N HIS D 111 -12.42 -4.77 -30.89
CA HIS D 111 -13.54 -5.43 -30.22
C HIS D 111 -13.63 -6.88 -30.58
N ASP D 112 -13.50 -7.20 -31.86
CA ASP D 112 -13.58 -8.59 -32.36
C ASP D 112 -12.55 -9.45 -31.66
N SER D 113 -11.30 -8.97 -31.61
CA SER D 113 -10.24 -9.60 -30.83
C SER D 113 -10.66 -9.83 -29.40
N ASN D 114 -11.20 -8.78 -28.78
CA ASN D 114 -11.48 -8.90 -27.35
C ASN D 114 -12.48 -10.04 -27.12
N VAL D 115 -13.51 -10.15 -27.97
CA VAL D 115 -14.52 -11.20 -27.81
C VAL D 115 -13.89 -12.58 -27.98
N LYS D 116 -13.12 -12.78 -29.04
CA LYS D 116 -12.40 -14.05 -29.18
C LYS D 116 -11.57 -14.39 -27.95
N ASN D 117 -10.81 -13.45 -27.42
CA ASN D 117 -9.91 -13.80 -26.30
C ASN D 117 -10.71 -14.29 -25.10
N LEU D 118 -11.83 -13.63 -24.87
CA LEU D 118 -12.78 -14.08 -23.86
C LEU D 118 -13.33 -15.50 -24.14
N TYR D 119 -13.81 -15.73 -25.37
CA TYR D 119 -14.20 -17.07 -25.80
C TYR D 119 -13.12 -18.13 -25.58
N ASP D 120 -11.86 -17.81 -25.86
CA ASP D 120 -10.80 -18.82 -25.71
C ASP D 120 -10.54 -19.08 -24.25
N LYS D 121 -10.71 -18.05 -23.43
CA LYS D 121 -10.40 -18.12 -22.00
C LYS D 121 -11.32 -19.15 -21.38
N VAL D 122 -12.62 -18.97 -21.69
CA VAL D 122 -13.70 -19.84 -21.23
C VAL D 122 -13.52 -21.23 -21.80
N ARG D 123 -13.17 -21.33 -23.09
CA ARG D 123 -12.92 -22.65 -23.70
C ARG D 123 -11.87 -23.46 -22.96
N LEU D 124 -10.75 -22.84 -22.63
CA LEU D 124 -9.69 -23.57 -21.95
C LEU D 124 -10.13 -24.00 -20.56
N GLN D 125 -11.10 -23.29 -19.98
CA GLN D 125 -11.60 -23.61 -18.64
C GLN D 125 -12.44 -24.88 -18.62
N LEU D 126 -13.39 -24.93 -19.55
CA LEU D 126 -14.35 -26.00 -19.65
C LEU D 126 -13.76 -27.31 -20.19
N ARG D 127 -12.82 -27.20 -21.13
CA ARG D 127 -12.22 -28.37 -21.79
C ARG D 127 -13.33 -29.27 -22.33
N ASP D 128 -13.29 -30.57 -22.05
CA ASP D 128 -14.29 -31.48 -22.62
C ASP D 128 -15.46 -31.76 -21.68
N ASN D 129 -15.62 -30.94 -20.63
CA ASN D 129 -16.85 -30.91 -19.83
C ASN D 129 -18.01 -30.19 -20.54
N ALA D 130 -17.72 -29.55 -21.67
CA ALA D 130 -18.75 -28.99 -22.53
C ALA D 130 -18.38 -29.24 -23.99
N LYS D 131 -19.24 -28.81 -24.90
CA LYS D 131 -19.14 -29.11 -26.32
C LYS D 131 -19.19 -27.79 -27.03
N GLU D 132 -18.15 -27.52 -27.80
CA GLU D 132 -18.04 -26.23 -28.49
C GLU D 132 -19.06 -26.23 -29.63
N LEU D 133 -20.16 -25.53 -29.46
CA LEU D 133 -21.27 -25.67 -30.43
C LEU D 133 -20.95 -25.08 -31.80
N GLY D 134 -20.07 -24.08 -31.87
CA GLY D 134 -19.64 -23.50 -33.15
C GLY D 134 -20.07 -22.05 -33.32
N ASN D 135 -20.89 -21.56 -32.41
CA ASN D 135 -21.49 -20.23 -32.54
C ASN D 135 -21.18 -19.26 -31.40
N GLY D 136 -20.37 -19.69 -30.45
CA GLY D 136 -20.12 -18.91 -29.25
C GLY D 136 -20.57 -19.68 -28.04
N CYS D 137 -21.50 -20.62 -28.23
CA CYS D 137 -22.11 -21.31 -27.11
C CYS D 137 -21.41 -22.59 -26.82
N PHE D 138 -21.38 -22.92 -25.53
CA PHE D 138 -20.86 -24.17 -25.06
C PHE D 138 -22.01 -24.93 -24.44
N GLU D 139 -22.33 -26.12 -24.97
CA GLU D 139 -23.30 -27.03 -24.36
C GLU D 139 -22.63 -27.96 -23.35
N PHE D 140 -23.00 -27.80 -22.08
CA PHE D 140 -22.47 -28.60 -21.00
C PHE D 140 -22.93 -30.05 -21.13
N TYR D 141 -22.07 -30.97 -20.70
CA TYR D 141 -22.40 -32.40 -20.55
C TYR D 141 -22.80 -32.73 -19.11
N HIS D 142 -22.66 -31.75 -18.21
CA HIS D 142 -23.13 -31.87 -16.85
C HIS D 142 -24.16 -30.77 -16.59
N LYS D 143 -24.83 -30.88 -15.46
CA LYS D 143 -25.78 -29.88 -15.03
C LYS D 143 -25.02 -28.64 -14.50
N CYS D 144 -25.33 -27.49 -15.05
CA CYS D 144 -24.73 -26.23 -14.60
C CYS D 144 -25.85 -25.24 -14.18
N ASP D 145 -26.14 -25.25 -12.88
CA ASP D 145 -27.07 -24.31 -12.27
C ASP D 145 -26.40 -22.98 -12.04
N ASN D 146 -27.13 -22.03 -11.47
CA ASN D 146 -26.66 -20.67 -11.29
C ASN D 146 -25.32 -20.47 -10.57
N GLU D 147 -25.05 -21.22 -9.50
CA GLU D 147 -23.75 -21.08 -8.84
C GLU D 147 -22.60 -21.61 -9.73
N CYS D 148 -22.84 -22.73 -10.42
CA CYS D 148 -21.91 -23.24 -11.46
C CYS D 148 -21.69 -22.25 -12.65
N MET D 149 -22.74 -21.62 -13.15
CA MET D 149 -22.61 -20.65 -14.26
C MET D 149 -21.77 -19.42 -13.88
N GLU D 150 -21.94 -18.96 -12.63
CA GLU D 150 -21.18 -17.83 -12.09
C GLU D 150 -19.72 -18.22 -11.89
N SER D 151 -19.44 -19.50 -11.59
CA SER D 151 -18.05 -19.92 -11.46
C SER D 151 -17.37 -19.86 -12.83
N VAL D 152 -18.13 -20.14 -13.88
CA VAL D 152 -17.61 -19.98 -15.24
C VAL D 152 -17.33 -18.51 -15.53
N ARG D 153 -18.22 -17.62 -15.14
CA ARG D 153 -18.11 -16.18 -15.45
C ARG D 153 -17.02 -15.47 -14.66
N ASN D 154 -16.66 -15.98 -13.49
CA ASN D 154 -15.66 -15.32 -12.65
C ASN D 154 -14.32 -16.06 -12.63
N GLY D 155 -14.20 -17.05 -13.51
CA GLY D 155 -12.95 -17.80 -13.70
C GLY D 155 -12.50 -18.71 -12.56
N THR D 156 -13.46 -19.37 -11.91
CA THR D 156 -13.16 -20.31 -10.84
C THR D 156 -13.95 -21.59 -11.04
N TYR D 157 -14.07 -22.02 -12.29
CA TYR D 157 -14.78 -23.25 -12.62
C TYR D 157 -13.92 -24.50 -12.36
N ASP D 158 -14.52 -25.50 -11.70
CA ASP D 158 -13.84 -26.77 -11.35
C ASP D 158 -14.06 -27.87 -12.38
N TYR D 159 -13.15 -27.98 -13.33
CA TYR D 159 -13.16 -29.13 -14.21
C TYR D 159 -13.24 -30.49 -13.48
N PRO D 160 -12.46 -30.70 -12.40
CA PRO D 160 -12.51 -32.01 -11.66
C PRO D 160 -13.86 -32.37 -11.02
N GLN D 161 -14.56 -31.35 -10.52
CA GLN D 161 -15.86 -31.49 -9.84
C GLN D 161 -16.95 -32.14 -10.69
N TYR D 162 -17.01 -31.76 -11.97
CA TYR D 162 -18.07 -32.21 -12.87
C TYR D 162 -17.52 -33.26 -13.86
N SER D 163 -16.26 -33.62 -13.69
CA SER D 163 -15.52 -34.53 -14.57
C SER D 163 -16.21 -35.88 -14.85
N GLU D 164 -16.69 -36.52 -13.80
CA GLU D 164 -17.22 -37.87 -13.93
C GLU D 164 -18.57 -37.88 -14.66
N GLU D 165 -19.50 -37.00 -14.24
CA GLU D 165 -20.83 -36.94 -14.88
C GLU D 165 -20.72 -36.45 -16.31
N ALA D 166 -19.87 -35.46 -16.54
CA ALA D 166 -19.52 -35.04 -17.90
C ALA D 166 -19.09 -36.25 -18.71
N ARG D 167 -18.15 -37.02 -18.14
CA ARG D 167 -17.62 -38.24 -18.78
C ARG D 167 -18.70 -39.29 -19.12
N LEU D 168 -19.56 -39.65 -18.16
CA LEU D 168 -20.62 -40.63 -18.44
C LEU D 168 -21.65 -40.09 -19.43
N LYS D 169 -21.86 -38.76 -19.43
CA LYS D 169 -22.81 -38.12 -20.35
C LYS D 169 -22.36 -38.27 -21.79
N ARG D 170 -21.09 -37.97 -22.05
CA ARG D 170 -20.48 -38.22 -23.36
C ARG D 170 -20.64 -39.68 -23.74
N GLU D 171 -20.35 -40.57 -22.79
CA GLU D 171 -20.56 -42.00 -22.95
C GLU D 171 -22.04 -42.30 -22.88
N GLU D 172 -22.74 -41.85 -23.92
CA GLU D 172 -24.18 -41.96 -24.07
C GLU D 172 -24.54 -41.49 -25.49
N ILE D 173 -24.13 -40.27 -25.84
CA ILE D 173 -24.31 -39.75 -27.21
C ILE D 173 -23.67 -40.64 -28.27
N GLU E 1 34.55 -31.41 15.75
CA GLU E 1 34.00 -30.73 16.96
C GLU E 1 32.69 -30.01 16.66
N VAL E 2 32.46 -29.67 15.39
CA VAL E 2 31.24 -28.98 15.00
C VAL E 2 30.17 -30.03 14.78
N GLN E 3 29.03 -29.83 15.44
CA GLN E 3 27.88 -30.73 15.32
C GLN E 3 26.85 -30.04 14.48
N LEU E 4 26.30 -30.78 13.52
CA LEU E 4 25.20 -30.31 12.68
C LEU E 4 23.96 -31.07 13.04
N VAL E 5 22.96 -30.39 13.59
CA VAL E 5 21.72 -31.03 13.98
C VAL E 5 20.56 -30.49 13.17
N GLU E 6 19.82 -31.39 12.55
CA GLU E 6 18.72 -31.02 11.65
C GLU E 6 17.34 -31.21 12.31
N SER E 7 16.33 -30.60 11.70
CA SER E 7 14.96 -30.66 12.18
C SER E 7 14.29 -32.03 11.87
N GLY E 8 13.10 -32.25 12.42
CA GLY E 8 12.46 -33.57 12.41
C GLY E 8 12.02 -34.10 11.05
N ALA E 9 11.59 -35.36 10.98
CA ALA E 9 11.01 -35.90 9.74
C ALA E 9 9.84 -35.06 9.25
N GLU E 10 9.69 -34.97 7.94
CA GLU E 10 8.56 -34.29 7.33
C GLU E 10 7.81 -35.21 6.35
N VAL E 11 6.47 -35.06 6.30
CA VAL E 11 5.62 -35.79 5.34
C VAL E 11 4.77 -34.79 4.56
N LYS E 12 4.90 -34.81 3.24
CA LYS E 12 4.27 -33.80 2.42
C LYS E 12 3.52 -34.39 1.24
N LYS E 13 2.48 -33.68 0.82
CA LYS E 13 1.78 -33.98 -0.42
C LYS E 13 2.48 -33.36 -1.63
N PRO E 14 2.35 -34.02 -2.78
CA PRO E 14 2.99 -33.47 -3.97
C PRO E 14 2.51 -32.05 -4.30
N GLY E 15 3.42 -31.25 -4.83
CA GLY E 15 3.12 -29.88 -5.23
C GLY E 15 3.12 -28.89 -4.08
N SER E 16 3.52 -29.30 -2.89
CA SER E 16 3.65 -28.36 -1.78
C SER E 16 5.13 -28.18 -1.46
N SER E 17 5.42 -27.58 -0.31
CA SER E 17 6.78 -27.18 0.09
C SER E 17 7.18 -27.70 1.44
N VAL E 18 8.49 -27.98 1.57
CA VAL E 18 9.05 -28.33 2.85
C VAL E 18 10.21 -27.37 3.12
N LYS E 19 10.52 -27.14 4.39
CA LYS E 19 11.64 -26.29 4.79
C LYS E 19 12.36 -26.92 5.97
N VAL E 20 13.51 -27.52 5.71
CA VAL E 20 14.28 -28.21 6.71
C VAL E 20 15.26 -27.21 7.28
N SER E 21 15.65 -27.32 8.54
CA SER E 21 16.67 -26.43 9.12
C SER E 21 17.85 -27.26 9.54
N CYS E 22 18.94 -26.60 9.90
CA CYS E 22 20.18 -27.27 10.33
C CYS E 22 20.91 -26.33 11.31
N LYS E 23 21.10 -26.78 12.56
CA LYS E 23 21.73 -25.96 13.57
C LYS E 23 23.17 -26.44 13.78
N ALA E 24 24.13 -25.52 13.65
CA ALA E 24 25.56 -25.85 13.77
C ALA E 24 26.05 -25.40 15.15
N SER E 25 26.75 -26.26 15.87
CA SER E 25 27.30 -25.88 17.19
C SER E 25 28.40 -24.81 17.09
N GLY E 26 28.55 -24.04 18.16
CA GLY E 26 29.67 -23.08 18.27
C GLY E 26 29.20 -21.76 17.71
N GLY E 27 30.11 -21.00 17.10
CA GLY E 27 29.71 -19.79 16.43
C GLY E 27 29.16 -18.74 17.38
N PRO E 28 27.90 -18.30 17.21
CA PRO E 28 26.93 -18.69 16.19
C PRO E 28 27.32 -18.30 14.74
N PHE E 29 28.09 -17.25 14.53
CA PHE E 29 28.58 -16.95 13.18
C PHE E 29 29.68 -17.90 12.80
N ARG E 30 29.73 -18.32 11.54
CA ARG E 30 30.63 -19.35 11.04
C ARG E 30 31.54 -18.82 9.97
N SER E 31 32.72 -19.40 9.82
CA SER E 31 33.59 -19.04 8.71
C SER E 31 33.60 -20.05 7.56
N TYR E 32 32.70 -21.03 7.58
CA TYR E 32 32.63 -22.08 6.53
C TYR E 32 31.25 -22.13 5.91
N ALA E 33 31.14 -22.51 4.63
CA ALA E 33 29.86 -22.67 4.00
C ALA E 33 29.19 -23.95 4.47
N ILE E 34 27.87 -24.01 4.25
CA ILE E 34 27.08 -25.20 4.47
C ILE E 34 26.28 -25.53 3.22
N SER E 35 26.18 -26.83 2.92
CA SER E 35 25.42 -27.32 1.79
C SER E 35 24.30 -28.25 2.21
N TRP E 36 23.41 -28.51 1.24
CA TRP E 36 22.38 -29.52 1.39
C TRP E 36 22.58 -30.59 0.31
N VAL E 37 22.68 -31.84 0.76
CA VAL E 37 22.89 -32.97 -0.12
C VAL E 37 21.79 -33.95 0.23
N ARG E 38 21.14 -34.50 -0.80
CA ARG E 38 20.15 -35.53 -0.55
C ARG E 38 20.53 -36.87 -1.13
N GLN E 39 19.84 -37.89 -0.63
CA GLN E 39 20.05 -39.27 -1.05
C GLN E 39 18.73 -40.03 -1.06
N ALA E 40 18.35 -40.50 -2.23
CA ALA E 40 17.10 -41.21 -2.40
C ALA E 40 17.30 -42.71 -2.12
N PRO E 41 16.26 -43.39 -1.65
CA PRO E 41 16.51 -44.82 -1.38
C PRO E 41 17.15 -45.54 -2.60
N GLY E 42 18.29 -46.23 -2.36
CA GLY E 42 19.00 -46.98 -3.40
C GLY E 42 19.82 -46.14 -4.38
N GLN E 43 19.99 -44.85 -4.09
CA GLN E 43 20.66 -43.94 -5.03
C GLN E 43 21.90 -43.34 -4.40
N GLY E 44 22.76 -42.79 -5.24
CA GLY E 44 23.93 -42.04 -4.76
C GLY E 44 23.49 -40.68 -4.27
N PRO E 45 24.35 -39.99 -3.51
CA PRO E 45 24.03 -38.63 -3.08
C PRO E 45 23.97 -37.63 -4.24
N GLU E 46 23.05 -36.67 -4.14
CA GLU E 46 22.97 -35.51 -5.05
C GLU E 46 23.19 -34.26 -4.24
N TRP E 47 24.08 -33.39 -4.70
CA TRP E 47 24.24 -32.06 -4.07
C TRP E 47 23.09 -31.13 -4.53
N MET E 48 22.47 -30.43 -3.59
CA MET E 48 21.36 -29.51 -3.90
C MET E 48 21.83 -28.06 -4.05
N GLY E 49 22.60 -27.61 -3.07
CA GLY E 49 23.21 -26.26 -3.09
C GLY E 49 23.76 -25.90 -1.74
N GLY E 50 24.40 -24.75 -1.65
CA GLY E 50 24.91 -24.27 -0.36
C GLY E 50 25.00 -22.74 -0.31
N ILE E 51 25.37 -22.23 0.86
CA ILE E 51 25.40 -20.80 1.16
C ILE E 51 26.76 -20.41 1.77
N ILE E 52 27.30 -19.27 1.38
CA ILE E 52 28.64 -18.82 1.84
C ILE E 52 28.55 -17.86 3.01
N PRO E 53 29.40 -18.00 4.01
CA PRO E 53 29.28 -17.09 5.15
C PRO E 53 29.69 -15.64 4.79
N ILE E 54 29.21 -14.69 5.59
CA ILE E 54 29.37 -13.26 5.34
C ILE E 54 28.85 -12.86 3.97
N PHE E 55 29.45 -13.33 2.90
CA PHE E 55 28.93 -13.01 1.57
C PHE E 55 27.44 -13.30 1.42
N GLY E 56 26.96 -14.36 2.07
CA GLY E 56 25.57 -14.74 1.91
C GLY E 56 25.12 -15.33 0.57
N THR E 57 26.02 -15.43 -0.40
CA THR E 57 25.61 -15.88 -1.71
C THR E 57 25.29 -17.37 -1.70
N THR E 58 24.39 -17.76 -2.61
CA THR E 58 23.97 -19.15 -2.71
C THR E 58 24.37 -19.74 -4.07
N LYS E 59 24.56 -21.05 -4.08
CA LYS E 59 24.86 -21.78 -5.33
C LYS E 59 24.01 -23.04 -5.36
N TYR E 60 23.28 -23.24 -6.46
CA TYR E 60 22.35 -24.35 -6.57
C TYR E 60 22.77 -25.23 -7.72
N ALA E 61 22.26 -26.46 -7.73
CA ALA E 61 22.61 -27.40 -8.77
C ALA E 61 21.60 -27.20 -9.86
N PRO E 62 22.01 -27.42 -11.12
CA PRO E 62 21.09 -27.38 -12.24
C PRO E 62 19.79 -28.12 -11.97
N LYS E 63 19.89 -29.30 -11.37
CA LYS E 63 18.71 -30.12 -11.17
C LYS E 63 17.61 -29.40 -10.36
N PHE E 64 17.99 -28.48 -9.49
CA PHE E 64 17.04 -27.85 -8.58
C PHE E 64 16.90 -26.34 -8.73
N GLN E 65 17.90 -25.70 -9.34
CA GLN E 65 17.86 -24.26 -9.62
C GLN E 65 16.44 -23.94 -10.04
N GLY E 66 15.76 -23.11 -9.27
CA GLY E 66 14.39 -22.77 -9.58
C GLY E 66 13.37 -23.20 -8.56
N ARG E 67 13.65 -24.21 -7.75
CA ARG E 67 12.71 -24.59 -6.70
C ARG E 67 13.33 -24.86 -5.36
N VAL E 68 14.60 -24.54 -5.20
CA VAL E 68 15.23 -24.62 -3.87
C VAL E 68 15.64 -23.23 -3.41
N THR E 69 15.44 -22.94 -2.12
CA THR E 69 15.96 -21.70 -1.56
C THR E 69 16.74 -22.00 -0.30
N ILE E 70 18.04 -21.70 -0.30
CA ILE E 70 18.83 -21.89 0.93
C ILE E 70 18.95 -20.53 1.61
N THR E 71 18.71 -20.48 2.92
CA THR E 71 18.85 -19.24 3.68
C THR E 71 19.48 -19.50 5.02
N ALA E 72 19.94 -18.44 5.67
CA ALA E 72 20.67 -18.56 6.92
C ALA E 72 20.09 -17.65 7.97
N ASP E 73 20.25 -18.00 9.25
CA ASP E 73 20.00 -17.08 10.37
C ASP E 73 21.23 -17.18 11.24
N ASP E 74 22.24 -16.38 10.88
CA ASP E 74 23.58 -16.50 11.41
C ASP E 74 23.66 -16.28 12.89
N PHE E 75 22.69 -15.55 13.45
CA PHE E 75 22.71 -15.32 14.88
C PHE E 75 22.26 -16.54 15.64
N ALA E 76 21.42 -17.34 14.99
CA ALA E 76 20.94 -18.61 15.54
C ALA E 76 21.83 -19.81 15.15
N GLY E 77 22.85 -19.58 14.33
CA GLY E 77 23.73 -20.64 13.85
C GLY E 77 23.00 -21.66 12.99
N THR E 78 22.09 -21.18 12.16
CA THR E 78 21.12 -22.06 11.53
C THR E 78 21.03 -21.74 10.04
N VAL E 79 21.11 -22.77 9.20
CA VAL E 79 20.73 -22.59 7.79
C VAL E 79 19.46 -23.39 7.48
N TYR E 80 18.74 -22.96 6.47
CA TYR E 80 17.47 -23.53 6.07
C TYR E 80 17.51 -23.89 4.60
N MET E 81 16.72 -24.90 4.24
CA MET E 81 16.57 -25.35 2.86
C MET E 81 15.09 -25.51 2.61
N GLU E 82 14.57 -24.84 1.59
CA GLU E 82 13.18 -24.97 1.22
C GLU E 82 13.08 -25.46 -0.22
N LEU E 83 12.42 -26.61 -0.39
CA LEU E 83 12.23 -27.21 -1.71
C LEU E 83 10.76 -27.23 -2.00
N SER E 84 10.36 -26.57 -3.08
CA SER E 84 8.94 -26.48 -3.44
C SER E 84 8.59 -27.25 -4.74
N SER E 85 7.30 -27.32 -5.07
CA SER E 85 6.77 -28.17 -6.15
C SER E 85 7.21 -29.61 -5.97
N LEU E 86 6.85 -30.18 -4.83
CA LEU E 86 7.39 -31.48 -4.47
C LEU E 86 6.79 -32.59 -5.35
N ARG E 87 7.61 -33.60 -5.57
CA ARG E 87 7.20 -34.79 -6.28
C ARG E 87 7.68 -35.98 -5.50
N SER E 88 7.18 -37.16 -5.83
CA SER E 88 7.50 -38.35 -5.07
C SER E 88 8.98 -38.75 -5.19
N GLU E 89 9.65 -38.33 -6.25
CA GLU E 89 11.08 -38.56 -6.37
C GLU E 89 11.94 -37.64 -5.49
N ASP E 90 11.31 -36.71 -4.76
CA ASP E 90 11.98 -35.92 -3.73
C ASP E 90 11.94 -36.65 -2.40
N THR E 91 11.20 -37.76 -2.33
CA THR E 91 11.27 -38.62 -1.16
C THR E 91 12.71 -39.09 -1.02
N ALA E 92 13.36 -38.67 0.07
CA ALA E 92 14.78 -38.93 0.28
C ALA E 92 15.22 -38.56 1.68
N MET E 93 16.46 -38.91 1.99
CA MET E 93 17.13 -38.44 3.19
C MET E 93 17.86 -37.14 2.81
N TYR E 94 17.63 -36.09 3.60
CA TYR E 94 18.22 -34.77 3.36
C TYR E 94 19.26 -34.47 4.41
N TYR E 95 20.50 -34.33 3.95
CA TYR E 95 21.63 -34.05 4.83
C TYR E 95 22.06 -32.60 4.69
N CYS E 96 22.34 -31.90 5.79
CA CYS E 96 23.20 -30.69 5.70
C CYS E 96 24.63 -31.10 5.94
N ALA E 97 25.55 -30.49 5.21
CA ALA E 97 26.96 -30.82 5.34
C ALA E 97 27.77 -29.54 5.26
N LYS E 98 28.76 -29.40 6.13
CA LYS E 98 29.63 -28.23 6.12
C LYS E 98 30.89 -28.49 5.30
N HIS E 99 31.43 -27.45 4.66
CA HIS E 99 32.70 -27.55 3.93
C HIS E 99 33.87 -27.20 4.82
N MET E 100 35.08 -27.38 4.32
CA MET E 100 36.26 -27.07 5.12
C MET E 100 36.43 -25.56 5.30
N GLY E 101 35.97 -24.79 4.30
CA GLY E 101 36.13 -23.34 4.30
C GLY E 101 34.91 -22.58 3.83
N TYR E 102 35.17 -21.38 3.33
CA TYR E 102 34.09 -20.45 2.97
C TYR E 102 33.49 -20.82 1.63
N GLN E 103 34.22 -21.53 0.76
CA GLN E 103 33.66 -21.89 -0.55
C GLN E 103 32.88 -23.17 -0.53
N VAL E 104 31.78 -23.22 -1.27
CA VAL E 104 31.10 -24.51 -1.53
C VAL E 104 31.91 -25.22 -2.58
N ARG E 105 32.11 -26.52 -2.38
CA ARG E 105 33.21 -27.27 -3.01
C ARG E 105 32.89 -28.76 -2.81
N GLU E 106 33.64 -29.62 -3.50
CA GLU E 106 33.45 -31.08 -3.39
C GLU E 106 33.76 -31.67 -2.02
N THR E 107 34.39 -30.91 -1.14
CA THR E 107 34.83 -31.42 0.15
C THR E 107 33.99 -30.95 1.32
N MET E 108 33.27 -31.88 1.92
CA MET E 108 32.39 -31.59 3.03
C MET E 108 32.78 -32.54 4.15
N ASP E 109 33.29 -31.98 5.25
CA ASP E 109 34.04 -32.78 6.20
C ASP E 109 33.23 -33.22 7.40
N VAL E 110 32.08 -32.61 7.61
CA VAL E 110 31.17 -32.98 8.70
C VAL E 110 29.74 -32.94 8.19
N TRP E 111 28.96 -33.98 8.53
CA TRP E 111 27.59 -34.12 8.05
C TRP E 111 26.60 -34.21 9.19
N GLY E 112 25.38 -33.77 8.97
CA GLY E 112 24.30 -34.05 9.92
C GLY E 112 23.85 -35.51 9.81
N LYS E 113 23.10 -35.99 10.81
CA LYS E 113 22.62 -37.38 10.81
C LYS E 113 21.64 -37.67 9.65
N GLY E 114 20.90 -36.66 9.21
CA GLY E 114 19.95 -36.78 8.11
C GLY E 114 18.54 -36.56 8.63
N THR E 115 17.66 -36.12 7.76
CA THR E 115 16.24 -36.03 8.09
C THR E 115 15.47 -36.49 6.85
N THR E 116 14.41 -37.28 7.03
CA THR E 116 13.66 -37.82 5.89
C THR E 116 12.50 -36.88 5.55
N VAL E 117 12.29 -36.66 4.27
CA VAL E 117 11.00 -36.19 3.78
C VAL E 117 10.42 -37.23 2.82
N THR E 118 9.18 -37.61 3.10
CA THR E 118 8.39 -38.52 2.28
C THR E 118 7.37 -37.70 1.50
N VAL E 119 7.37 -37.79 0.18
CA VAL E 119 6.37 -37.08 -0.62
C VAL E 119 5.37 -38.12 -1.15
N SER E 120 4.19 -38.18 -0.53
CA SER E 120 3.10 -39.06 -0.98
C SER E 120 1.79 -38.30 -1.00
N SER E 121 0.86 -38.74 -1.86
CA SER E 121 -0.48 -38.13 -1.95
C SER E 121 -1.47 -38.59 -0.87
N ALA E 122 -1.06 -39.59 -0.09
CA ALA E 122 -1.83 -40.09 1.05
C ALA E 122 -1.89 -39.03 2.14
N SER E 123 -3.06 -38.88 2.73
CA SER E 123 -3.19 -38.12 3.96
C SER E 123 -2.82 -39.11 5.03
N THR E 124 -2.61 -38.64 6.25
CA THR E 124 -2.26 -39.51 7.35
C THR E 124 -3.54 -40.24 7.79
N LYS E 125 -3.48 -41.57 7.91
CA LYS E 125 -4.63 -42.40 8.32
C LYS E 125 -4.21 -43.44 9.38
N GLY E 126 -4.99 -43.56 10.45
CA GLY E 126 -4.80 -44.64 11.43
C GLY E 126 -5.27 -45.99 10.91
N PRO E 127 -4.67 -47.08 11.42
CA PRO E 127 -5.01 -48.41 10.91
C PRO E 127 -6.35 -48.93 11.41
N SER E 128 -6.87 -49.91 10.67
CA SER E 128 -7.89 -50.81 11.19
C SER E 128 -7.09 -52.03 11.56
N VAL E 129 -7.36 -52.58 12.74
CA VAL E 129 -6.66 -53.76 13.21
C VAL E 129 -7.62 -54.94 13.38
N PHE E 130 -7.53 -55.92 12.48
CA PHE E 130 -8.34 -57.14 12.54
C PHE E 130 -7.59 -58.36 13.10
N PRO E 131 -8.32 -59.31 13.72
CA PRO E 131 -7.68 -60.50 14.24
C PRO E 131 -7.53 -61.56 13.15
N LEU E 132 -6.44 -62.31 13.23
CA LEU E 132 -6.21 -63.46 12.34
C LEU E 132 -6.26 -64.74 13.17
N ALA E 133 -7.36 -65.50 13.03
CA ALA E 133 -7.70 -66.62 13.96
C ALA E 133 -7.02 -67.95 13.63
N PRO E 134 -6.67 -68.75 14.66
CA PRO E 134 -6.33 -70.18 14.52
C PRO E 134 -7.39 -71.03 13.82
N GLY E 142 1.91 -80.79 16.46
CA GLY E 142 1.84 -79.67 15.54
C GLY E 142 1.46 -78.38 16.25
N THR E 143 1.97 -77.26 15.76
CA THR E 143 1.70 -75.95 16.34
C THR E 143 0.51 -75.28 15.59
N ALA E 144 0.42 -73.97 15.60
CA ALA E 144 -0.66 -73.26 14.92
C ALA E 144 -0.41 -71.75 14.96
N ALA E 145 -0.90 -71.03 13.95
CA ALA E 145 -0.62 -69.60 13.80
C ALA E 145 -1.81 -68.74 14.13
N LEU E 146 -1.54 -67.64 14.83
CA LEU E 146 -2.51 -66.54 14.97
C LEU E 146 -1.81 -65.20 14.67
N GLY E 147 -2.60 -64.17 14.42
CA GLY E 147 -2.02 -62.87 14.13
C GLY E 147 -2.94 -61.66 14.17
N CYS E 148 -2.44 -60.57 13.60
CA CYS E 148 -3.19 -59.34 13.45
C CYS E 148 -2.96 -58.74 12.09
N LEU E 149 -4.05 -58.36 11.43
CA LEU E 149 -4.00 -57.59 10.20
C LEU E 149 -4.07 -56.11 10.61
N VAL E 150 -3.05 -55.35 10.23
CA VAL E 150 -2.96 -53.92 10.53
C VAL E 150 -3.06 -53.24 9.17
N LYS E 151 -4.22 -52.64 8.91
CA LYS E 151 -4.69 -52.39 7.56
C LYS E 151 -4.86 -50.90 7.26
N ASP E 152 -4.41 -50.48 6.07
CA ASP E 152 -4.57 -49.11 5.58
C ASP E 152 -4.23 -48.01 6.58
N TYR E 153 -2.93 -47.81 6.80
CA TYR E 153 -2.44 -46.68 7.61
C TYR E 153 -1.41 -45.89 6.81
N PHE E 154 -1.32 -44.59 7.10
CA PHE E 154 -0.25 -43.76 6.55
C PHE E 154 0.19 -42.71 7.57
N PRO E 155 1.52 -42.48 7.71
CA PRO E 155 2.65 -43.19 7.12
C PRO E 155 3.33 -44.15 8.12
N GLU E 156 4.51 -44.64 7.74
CA GLU E 156 5.31 -45.47 8.63
C GLU E 156 5.76 -44.62 9.83
N PRO E 157 5.92 -45.23 11.02
CA PRO E 157 5.86 -46.65 11.27
C PRO E 157 4.62 -46.98 12.07
N VAL E 158 4.51 -48.25 12.44
CA VAL E 158 3.51 -48.71 13.37
C VAL E 158 4.22 -49.75 14.25
N THR E 159 3.83 -49.79 15.53
CA THR E 159 4.40 -50.74 16.50
C THR E 159 3.34 -51.80 16.82
N VAL E 160 3.73 -53.06 16.65
CA VAL E 160 2.92 -54.18 17.11
C VAL E 160 3.69 -54.93 18.18
N SER E 161 3.11 -54.99 19.38
CA SER E 161 3.63 -55.83 20.46
C SER E 161 2.56 -56.85 20.85
N TRP E 162 2.99 -58.02 21.29
CA TRP E 162 2.05 -59.04 21.78
C TRP E 162 2.04 -59.10 23.32
N ASN E 163 0.83 -59.20 23.89
CA ASN E 163 0.62 -59.16 25.34
C ASN E 163 1.48 -58.10 26.05
N SER E 164 1.29 -56.84 25.68
CA SER E 164 2.02 -55.72 26.28
C SER E 164 3.55 -55.88 26.26
N GLY E 165 4.05 -56.67 25.32
CA GLY E 165 5.49 -56.92 25.18
C GLY E 165 5.99 -58.19 25.86
N ALA E 166 5.07 -59.02 26.36
CA ALA E 166 5.42 -60.25 27.07
C ALA E 166 5.91 -61.34 26.12
N LEU E 167 5.18 -61.53 25.00
CA LEU E 167 5.50 -62.61 24.08
C LEU E 167 6.54 -62.18 23.07
N THR E 168 7.72 -62.78 23.14
CA THR E 168 8.74 -62.54 22.13
C THR E 168 8.99 -63.81 21.32
N SER E 169 9.13 -64.94 22.01
CA SER E 169 9.34 -66.23 21.36
C SER E 169 8.34 -66.44 20.21
N GLY E 170 8.85 -66.81 19.04
CA GLY E 170 8.03 -67.23 17.91
C GLY E 170 7.29 -66.15 17.14
N VAL E 171 7.43 -64.89 17.58
CA VAL E 171 6.74 -63.76 16.96
C VAL E 171 7.49 -63.30 15.71
N HIS E 172 6.71 -62.83 14.73
CA HIS E 172 7.23 -62.36 13.45
C HIS E 172 6.29 -61.27 12.95
N THR E 173 6.71 -60.01 13.05
CA THR E 173 6.01 -58.94 12.37
C THR E 173 6.66 -58.76 11.02
N PHE E 174 5.83 -58.56 10.00
CA PHE E 174 6.29 -58.46 8.63
C PHE E 174 6.39 -57.01 8.17
N PRO E 175 7.39 -56.70 7.31
CA PRO E 175 7.47 -55.39 6.64
C PRO E 175 6.16 -55.06 5.93
N ALA E 176 5.70 -53.83 6.05
CA ALA E 176 4.46 -53.43 5.41
C ALA E 176 4.59 -53.49 3.89
N VAL E 177 3.45 -53.52 3.21
CA VAL E 177 3.33 -53.51 1.76
C VAL E 177 2.93 -52.10 1.42
N LEU E 178 3.33 -51.60 0.26
CA LEU E 178 2.88 -50.28 -0.17
C LEU E 178 1.79 -50.43 -1.21
N GLN E 179 0.56 -50.25 -0.79
CA GLN E 179 -0.55 -50.40 -1.72
C GLN E 179 -0.49 -49.35 -2.83
N SER E 180 -1.10 -49.64 -3.98
CA SER E 180 -1.39 -48.63 -5.02
C SER E 180 -2.16 -47.41 -4.51
N SER E 181 -2.95 -47.57 -3.45
CA SER E 181 -3.68 -46.46 -2.83
C SER E 181 -2.76 -45.47 -2.10
N GLY E 182 -1.50 -45.84 -1.92
CA GLY E 182 -0.58 -45.04 -1.13
C GLY E 182 -0.52 -45.42 0.35
N LEU E 183 -1.60 -46.02 0.87
CA LEU E 183 -1.65 -46.51 2.25
C LEU E 183 -0.86 -47.80 2.47
N TYR E 184 -0.43 -48.02 3.71
CA TYR E 184 0.36 -49.20 4.08
C TYR E 184 -0.49 -50.27 4.78
N SER E 185 -0.03 -51.51 4.73
CA SER E 185 -0.65 -52.58 5.52
C SER E 185 0.42 -53.54 5.95
N LEU E 186 0.35 -54.02 7.19
CA LEU E 186 1.23 -55.11 7.64
C LEU E 186 0.47 -56.13 8.48
N SER E 187 1.10 -57.26 8.74
CA SER E 187 0.50 -58.27 9.63
C SER E 187 1.53 -58.96 10.52
N SER E 188 1.13 -59.23 11.77
CA SER E 188 1.99 -59.84 12.77
C SER E 188 1.48 -61.24 13.14
N VAL E 189 2.37 -62.23 13.13
CA VAL E 189 1.98 -63.61 13.37
C VAL E 189 2.81 -64.25 14.46
N VAL E 190 2.15 -65.06 15.29
CA VAL E 190 2.85 -65.81 16.32
C VAL E 190 2.50 -67.29 16.20
N THR E 191 3.54 -68.14 16.17
CA THR E 191 3.37 -69.59 16.24
C THR E 191 3.24 -69.95 17.70
N VAL E 192 2.21 -70.71 18.04
CA VAL E 192 1.92 -71.05 19.42
C VAL E 192 1.45 -72.51 19.52
N PRO E 193 1.64 -73.14 20.70
CA PRO E 193 1.16 -74.52 20.88
C PRO E 193 -0.35 -74.65 20.78
N SER E 194 -0.81 -75.57 19.94
CA SER E 194 -2.24 -75.84 19.77
C SER E 194 -2.94 -76.15 21.11
N SER E 195 -2.23 -76.84 22.01
CA SER E 195 -2.76 -77.20 23.34
C SER E 195 -3.26 -76.01 24.17
N SER E 196 -2.69 -74.84 23.95
CA SER E 196 -3.02 -73.64 24.71
C SER E 196 -4.24 -72.83 24.18
N LEU E 197 -4.76 -73.21 23.01
CA LEU E 197 -5.66 -72.33 22.22
C LEU E 197 -6.87 -71.74 22.97
N GLY E 198 -7.79 -72.60 23.39
CA GLY E 198 -9.03 -72.15 24.05
C GLY E 198 -8.99 -72.11 25.57
N THR E 199 -7.87 -71.63 26.13
CA THR E 199 -7.70 -71.48 27.60
C THR E 199 -6.86 -70.22 27.92
N GLN E 200 -5.71 -70.10 27.24
CA GLN E 200 -4.86 -68.91 27.28
C GLN E 200 -5.48 -67.76 26.44
N THR E 201 -4.85 -66.58 26.50
CA THR E 201 -5.41 -65.34 25.97
C THR E 201 -4.34 -64.53 25.23
N TYR E 202 -4.69 -64.03 24.05
CA TYR E 202 -3.75 -63.30 23.18
C TYR E 202 -4.30 -61.96 22.67
N ILE E 203 -3.65 -60.88 23.10
CA ILE E 203 -4.00 -59.51 22.72
C ILE E 203 -2.83 -58.96 21.91
N CYS E 204 -3.11 -58.32 20.78
CA CYS E 204 -2.03 -57.66 20.01
C CYS E 204 -2.20 -56.14 20.10
N ASN E 205 -1.10 -55.46 20.40
CA ASN E 205 -1.14 -54.06 20.80
C ASN E 205 -0.57 -53.23 19.68
N VAL E 206 -1.48 -52.52 19.00
CA VAL E 206 -1.12 -51.74 17.83
C VAL E 206 -1.05 -50.27 18.19
N ASN E 207 0.08 -49.66 17.91
CA ASN E 207 0.25 -48.24 18.19
C ASN E 207 0.75 -47.56 16.93
N HIS E 208 0.00 -46.57 16.46
CA HIS E 208 0.40 -45.73 15.33
C HIS E 208 0.49 -44.34 15.91
N LYS E 209 1.73 -43.88 16.12
CA LYS E 209 1.97 -42.58 16.73
C LYS E 209 1.40 -41.49 15.84
N PRO E 210 1.84 -41.43 14.57
CA PRO E 210 1.39 -40.36 13.68
C PRO E 210 -0.11 -40.08 13.69
N SER E 211 -0.95 -41.09 13.94
CA SER E 211 -2.41 -40.90 13.94
C SER E 211 -3.02 -40.81 15.33
N ASN E 212 -2.22 -41.07 16.36
CA ASN E 212 -2.66 -41.12 17.77
C ASN E 212 -3.72 -42.20 18.04
N THR E 213 -3.63 -43.29 17.28
CA THR E 213 -4.53 -44.44 17.47
C THR E 213 -3.81 -45.57 18.22
N LYS E 214 -4.29 -45.86 19.43
CA LYS E 214 -3.81 -47.00 20.21
C LYS E 214 -4.91 -48.04 20.17
N VAL E 215 -4.58 -49.25 19.75
CA VAL E 215 -5.56 -50.34 19.72
C VAL E 215 -4.93 -51.60 20.26
N ASP E 216 -5.76 -52.41 20.91
CA ASP E 216 -5.45 -53.81 21.22
C ASP E 216 -6.61 -54.64 20.69
N LYS E 217 -6.31 -55.79 20.09
CA LYS E 217 -7.35 -56.68 19.56
C LYS E 217 -7.13 -58.09 20.06
N ARG E 218 -8.08 -58.59 20.85
CA ARG E 218 -7.99 -59.95 21.40
C ARG E 218 -8.17 -60.91 20.23
N VAL E 219 -7.27 -61.90 20.14
CA VAL E 219 -7.35 -62.94 19.09
C VAL E 219 -7.83 -64.31 19.68
N GLU E 220 -9.05 -64.67 19.31
CA GLU E 220 -9.73 -65.89 19.78
C GLU E 220 -9.95 -66.86 18.62
N PRO E 221 -10.25 -68.14 18.92
CA PRO E 221 -10.78 -68.99 17.85
C PRO E 221 -12.31 -69.10 17.90
N VAL F 3 27.42 -36.79 -14.47
CA VAL F 3 27.61 -37.93 -15.40
C VAL F 3 29.03 -38.49 -15.22
N LEU F 4 29.28 -39.07 -14.04
CA LEU F 4 30.64 -39.45 -13.59
C LEU F 4 30.76 -40.97 -13.33
N THR F 5 31.67 -41.60 -14.07
CA THR F 5 31.72 -43.06 -14.21
C THR F 5 32.50 -43.78 -13.11
N GLN F 6 31.88 -44.83 -12.56
CA GLN F 6 32.40 -45.58 -11.43
C GLN F 6 31.89 -47.04 -11.56
N PRO F 7 32.75 -48.04 -11.29
CA PRO F 7 32.31 -49.43 -11.42
C PRO F 7 31.36 -49.88 -10.28
N PRO F 8 30.18 -50.42 -10.63
CA PRO F 8 29.14 -50.80 -9.66
C PRO F 8 29.60 -51.59 -8.43
N SER F 9 30.50 -52.55 -8.61
CA SER F 9 31.01 -53.31 -7.46
C SER F 9 32.43 -53.82 -7.61
N VAL F 10 33.05 -54.05 -6.46
CA VAL F 10 34.42 -54.57 -6.37
C VAL F 10 34.47 -55.49 -5.14
N SER F 11 35.28 -56.55 -5.24
CA SER F 11 35.29 -57.62 -4.25
C SER F 11 36.72 -58.03 -3.85
N ALA F 12 36.88 -58.48 -2.61
CA ALA F 12 38.16 -58.98 -2.14
C ALA F 12 38.09 -59.52 -0.73
N ALA F 13 39.14 -60.26 -0.36
CA ALA F 13 39.21 -60.99 0.91
C ALA F 13 40.04 -60.25 1.96
N PRO F 14 39.65 -60.38 3.23
CA PRO F 14 40.29 -59.65 4.35
C PRO F 14 41.82 -59.66 4.30
N GLY F 15 42.42 -58.57 3.84
CA GLY F 15 43.88 -58.41 3.85
C GLY F 15 44.49 -57.91 2.55
N GLN F 16 43.74 -57.99 1.44
CA GLN F 16 44.21 -57.51 0.12
C GLN F 16 44.01 -55.99 -0.07
N LYS F 17 44.46 -55.48 -1.23
CA LYS F 17 44.30 -54.07 -1.61
C LYS F 17 43.40 -53.87 -2.85
N VAL F 18 42.16 -53.41 -2.61
CA VAL F 18 41.18 -53.10 -3.67
C VAL F 18 41.42 -51.71 -4.24
N THR F 19 40.91 -51.47 -5.46
CA THR F 19 40.96 -50.12 -6.06
C THR F 19 39.67 -49.70 -6.79
N ILE F 20 39.07 -48.61 -6.32
CA ILE F 20 37.86 -48.06 -6.95
C ILE F 20 38.24 -46.88 -7.81
N SER F 21 37.98 -46.99 -9.11
CA SER F 21 38.27 -45.91 -10.04
C SER F 21 37.05 -45.03 -10.23
N CYS F 22 37.28 -43.89 -10.87
CA CYS F 22 36.26 -42.87 -11.05
C CYS F 22 36.71 -42.00 -12.22
N SER F 23 35.78 -41.67 -13.12
CA SER F 23 36.14 -41.12 -14.42
C SER F 23 35.12 -40.15 -15.04
N GLY F 24 35.62 -39.06 -15.62
CA GLY F 24 34.79 -38.06 -16.30
C GLY F 24 35.63 -37.14 -17.17
N SER F 25 34.99 -36.17 -17.84
CA SER F 25 35.67 -35.33 -18.83
C SER F 25 36.65 -34.28 -18.23
N SER F 26 37.25 -33.46 -19.10
CA SER F 26 38.18 -32.40 -18.69
C SER F 26 37.54 -31.37 -17.77
N SER F 27 36.24 -31.12 -17.98
CA SER F 27 35.50 -30.09 -17.22
C SER F 27 35.13 -30.48 -15.77
N ASN F 28 35.55 -31.66 -15.33
CA ASN F 28 35.49 -32.02 -13.90
C ASN F 28 36.85 -32.47 -13.34
N ILE F 29 37.29 -33.71 -13.63
CA ILE F 29 38.52 -34.26 -13.02
C ILE F 29 39.81 -33.63 -13.54
N GLY F 30 39.84 -33.28 -14.84
CA GLY F 30 41.05 -32.75 -15.47
C GLY F 30 41.58 -31.50 -14.78
N ASN F 31 40.70 -30.51 -14.63
CA ASN F 31 41.03 -29.28 -13.92
C ASN F 31 40.84 -29.44 -12.40
N ASP F 32 39.65 -29.86 -11.98
CA ASP F 32 39.23 -29.73 -10.58
C ASP F 32 39.64 -30.95 -9.75
N TYR F 33 39.57 -30.81 -8.43
CA TYR F 33 40.06 -31.82 -7.48
C TYR F 33 39.00 -32.91 -7.22
N VAL F 34 39.41 -34.03 -6.63
CA VAL F 34 38.50 -35.12 -6.27
C VAL F 34 38.57 -35.42 -4.78
N SER F 35 37.42 -35.71 -4.18
CA SER F 35 37.35 -36.22 -2.81
C SER F 35 36.56 -37.53 -2.82
N TRP F 36 36.78 -38.39 -1.82
CA TRP F 36 36.11 -39.68 -1.75
C TRP F 36 35.41 -39.82 -0.42
N TYR F 37 34.30 -40.55 -0.45
CA TYR F 37 33.39 -40.68 0.69
C TYR F 37 33.01 -42.15 0.94
N GLN F 38 32.75 -42.48 2.19
CA GLN F 38 32.36 -43.82 2.58
C GLN F 38 30.99 -43.80 3.21
N GLN F 39 30.11 -44.71 2.80
CA GLN F 39 28.80 -44.77 3.42
C GLN F 39 28.36 -46.16 3.89
N LEU F 40 28.25 -46.28 5.22
CA LEU F 40 27.77 -47.49 5.87
C LEU F 40 26.27 -47.36 6.11
N PRO F 41 25.51 -48.46 5.91
CA PRO F 41 24.06 -48.35 5.99
C PRO F 41 23.60 -47.72 7.31
N GLY F 42 22.68 -46.75 7.21
CA GLY F 42 22.15 -46.05 8.38
C GLY F 42 22.92 -44.79 8.75
N THR F 43 24.00 -44.49 8.01
CA THR F 43 24.89 -43.39 8.35
C THR F 43 25.17 -42.45 7.18
N ALA F 44 25.42 -41.19 7.50
CA ALA F 44 25.75 -40.18 6.50
C ALA F 44 27.08 -40.51 5.84
N PRO F 45 27.27 -40.09 4.59
CA PRO F 45 28.59 -40.22 4.01
C PRO F 45 29.67 -39.65 4.93
N LYS F 46 30.88 -40.17 4.76
CA LYS F 46 31.98 -39.82 5.64
C LYS F 46 33.21 -39.53 4.78
N LEU F 47 33.85 -38.38 5.01
CA LEU F 47 34.95 -37.93 4.15
C LEU F 47 36.17 -38.83 4.40
N LEU F 48 36.64 -39.51 3.34
CA LEU F 48 37.77 -40.45 3.45
C LEU F 48 39.05 -39.74 2.99
N ILE F 49 39.02 -39.15 1.80
CA ILE F 49 40.15 -38.34 1.34
C ILE F 49 39.69 -37.10 0.57
N TYR F 50 40.54 -36.06 0.56
CA TYR F 50 40.25 -34.84 -0.19
C TYR F 50 41.45 -34.28 -0.98
N ASP F 51 41.16 -33.30 -1.86
CA ASP F 51 42.16 -32.62 -2.68
C ASP F 51 42.97 -33.63 -3.49
N ASN F 52 42.33 -34.70 -3.96
CA ASN F 52 42.97 -35.78 -4.71
C ASN F 52 43.61 -36.84 -3.83
N ASN F 53 44.44 -36.45 -2.86
CA ASN F 53 45.23 -37.43 -2.08
C ASN F 53 45.48 -37.09 -0.60
N LYS F 54 44.92 -35.99 -0.08
CA LYS F 54 45.07 -35.66 1.33
C LYS F 54 44.05 -36.47 2.07
N ARG F 55 44.22 -36.58 3.38
CA ARG F 55 43.45 -37.49 4.20
C ARG F 55 43.19 -36.84 5.54
N PRO F 56 41.93 -36.62 5.90
CA PRO F 56 41.64 -35.91 7.13
C PRO F 56 41.92 -36.72 8.37
N SER F 57 42.11 -36.05 9.51
CA SER F 57 42.39 -36.73 10.78
C SER F 57 41.26 -37.68 11.15
N GLY F 58 41.62 -38.82 11.72
CA GLY F 58 40.68 -39.91 12.04
C GLY F 58 40.73 -41.06 11.03
N ILE F 59 41.19 -40.77 9.82
CA ILE F 59 41.19 -41.73 8.75
C ILE F 59 42.56 -42.43 8.65
N PRO F 60 42.59 -43.77 8.81
CA PRO F 60 43.84 -44.51 8.77
C PRO F 60 44.47 -44.52 7.37
N ASP F 61 45.81 -44.61 7.34
CA ASP F 61 46.57 -44.47 6.08
C ASP F 61 46.53 -45.72 5.18
N ARG F 62 45.65 -46.66 5.47
CA ARG F 62 45.30 -47.72 4.52
C ARG F 62 44.44 -47.18 3.37
N PHE F 63 43.74 -46.06 3.60
CA PHE F 63 43.01 -45.40 2.53
C PHE F 63 43.92 -44.38 1.86
N SER F 64 43.83 -44.29 0.54
CA SER F 64 44.52 -43.25 -0.23
C SER F 64 43.89 -43.11 -1.62
N GLY F 65 44.40 -42.18 -2.42
CA GLY F 65 43.92 -42.03 -3.79
C GLY F 65 44.80 -41.14 -4.64
N SER F 66 44.50 -41.07 -5.93
CA SER F 66 45.26 -40.26 -6.89
C SER F 66 44.44 -39.99 -8.13
N LYS F 67 44.99 -39.15 -9.02
CA LYS F 67 44.33 -38.77 -10.28
C LYS F 67 45.24 -39.08 -11.47
N SER F 68 45.26 -40.35 -11.90
CA SER F 68 46.18 -40.85 -12.94
C SER F 68 45.84 -40.40 -14.39
N GLY F 69 45.34 -39.17 -14.52
CA GLY F 69 44.83 -38.65 -15.79
C GLY F 69 43.49 -37.99 -15.52
N THR F 70 42.64 -37.87 -16.54
CA THR F 70 41.25 -37.39 -16.37
C THR F 70 40.33 -38.46 -15.72
N SER F 71 40.84 -39.11 -14.68
CA SER F 71 40.13 -40.11 -13.90
C SER F 71 40.93 -40.33 -12.60
N ALA F 72 40.27 -40.76 -11.53
CA ALA F 72 40.92 -40.90 -10.24
C ALA F 72 40.48 -42.16 -9.53
N THR F 73 41.37 -42.69 -8.70
CA THR F 73 41.15 -43.94 -8.02
C THR F 73 41.39 -43.84 -6.53
N LEU F 74 40.70 -44.70 -5.80
CA LEU F 74 40.83 -44.82 -4.35
C LEU F 74 41.36 -46.22 -4.12
N GLY F 75 42.17 -46.39 -3.07
CA GLY F 75 42.72 -47.68 -2.73
C GLY F 75 42.59 -47.94 -1.24
N ILE F 76 42.12 -49.15 -0.89
CA ILE F 76 42.12 -49.63 0.48
C ILE F 76 43.07 -50.83 0.55
N THR F 77 43.73 -51.00 1.70
CA THR F 77 44.67 -52.09 1.92
C THR F 77 44.48 -52.63 3.32
N GLY F 78 44.64 -53.95 3.50
CA GLY F 78 44.48 -54.59 4.80
C GLY F 78 43.02 -54.53 5.24
N LEU F 79 42.12 -54.77 4.30
CA LEU F 79 40.72 -54.37 4.46
C LEU F 79 39.96 -55.26 5.42
N GLN F 80 39.12 -54.64 6.24
CA GLN F 80 38.43 -55.34 7.33
C GLN F 80 36.95 -55.50 6.97
N THR F 81 36.21 -56.23 7.81
CA THR F 81 34.77 -56.38 7.60
C THR F 81 34.09 -55.00 7.63
N GLY F 82 34.57 -54.13 8.53
CA GLY F 82 34.09 -52.75 8.64
C GLY F 82 34.07 -51.97 7.33
N ASP F 83 35.00 -52.27 6.44
CA ASP F 83 35.09 -51.61 5.13
C ASP F 83 33.97 -52.04 4.15
N GLU F 84 33.09 -52.94 4.58
CA GLU F 84 31.94 -53.35 3.76
C GLU F 84 30.95 -52.18 3.70
N ALA F 85 30.94 -51.47 2.57
CA ALA F 85 30.14 -50.24 2.45
C ALA F 85 30.07 -49.75 1.00
N ASN F 86 29.42 -48.59 0.82
CA ASN F 86 29.39 -47.88 -0.46
C ASN F 86 30.43 -46.74 -0.48
N TYR F 87 31.06 -46.53 -1.64
CA TYR F 87 32.10 -45.53 -1.80
C TYR F 87 31.81 -44.64 -3.01
N TYR F 88 31.87 -43.33 -2.79
CA TYR F 88 31.59 -42.34 -3.85
C TYR F 88 32.75 -41.36 -3.98
N CYS F 89 33.12 -41.06 -5.22
CA CYS F 89 34.01 -39.94 -5.51
C CYS F 89 33.13 -38.69 -5.68
N ALA F 90 33.65 -37.53 -5.27
CA ALA F 90 33.01 -36.24 -5.59
C ALA F 90 33.96 -35.27 -6.31
N THR F 91 33.39 -34.41 -7.14
CA THR F 91 34.18 -33.36 -7.78
C THR F 91 33.32 -32.18 -8.18
N TRP F 92 34.00 -31.13 -8.63
CA TRP F 92 33.42 -29.85 -8.98
C TRP F 92 33.43 -29.72 -10.51
N ASP F 93 32.28 -29.41 -11.12
CA ASP F 93 32.09 -29.51 -12.57
C ASP F 93 31.61 -28.18 -13.18
N ARG F 94 32.46 -27.58 -14.04
CA ARG F 94 32.10 -26.32 -14.72
C ARG F 94 31.65 -26.61 -16.16
N THR F 97 26.65 -25.57 -16.24
CA THR F 97 27.01 -24.65 -15.15
C THR F 97 27.29 -25.33 -13.78
N ALA F 98 27.94 -24.56 -12.90
CA ALA F 98 28.76 -25.08 -11.80
C ALA F 98 28.04 -25.88 -10.70
N TYR F 99 28.47 -27.12 -10.48
CA TYR F 99 27.98 -27.88 -9.33
C TYR F 99 28.90 -29.01 -8.84
N VAL F 100 28.65 -29.43 -7.60
CA VAL F 100 29.29 -30.60 -7.05
C VAL F 100 28.59 -31.81 -7.61
N VAL F 101 29.34 -32.63 -8.33
CA VAL F 101 28.85 -33.90 -8.86
C VAL F 101 29.45 -35.06 -8.10
N PHE F 102 28.63 -36.06 -7.79
CA PHE F 102 29.09 -37.32 -7.23
C PHE F 102 29.15 -38.43 -8.29
N GLY F 103 29.91 -39.49 -8.00
CA GLY F 103 29.91 -40.67 -8.85
C GLY F 103 28.71 -41.50 -8.47
N GLY F 104 28.35 -42.48 -9.30
CA GLY F 104 27.19 -43.37 -9.07
C GLY F 104 27.29 -44.23 -7.83
N GLY F 105 28.51 -44.50 -7.38
CA GLY F 105 28.75 -45.35 -6.22
C GLY F 105 29.30 -46.71 -6.59
N THR F 106 29.81 -47.42 -5.58
CA THR F 106 30.37 -48.75 -5.72
C THR F 106 30.24 -49.54 -4.42
N LYS F 107 29.44 -50.62 -4.47
CA LYS F 107 29.28 -51.50 -3.31
C LYS F 107 30.56 -52.30 -3.21
N LEU F 108 31.14 -52.35 -2.02
CA LEU F 108 32.38 -53.06 -1.79
C LEU F 108 32.13 -54.30 -0.93
N THR F 109 32.42 -55.48 -1.49
CA THR F 109 32.43 -56.72 -0.73
C THR F 109 33.63 -57.58 -1.16
N GLN F 117 24.39 -71.15 5.42
CA GLN F 117 23.43 -70.69 4.43
C GLN F 117 23.16 -71.73 3.32
N PRO F 118 22.40 -72.80 3.65
CA PRO F 118 21.88 -73.75 2.66
C PRO F 118 20.45 -73.42 2.18
N LYS F 119 20.05 -74.01 1.04
CA LYS F 119 18.69 -73.89 0.49
C LYS F 119 17.55 -74.11 1.53
N ALA F 120 16.77 -73.06 1.80
CA ALA F 120 15.64 -73.14 2.76
C ALA F 120 14.28 -73.05 2.06
N ALA F 121 13.42 -74.03 2.33
CA ALA F 121 12.06 -74.03 1.81
C ALA F 121 11.27 -73.02 2.62
N PRO F 122 10.34 -72.28 1.97
CA PRO F 122 9.53 -71.30 2.70
C PRO F 122 8.42 -71.94 3.51
N SER F 123 8.03 -71.29 4.61
CA SER F 123 6.82 -71.67 5.30
C SER F 123 5.75 -70.65 4.99
N VAL F 124 4.77 -71.07 4.22
CA VAL F 124 3.61 -70.27 3.85
C VAL F 124 2.48 -70.41 4.88
N THR F 125 1.69 -69.36 5.05
CA THR F 125 0.63 -69.36 6.06
C THR F 125 -0.48 -68.42 5.65
N LEU F 126 -1.54 -69.00 5.09
CA LEU F 126 -2.60 -68.23 4.47
C LEU F 126 -3.74 -68.01 5.46
N PHE F 127 -4.08 -66.75 5.74
CA PHE F 127 -5.25 -66.46 6.58
C PHE F 127 -6.42 -66.03 5.69
N PRO F 128 -7.66 -66.28 6.13
CA PRO F 128 -8.79 -65.80 5.37
C PRO F 128 -9.24 -64.47 5.95
N PRO F 129 -10.21 -63.83 5.30
CA PRO F 129 -10.91 -62.69 5.88
C PRO F 129 -11.39 -63.01 7.27
N SER F 130 -11.28 -62.03 8.16
CA SER F 130 -11.79 -62.12 9.53
C SER F 130 -13.22 -61.64 9.47
N SER F 131 -14.09 -62.16 10.33
CA SER F 131 -15.50 -61.78 10.27
C SER F 131 -15.71 -60.26 10.47
N GLU F 132 -14.94 -59.67 11.38
CA GLU F 132 -15.00 -58.22 11.62
C GLU F 132 -14.69 -57.36 10.38
N GLU F 133 -13.67 -57.73 9.61
CA GLU F 133 -13.46 -57.08 8.30
C GLU F 133 -14.68 -57.32 7.41
N LEU F 134 -15.24 -58.53 7.46
CA LEU F 134 -16.41 -58.86 6.66
C LEU F 134 -17.60 -57.99 7.08
N GLN F 135 -17.73 -57.78 8.39
CA GLN F 135 -18.77 -56.93 8.96
C GLN F 135 -18.65 -55.52 8.39
N ALA F 136 -17.40 -55.08 8.15
CA ALA F 136 -17.12 -53.77 7.55
C ALA F 136 -16.96 -53.84 6.02
N ASN F 137 -17.82 -54.60 5.35
CA ASN F 137 -17.88 -54.62 3.87
C ASN F 137 -16.54 -54.63 3.12
N LYS F 138 -15.54 -55.30 3.70
CA LYS F 138 -14.27 -55.50 3.00
C LYS F 138 -13.76 -56.91 3.31
N ALA F 139 -12.82 -57.39 2.48
CA ALA F 139 -12.21 -58.72 2.68
C ALA F 139 -10.77 -58.80 2.17
N THR F 140 -9.88 -59.18 3.08
CA THR F 140 -8.48 -59.37 2.78
C THR F 140 -7.97 -60.80 3.08
N LEU F 141 -7.43 -61.41 2.03
CA LEU F 141 -6.70 -62.65 2.16
C LEU F 141 -5.23 -62.32 2.32
N VAL F 142 -4.60 -62.92 3.34
CA VAL F 142 -3.26 -62.58 3.78
C VAL F 142 -2.36 -63.79 3.72
N CYS F 143 -1.37 -63.76 2.85
CA CYS F 143 -0.48 -64.90 2.65
C CYS F 143 0.98 -64.59 3.09
N LEU F 144 1.37 -65.13 4.25
CA LEU F 144 2.63 -64.82 4.92
C LEU F 144 3.75 -65.84 4.67
N ILE F 145 4.73 -65.49 3.85
CA ILE F 145 5.84 -66.41 3.51
C ILE F 145 7.10 -66.06 4.33
N SER F 146 7.74 -67.04 4.95
CA SER F 146 8.89 -66.79 5.82
C SER F 146 9.99 -67.86 5.77
N ASP F 147 11.13 -67.55 6.38
CA ASP F 147 12.31 -68.42 6.47
C ASP F 147 12.74 -69.14 5.22
N PHE F 148 12.89 -68.44 4.09
CA PHE F 148 13.40 -69.10 2.89
C PHE F 148 14.81 -68.64 2.53
N TYR F 149 15.49 -69.46 1.74
CA TYR F 149 16.78 -69.10 1.18
C TYR F 149 17.08 -69.93 -0.06
N PRO F 150 17.59 -69.29 -1.12
CA PRO F 150 17.82 -67.83 -1.23
C PRO F 150 16.52 -67.04 -1.31
N GLY F 151 16.57 -65.78 -0.87
CA GLY F 151 15.40 -64.91 -0.84
C GLY F 151 14.79 -64.53 -2.19
N ALA F 152 14.36 -65.51 -2.96
CA ALA F 152 13.62 -65.26 -4.20
C ALA F 152 12.40 -66.19 -4.28
N VAL F 153 11.19 -65.61 -4.21
CA VAL F 153 9.94 -66.35 -4.47
C VAL F 153 8.97 -65.61 -5.38
N THR F 154 8.39 -66.34 -6.31
CA THR F 154 7.26 -65.85 -7.10
C THR F 154 6.01 -66.23 -6.32
N VAL F 155 4.94 -65.46 -6.48
CA VAL F 155 3.66 -65.74 -5.81
C VAL F 155 2.47 -65.60 -6.75
N ALA F 156 1.70 -66.67 -6.89
CA ALA F 156 0.49 -66.63 -7.70
C ALA F 156 -0.74 -66.89 -6.85
N TRP F 157 -1.85 -66.27 -7.21
CA TRP F 157 -3.12 -66.56 -6.59
C TRP F 157 -4.10 -67.30 -7.53
N LYS F 158 -4.99 -68.10 -6.92
CA LYS F 158 -6.07 -68.84 -7.63
C LYS F 158 -7.41 -68.53 -6.99
N ALA F 159 -8.43 -68.29 -7.81
CA ALA F 159 -9.84 -68.33 -7.37
C ALA F 159 -10.42 -69.67 -7.84
N ASP F 160 -10.90 -70.47 -6.89
CA ASP F 160 -11.19 -71.89 -7.14
C ASP F 160 -9.93 -72.49 -7.77
N SER F 161 -10.06 -73.11 -8.95
CA SER F 161 -8.92 -73.67 -9.68
C SER F 161 -8.22 -72.73 -10.66
N SER F 162 -8.66 -71.49 -10.79
CA SER F 162 -8.15 -70.61 -11.85
C SER F 162 -7.46 -69.35 -11.31
N PRO F 163 -6.48 -68.79 -12.06
CA PRO F 163 -5.64 -67.74 -11.50
C PRO F 163 -6.33 -66.38 -11.39
N VAL F 164 -5.87 -65.57 -10.42
CA VAL F 164 -6.30 -64.18 -10.24
C VAL F 164 -5.07 -63.29 -10.15
N LYS F 165 -5.00 -62.29 -11.04
CA LYS F 165 -3.98 -61.23 -10.96
C LYS F 165 -4.56 -59.90 -10.37
N ALA F 166 -5.86 -59.69 -10.53
CA ALA F 166 -6.56 -58.54 -9.95
C ALA F 166 -6.56 -58.49 -8.41
N GLY F 167 -6.19 -57.34 -7.85
CA GLY F 167 -6.23 -57.09 -6.39
C GLY F 167 -5.07 -57.64 -5.57
N VAL F 168 -3.94 -57.96 -6.21
CA VAL F 168 -2.76 -58.49 -5.51
C VAL F 168 -1.71 -57.40 -5.22
N GLU F 169 -1.16 -57.44 -4.01
CA GLU F 169 -0.01 -56.63 -3.61
C GLU F 169 1.00 -57.52 -2.86
N THR F 170 2.08 -57.91 -3.52
CA THR F 170 3.15 -58.69 -2.88
C THR F 170 4.37 -57.81 -2.53
N THR F 171 4.92 -57.97 -1.33
CA THR F 171 6.08 -57.21 -0.95
C THR F 171 7.31 -57.83 -1.57
N THR F 172 8.38 -57.04 -1.59
CA THR F 172 9.71 -57.55 -1.90
C THR F 172 10.18 -58.41 -0.74
N PRO F 173 11.12 -59.31 -1.00
CA PRO F 173 11.72 -60.15 0.05
C PRO F 173 12.57 -59.36 1.06
N SER F 174 12.78 -59.92 2.24
CA SER F 174 13.30 -59.12 3.35
C SER F 174 14.08 -59.89 4.43
N LYS F 175 15.39 -59.65 4.49
CA LYS F 175 16.28 -60.26 5.48
C LYS F 175 15.72 -60.22 6.90
N GLN F 176 15.72 -61.37 7.57
CA GLN F 176 15.24 -61.51 8.93
C GLN F 176 16.40 -61.50 9.92
N SER F 177 16.06 -61.44 11.21
CA SER F 177 17.04 -61.48 12.31
C SER F 177 17.92 -62.73 12.25
N ASN F 178 17.35 -63.83 11.74
CA ASN F 178 18.08 -65.10 11.60
C ASN F 178 18.65 -65.37 10.19
N ASN F 179 18.78 -64.30 9.38
CA ASN F 179 19.44 -64.36 8.08
C ASN F 179 18.75 -65.24 7.01
N LYS F 180 17.48 -65.58 7.23
CA LYS F 180 16.65 -66.12 6.16
C LYS F 180 15.76 -64.97 5.64
N TYR F 181 14.82 -65.26 4.76
CA TYR F 181 14.01 -64.20 4.13
C TYR F 181 12.49 -64.35 4.39
N ALA F 182 11.76 -63.27 4.11
CA ALA F 182 10.34 -63.18 4.36
C ALA F 182 9.67 -62.34 3.27
N ALA F 183 8.35 -62.43 3.22
CA ALA F 183 7.57 -61.74 2.23
C ALA F 183 6.10 -61.83 2.63
N SER F 184 5.24 -61.05 2.01
CA SER F 184 3.81 -61.09 2.30
C SER F 184 3.04 -60.78 1.03
N SER F 185 1.93 -61.48 0.82
CA SER F 185 1.03 -61.15 -0.27
C SER F 185 -0.38 -60.90 0.24
N TYR F 186 -1.07 -59.93 -0.37
CA TYR F 186 -2.42 -59.58 0.05
C TYR F 186 -3.35 -59.54 -1.15
N LEU F 187 -4.35 -60.42 -1.16
CA LEU F 187 -5.40 -60.33 -2.17
C LEU F 187 -6.61 -59.64 -1.54
N SER F 188 -7.09 -58.62 -2.23
CA SER F 188 -8.24 -57.86 -1.81
C SER F 188 -9.47 -58.30 -2.66
N LEU F 189 -10.59 -58.48 -1.98
CA LEU F 189 -11.82 -59.02 -2.57
C LEU F 189 -13.03 -58.36 -1.90
N THR F 190 -14.14 -58.39 -2.60
CA THR F 190 -15.42 -58.00 -2.03
C THR F 190 -15.93 -59.20 -1.24
N PRO F 191 -16.79 -58.98 -0.24
CA PRO F 191 -17.44 -60.16 0.39
C PRO F 191 -18.15 -61.12 -0.59
N GLU F 192 -18.96 -60.59 -1.51
CA GLU F 192 -19.67 -61.43 -2.49
C GLU F 192 -18.69 -62.33 -3.25
N GLN F 193 -17.58 -61.75 -3.70
CA GLN F 193 -16.53 -62.54 -4.35
C GLN F 193 -16.00 -63.69 -3.45
N TRP F 194 -15.77 -63.39 -2.17
CA TRP F 194 -15.15 -64.35 -1.26
C TRP F 194 -16.14 -65.41 -0.83
N LYS F 195 -17.37 -64.98 -0.54
CA LYS F 195 -18.45 -65.91 -0.18
C LYS F 195 -18.81 -66.82 -1.37
N SER F 196 -18.83 -66.27 -2.57
CA SER F 196 -19.32 -66.99 -3.76
C SER F 196 -18.41 -68.06 -4.35
N HIS F 197 -17.17 -68.14 -3.88
CA HIS F 197 -16.22 -69.11 -4.46
C HIS F 197 -16.03 -70.33 -3.55
N ARG F 198 -15.52 -71.41 -4.14
CA ARG F 198 -15.23 -72.64 -3.42
C ARG F 198 -14.04 -72.41 -2.49
N SER F 199 -12.94 -71.98 -3.08
CA SER F 199 -11.70 -71.80 -2.37
C SER F 199 -10.89 -70.71 -3.01
N TYR F 200 -9.93 -70.22 -2.24
CA TYR F 200 -8.89 -69.30 -2.73
C TYR F 200 -7.58 -69.86 -2.25
N SER F 201 -6.59 -69.87 -3.13
CA SER F 201 -5.31 -70.50 -2.84
C SER F 201 -4.14 -69.59 -3.14
N CYS F 202 -3.20 -69.51 -2.19
CA CYS F 202 -1.93 -68.83 -2.38
C CYS F 202 -0.90 -69.85 -2.83
N GLN F 203 -0.37 -69.70 -4.05
CA GLN F 203 0.75 -70.52 -4.48
C GLN F 203 2.05 -69.71 -4.33
N VAL F 204 3.07 -70.35 -3.79
CA VAL F 204 4.36 -69.75 -3.51
C VAL F 204 5.44 -70.63 -4.09
N THR F 205 6.21 -70.15 -5.07
CA THR F 205 7.25 -70.95 -5.71
C THR F 205 8.62 -70.46 -5.29
N HIS F 206 9.56 -71.38 -5.12
CA HIS F 206 10.86 -71.07 -4.60
C HIS F 206 11.82 -72.16 -5.04
N GLU F 207 12.80 -71.81 -5.88
CA GLU F 207 13.75 -72.79 -6.41
C GLU F 207 13.01 -73.97 -7.03
N GLY F 208 11.97 -73.64 -7.81
CA GLY F 208 11.19 -74.64 -8.54
C GLY F 208 10.36 -75.62 -7.71
N SER F 209 10.14 -75.31 -6.43
CA SER F 209 9.26 -76.08 -5.55
C SER F 209 8.07 -75.24 -5.20
N THR F 210 6.89 -75.64 -5.67
CA THR F 210 5.67 -74.91 -5.35
C THR F 210 5.05 -75.49 -4.08
N VAL F 211 4.77 -74.61 -3.12
CA VAL F 211 3.86 -74.89 -2.02
C VAL F 211 2.54 -74.20 -2.38
N GLU F 212 1.43 -74.65 -1.80
CA GLU F 212 0.11 -74.07 -2.07
C GLU F 212 -0.77 -74.21 -0.88
N LYS F 213 -1.18 -73.10 -0.31
CA LYS F 213 -2.19 -73.10 0.73
C LYS F 213 -3.53 -72.65 0.18
N THR F 214 -4.61 -73.20 0.73
CA THR F 214 -5.96 -72.88 0.32
C THR F 214 -6.74 -72.55 1.57
N VAL F 215 -7.74 -71.68 1.44
CA VAL F 215 -8.70 -71.37 2.49
C VAL F 215 -10.10 -71.22 1.87
N ALA F 216 -11.15 -71.35 2.68
CA ALA F 216 -12.51 -71.30 2.17
C ALA F 216 -13.51 -70.72 3.19
N PRO F 217 -14.60 -70.08 2.72
CA PRO F 217 -15.54 -69.29 3.57
C PRO F 217 -16.16 -70.10 4.70
N THR F 218 -15.69 -69.89 5.94
CA THR F 218 -16.03 -70.75 7.12
C THR F 218 -16.45 -72.18 6.68
N GLU F 219 -15.65 -72.75 5.77
CA GLU F 219 -16.04 -73.94 4.99
C GLU F 219 -17.46 -73.82 4.38
N GLU G 1 -3.52 10.35 -8.11
CA GLU G 1 -3.21 10.63 -9.54
C GLU G 1 -4.26 11.61 -10.11
N VAL G 2 -5.45 11.10 -10.43
CA VAL G 2 -6.52 11.99 -10.92
C VAL G 2 -7.00 12.97 -9.83
N GLN G 3 -7.25 14.21 -10.23
CA GLN G 3 -7.75 15.24 -9.36
C GLN G 3 -9.09 15.71 -9.86
N LEU G 4 -10.07 15.75 -8.97
CA LEU G 4 -11.39 16.23 -9.30
C LEU G 4 -11.54 17.60 -8.69
N VAL G 5 -11.85 18.61 -9.51
CA VAL G 5 -12.02 19.99 -9.05
C VAL G 5 -13.42 20.48 -9.42
N GLU G 6 -14.12 21.00 -8.41
CA GLU G 6 -15.53 21.33 -8.52
C GLU G 6 -15.70 22.82 -8.46
N SER G 7 -16.81 23.29 -8.99
CA SER G 7 -17.11 24.72 -9.11
C SER G 7 -17.48 25.33 -7.78
N GLY G 8 -17.68 26.64 -7.78
CA GLY G 8 -17.78 27.38 -6.53
C GLY G 8 -19.04 27.18 -5.73
N ALA G 9 -19.04 27.74 -4.54
CA ALA G 9 -20.18 27.72 -3.63
C ALA G 9 -21.43 28.28 -4.29
N GLU G 10 -22.58 27.74 -3.91
CA GLU G 10 -23.86 28.15 -4.44
C GLU G 10 -24.80 28.55 -3.33
N VAL G 11 -25.52 29.65 -3.53
CA VAL G 11 -26.61 30.08 -2.63
C VAL G 11 -27.86 30.29 -3.48
N LYS G 12 -28.99 29.78 -3.00
CA LYS G 12 -30.14 29.58 -3.86
C LYS G 12 -31.43 29.64 -3.09
N LYS G 13 -32.46 30.25 -3.70
CA LYS G 13 -33.81 30.27 -3.14
C LYS G 13 -34.49 28.92 -3.37
N PRO G 14 -35.25 28.42 -2.38
CA PRO G 14 -36.00 27.19 -2.62
C PRO G 14 -36.97 27.36 -3.77
N GLY G 15 -37.18 26.28 -4.52
CA GLY G 15 -38.02 26.33 -5.71
C GLY G 15 -37.19 26.29 -6.98
N SER G 16 -35.95 26.76 -6.89
CA SER G 16 -35.09 26.92 -8.06
C SER G 16 -34.19 25.70 -8.35
N SER G 17 -33.12 25.90 -9.13
CA SER G 17 -32.19 24.84 -9.54
C SER G 17 -30.76 25.27 -9.37
N VAL G 18 -29.86 24.30 -9.23
CA VAL G 18 -28.43 24.56 -9.18
C VAL G 18 -27.72 23.59 -10.09
N LYS G 19 -26.71 24.06 -10.80
CA LYS G 19 -25.92 23.17 -11.66
C LYS G 19 -24.44 23.24 -11.26
N VAL G 20 -23.94 22.19 -10.61
CA VAL G 20 -22.55 22.15 -10.18
C VAL G 20 -21.73 21.32 -11.15
N SER G 21 -20.49 21.74 -11.40
CA SER G 21 -19.58 21.08 -12.36
C SER G 21 -18.39 20.46 -11.66
N CYS G 22 -17.66 19.61 -12.39
CA CYS G 22 -16.56 18.82 -11.80
C CYS G 22 -15.54 18.47 -12.87
N LYS G 23 -14.35 19.08 -12.84
CA LYS G 23 -13.34 18.82 -13.85
C LYS G 23 -12.36 17.79 -13.35
N ALA G 24 -12.05 16.81 -14.16
CA ALA G 24 -11.09 15.79 -13.78
C ALA G 24 -9.84 16.04 -14.60
N SER G 25 -8.69 15.97 -13.95
CA SER G 25 -7.40 16.19 -14.61
C SER G 25 -7.06 14.96 -15.45
N GLY G 26 -6.13 15.11 -16.38
CA GLY G 26 -5.80 14.04 -17.34
C GLY G 26 -6.82 13.92 -18.46
N GLY G 27 -6.97 12.72 -19.02
CA GLY G 27 -8.02 12.50 -20.00
C GLY G 27 -7.71 13.26 -21.26
N PRO G 28 -8.65 14.09 -21.74
CA PRO G 28 -10.00 14.43 -21.26
C PRO G 28 -11.01 13.26 -21.16
N PHE G 29 -11.02 12.36 -22.13
CA PHE G 29 -11.89 11.21 -22.05
C PHE G 29 -11.41 10.30 -20.94
N ARG G 30 -12.34 9.63 -20.28
CA ARG G 30 -12.10 8.91 -19.04
C ARG G 30 -12.54 7.49 -19.22
N SER G 31 -11.86 6.57 -18.54
CA SER G 31 -12.22 5.17 -18.57
C SER G 31 -13.03 4.77 -17.34
N TYR G 32 -13.38 5.75 -16.49
CA TYR G 32 -14.04 5.45 -15.20
C TYR G 32 -15.32 6.28 -15.05
N ALA G 33 -16.22 5.80 -14.19
CA ALA G 33 -17.47 6.50 -13.91
C ALA G 33 -17.23 7.60 -12.91
N ILE G 34 -18.04 8.64 -12.96
CA ILE G 34 -18.07 9.60 -11.87
C ILE G 34 -19.47 9.73 -11.29
N SER G 35 -19.52 9.87 -9.97
CA SER G 35 -20.76 10.02 -9.26
C SER G 35 -20.77 11.32 -8.50
N TRP G 36 -21.95 11.70 -8.05
CA TRP G 36 -22.11 12.78 -7.10
C TRP G 36 -22.64 12.19 -5.80
N VAL G 37 -22.12 12.71 -4.70
CA VAL G 37 -22.45 12.23 -3.38
C VAL G 37 -22.54 13.48 -2.51
N ARG G 38 -23.62 13.58 -1.73
CA ARG G 38 -23.80 14.74 -0.87
C ARG G 38 -23.77 14.43 0.60
N GLN G 39 -23.58 15.47 1.42
CA GLN G 39 -23.54 15.33 2.87
C GLN G 39 -24.11 16.55 3.58
N ALA G 40 -25.33 16.36 4.09
CA ALA G 40 -25.99 17.34 4.94
C ALA G 40 -25.21 17.42 6.26
N PRO G 41 -25.14 18.63 6.84
CA PRO G 41 -24.33 18.90 8.04
C PRO G 41 -24.72 18.00 9.20
N GLY G 42 -23.73 17.33 9.76
CA GLY G 42 -23.96 16.36 10.85
C GLY G 42 -24.49 15.01 10.41
N GLN G 43 -24.54 14.76 9.10
CA GLN G 43 -25.01 13.48 8.59
C GLN G 43 -24.02 12.67 7.77
N GLY G 44 -24.44 11.46 7.40
CA GLY G 44 -23.66 10.57 6.55
C GLY G 44 -23.79 11.00 5.10
N PRO G 45 -22.88 10.53 4.23
CA PRO G 45 -23.04 10.88 2.84
C PRO G 45 -24.21 10.12 2.24
N GLU G 46 -24.82 10.67 1.21
CA GLU G 46 -25.77 9.92 0.40
C GLU G 46 -25.39 10.03 -1.06
N TRP G 47 -25.49 8.89 -1.73
CA TRP G 47 -25.12 8.80 -3.13
C TRP G 47 -26.27 9.32 -3.97
N MET G 48 -25.97 10.19 -4.93
CA MET G 48 -27.00 10.80 -5.75
C MET G 48 -27.16 10.18 -7.14
N GLY G 49 -26.06 9.94 -7.81
CA GLY G 49 -26.12 9.26 -9.10
C GLY G 49 -24.78 9.25 -9.77
N GLY G 50 -24.68 8.54 -10.88
CA GLY G 50 -23.43 8.56 -11.63
C GLY G 50 -23.59 8.48 -13.13
N ILE G 51 -22.48 8.68 -13.84
CA ILE G 51 -22.49 8.60 -15.28
C ILE G 51 -21.38 7.66 -15.74
N ILE G 52 -21.70 6.76 -16.67
CA ILE G 52 -20.77 5.75 -17.18
C ILE G 52 -20.12 6.25 -18.47
N PRO G 53 -18.79 6.15 -18.57
CA PRO G 53 -18.10 6.62 -19.76
C PRO G 53 -18.31 5.74 -20.97
N ILE G 54 -18.27 6.42 -22.13
CA ILE G 54 -18.59 5.90 -23.46
C ILE G 54 -20.02 5.46 -23.57
N PHE G 55 -20.47 4.61 -22.66
CA PHE G 55 -21.87 4.19 -22.69
C PHE G 55 -22.73 5.42 -22.58
N GLY G 56 -22.37 6.31 -21.66
CA GLY G 56 -23.11 7.53 -21.48
C GLY G 56 -24.23 7.38 -20.49
N THR G 57 -24.60 6.13 -20.14
CA THR G 57 -25.76 5.90 -19.31
C THR G 57 -25.57 6.48 -17.92
N THR G 58 -26.62 7.12 -17.38
CA THR G 58 -26.61 7.64 -16.01
C THR G 58 -27.47 6.73 -15.17
N LYS G 59 -27.14 6.67 -13.88
CA LYS G 59 -27.94 5.98 -12.89
C LYS G 59 -28.19 6.93 -11.71
N TYR G 60 -29.37 6.83 -11.11
CA TYR G 60 -29.82 7.80 -10.09
C TYR G 60 -30.34 7.09 -8.87
N ALA G 61 -30.17 7.70 -7.70
CA ALA G 61 -30.69 7.13 -6.46
C ALA G 61 -32.23 7.29 -6.45
N PRO G 62 -32.97 6.41 -5.78
CA PRO G 62 -34.40 6.64 -5.77
C PRO G 62 -34.84 7.99 -5.24
N LYS G 63 -34.19 8.49 -4.20
CA LYS G 63 -34.64 9.71 -3.57
C LYS G 63 -34.61 10.93 -4.49
N PHE G 64 -33.76 10.89 -5.52
CA PHE G 64 -33.49 12.03 -6.40
C PHE G 64 -33.92 11.79 -7.84
N GLN G 65 -34.20 10.54 -8.17
CA GLN G 65 -34.71 10.18 -9.48
C GLN G 65 -35.87 11.12 -9.79
N GLY G 66 -35.70 12.00 -10.78
CA GLY G 66 -36.79 12.85 -11.20
C GLY G 66 -36.50 14.31 -11.06
N ARG G 67 -35.55 14.66 -10.19
CA ARG G 67 -35.06 16.05 -10.14
C ARG G 67 -33.54 16.19 -10.25
N VAL G 68 -32.85 15.12 -10.62
CA VAL G 68 -31.40 15.20 -10.84
C VAL G 68 -31.07 14.75 -12.25
N THR G 69 -30.25 15.53 -12.92
CA THR G 69 -29.72 15.15 -14.21
C THR G 69 -28.21 15.25 -14.14
N ILE G 70 -27.53 14.25 -14.67
CA ILE G 70 -26.06 14.27 -14.75
C ILE G 70 -25.66 14.18 -16.24
N THR G 71 -24.77 15.06 -16.67
CA THR G 71 -24.35 15.07 -18.03
C THR G 71 -22.85 15.23 -18.07
N ALA G 72 -22.30 15.13 -19.27
CA ALA G 72 -20.86 15.05 -19.46
C ALA G 72 -20.49 15.85 -20.68
N ASP G 73 -19.34 16.53 -20.61
CA ASP G 73 -18.73 17.08 -21.81
C ASP G 73 -17.32 16.51 -21.84
N ASP G 74 -17.18 15.37 -22.52
CA ASP G 74 -15.96 14.59 -22.47
C ASP G 74 -14.76 15.32 -23.08
N PHE G 75 -14.98 16.06 -24.15
CA PHE G 75 -13.89 16.86 -24.71
C PHE G 75 -13.37 17.88 -23.70
N ALA G 76 -14.25 18.29 -22.79
CA ALA G 76 -13.90 19.25 -21.76
C ALA G 76 -13.48 18.57 -20.45
N GLY G 77 -13.59 17.25 -20.39
CA GLY G 77 -13.14 16.49 -19.22
C GLY G 77 -14.00 16.75 -17.97
N THR G 78 -15.20 17.28 -18.20
CA THR G 78 -16.09 17.74 -17.13
C THR G 78 -17.40 16.98 -17.06
N VAL G 79 -17.90 16.78 -15.84
CA VAL G 79 -19.24 16.25 -15.62
C VAL G 79 -20.05 17.26 -14.82
N TYR G 80 -21.37 17.19 -14.96
CA TYR G 80 -22.26 18.18 -14.38
C TYR G 80 -23.36 17.49 -13.59
N MET G 81 -23.89 18.20 -12.61
CA MET G 81 -25.06 17.72 -11.89
C MET G 81 -26.02 18.86 -11.68
N GLU G 82 -27.26 18.69 -12.13
CA GLU G 82 -28.30 19.73 -11.97
C GLU G 82 -29.40 19.19 -11.07
N LEU G 83 -29.61 19.86 -9.95
CA LEU G 83 -30.62 19.47 -8.98
C LEU G 83 -31.68 20.53 -8.99
N SER G 84 -32.94 20.16 -9.23
CA SER G 84 -34.02 21.13 -9.32
C SER G 84 -35.06 20.99 -8.21
N SER G 85 -35.92 22.00 -8.10
CA SER G 85 -36.90 22.11 -7.02
C SER G 85 -36.22 22.04 -5.67
N LEU G 86 -35.32 22.98 -5.45
CA LEU G 86 -34.49 22.92 -4.27
C LEU G 86 -35.36 23.15 -3.06
N ARG G 87 -35.00 22.47 -1.99
CA ARG G 87 -35.71 22.51 -0.73
C ARG G 87 -34.58 22.72 0.26
N SER G 88 -34.88 23.41 1.35
CA SER G 88 -33.86 23.78 2.33
C SER G 88 -33.02 22.56 2.75
N GLU G 89 -33.63 21.39 2.81
CA GLU G 89 -32.87 20.16 3.12
C GLU G 89 -31.96 19.67 1.99
N ASP G 90 -31.75 20.49 0.95
CA ASP G 90 -30.70 20.20 -0.03
C ASP G 90 -29.42 20.95 0.32
N THR G 91 -29.52 21.85 1.29
CA THR G 91 -28.36 22.48 1.85
C THR G 91 -27.43 21.34 2.26
N ALA G 92 -26.24 21.31 1.64
CA ALA G 92 -25.24 20.30 1.97
C ALA G 92 -23.92 20.54 1.26
N MET G 93 -22.97 19.66 1.53
CA MET G 93 -21.74 19.59 0.78
C MET G 93 -21.97 18.62 -0.36
N TYR G 94 -21.48 18.97 -1.55
CA TYR G 94 -21.60 18.10 -2.73
C TYR G 94 -20.21 17.73 -3.24
N TYR G 95 -19.89 16.43 -3.16
CA TYR G 95 -18.66 15.90 -3.73
C TYR G 95 -18.93 15.30 -5.09
N CYS G 96 -18.00 15.43 -6.05
CA CYS G 96 -17.96 14.45 -7.16
C CYS G 96 -16.92 13.44 -6.79
N ALA G 97 -17.22 12.18 -7.05
CA ALA G 97 -16.34 11.11 -6.62
C ALA G 97 -16.17 10.13 -7.79
N LYS G 98 -14.92 9.70 -8.04
CA LYS G 98 -14.65 8.77 -9.13
C LYS G 98 -14.55 7.36 -8.63
N HIS G 99 -14.98 6.44 -9.49
CA HIS G 99 -14.91 5.01 -9.19
C HIS G 99 -13.62 4.43 -9.73
N MET G 100 -13.32 3.17 -9.40
CA MET G 100 -12.07 2.54 -9.90
C MET G 100 -12.21 2.13 -11.34
N GLY G 101 -13.43 1.75 -11.73
CA GLY G 101 -13.72 1.32 -13.08
C GLY G 101 -14.91 2.00 -13.72
N TYR G 102 -15.39 1.40 -14.80
CA TYR G 102 -16.36 2.06 -15.63
C TYR G 102 -17.75 2.00 -15.02
N GLN G 103 -17.98 1.07 -14.10
CA GLN G 103 -19.27 0.99 -13.42
C GLN G 103 -19.38 1.89 -12.19
N VAL G 104 -20.59 2.41 -11.94
CA VAL G 104 -20.93 2.97 -10.62
C VAL G 104 -21.05 1.81 -9.64
N ARG G 105 -20.40 1.98 -8.48
CA ARG G 105 -20.20 0.95 -7.49
C ARG G 105 -20.06 1.65 -6.15
N GLU G 106 -20.04 0.88 -5.07
CA GLU G 106 -19.79 1.39 -3.72
C GLU G 106 -18.38 1.95 -3.54
N THR G 107 -17.42 1.47 -4.35
CA THR G 107 -16.02 1.93 -4.30
C THR G 107 -15.75 3.16 -5.16
N MET G 108 -15.50 4.27 -4.49
CA MET G 108 -15.06 5.51 -5.09
C MET G 108 -13.72 5.85 -4.47
N ASP G 109 -12.67 5.87 -5.28
CA ASP G 109 -11.31 5.93 -4.77
C ASP G 109 -10.72 7.33 -4.67
N VAL G 110 -11.22 8.28 -5.46
CA VAL G 110 -10.78 9.67 -5.38
C VAL G 110 -11.98 10.61 -5.37
N TRP G 111 -11.96 11.54 -4.41
CA TRP G 111 -13.06 12.47 -4.21
C TRP G 111 -12.58 13.90 -4.40
N GLY G 112 -13.44 14.74 -4.93
CA GLY G 112 -13.16 16.19 -4.85
C GLY G 112 -13.18 16.76 -3.42
N LYS G 113 -12.73 18.01 -3.29
CA LYS G 113 -12.71 18.71 -2.02
C LYS G 113 -14.12 19.02 -1.49
N GLY G 114 -15.08 19.18 -2.39
CA GLY G 114 -16.46 19.37 -2.01
C GLY G 114 -16.88 20.74 -2.46
N THR G 115 -18.18 20.97 -2.58
CA THR G 115 -18.70 22.29 -2.93
C THR G 115 -20.02 22.49 -2.19
N THR G 116 -20.23 23.72 -1.74
CA THR G 116 -21.29 24.02 -0.82
C THR G 116 -22.53 24.48 -1.56
N VAL G 117 -23.68 23.95 -1.21
CA VAL G 117 -24.92 24.54 -1.71
C VAL G 117 -25.80 24.82 -0.51
N THR G 118 -26.19 26.07 -0.34
CA THR G 118 -27.10 26.45 0.74
C THR G 118 -28.41 26.91 0.10
N VAL G 119 -29.52 26.34 0.56
CA VAL G 119 -30.83 26.76 0.07
C VAL G 119 -31.59 27.45 1.17
N SER G 120 -31.99 28.69 0.91
CA SER G 120 -32.72 29.46 1.88
C SER G 120 -33.62 30.47 1.17
N SER G 121 -34.71 30.82 1.87
CA SER G 121 -35.69 31.83 1.42
C SER G 121 -35.16 33.25 1.59
N ALA G 122 -34.30 33.44 2.60
CA ALA G 122 -33.60 34.71 2.84
C ALA G 122 -33.08 35.27 1.54
N SER G 123 -33.02 36.58 1.45
CA SER G 123 -32.50 37.26 0.26
C SER G 123 -31.15 37.88 0.56
N THR G 124 -30.30 37.97 -0.45
CA THR G 124 -28.96 38.51 -0.27
C THR G 124 -29.10 39.90 0.32
N LYS G 125 -28.37 40.19 1.40
CA LYS G 125 -28.52 41.46 2.10
C LYS G 125 -27.30 41.86 2.96
N GLY G 126 -26.85 43.10 2.79
CA GLY G 126 -25.69 43.63 3.51
C GLY G 126 -25.96 43.78 5.00
N PRO G 127 -24.90 43.93 5.81
CA PRO G 127 -25.06 43.97 7.26
C PRO G 127 -25.29 45.36 7.85
N SER G 128 -25.73 45.40 9.11
CA SER G 128 -25.72 46.61 9.90
C SER G 128 -24.60 46.42 10.90
N VAL G 129 -23.71 47.41 11.00
CA VAL G 129 -22.54 47.28 11.85
C VAL G 129 -22.67 48.26 13.02
N PHE G 130 -22.64 47.74 14.24
CA PHE G 130 -22.91 48.55 15.41
C PHE G 130 -21.79 48.42 16.43
N PRO G 131 -21.09 49.54 16.69
CA PRO G 131 -19.99 49.53 17.64
C PRO G 131 -20.40 49.10 19.05
N LEU G 132 -19.55 48.29 19.66
CA LEU G 132 -19.72 47.85 21.04
C LEU G 132 -18.88 48.75 21.97
N ALA G 133 -19.55 49.48 22.87
CA ALA G 133 -18.89 50.44 23.77
C ALA G 133 -17.94 49.74 24.78
N PRO G 134 -16.70 50.26 24.97
CA PRO G 134 -15.81 49.63 25.97
C PRO G 134 -16.27 49.83 27.43
N SER G 135 -16.32 51.09 27.88
CA SER G 135 -16.67 51.50 29.26
C SER G 135 -16.26 50.54 30.41
N SER G 136 -16.99 49.42 30.54
CA SER G 136 -16.79 48.40 31.59
C SER G 136 -15.84 48.83 32.72
N THR G 143 -6.75 46.91 31.48
CA THR G 143 -6.95 46.13 30.26
C THR G 143 -8.44 45.80 30.01
N ALA G 144 -9.04 46.45 29.01
CA ALA G 144 -10.49 46.29 28.69
C ALA G 144 -10.72 45.88 27.21
N ALA G 145 -11.99 45.73 26.81
CA ALA G 145 -12.34 45.17 25.48
C ALA G 145 -13.50 45.88 24.77
N LEU G 146 -13.25 46.23 23.51
CA LEU G 146 -14.26 46.82 22.61
C LEU G 146 -14.56 45.85 21.46
N GLY G 147 -15.58 46.12 20.66
CA GLY G 147 -15.89 45.24 19.53
C GLY G 147 -16.90 45.76 18.51
N CYS G 148 -17.25 44.88 17.57
CA CYS G 148 -18.27 45.17 16.57
C CYS G 148 -19.37 44.12 16.61
N LEU G 149 -20.53 44.52 16.10
CA LEU G 149 -21.70 43.65 15.98
C LEU G 149 -22.15 43.79 14.56
N VAL G 150 -22.01 42.71 13.80
CA VAL G 150 -22.41 42.70 12.40
C VAL G 150 -23.75 41.98 12.36
N LYS G 151 -24.80 42.73 12.08
CA LYS G 151 -26.18 42.33 12.41
C LYS G 151 -26.99 42.06 11.15
N ASP G 152 -27.65 40.92 11.11
CA ASP G 152 -28.62 40.57 10.06
C ASP G 152 -28.05 40.65 8.63
N TYR G 153 -27.26 39.66 8.23
CA TYR G 153 -26.81 39.60 6.84
C TYR G 153 -27.13 38.24 6.22
N PHE G 154 -27.05 38.17 4.89
CA PHE G 154 -27.19 36.89 4.18
C PHE G 154 -26.65 37.03 2.79
N PRO G 155 -25.99 35.97 2.30
CA PRO G 155 -25.56 34.75 2.97
C PRO G 155 -24.18 34.95 3.60
N GLU G 156 -23.60 33.90 4.16
CA GLU G 156 -22.21 33.96 4.62
C GLU G 156 -21.32 34.01 3.37
N PRO G 157 -20.02 34.35 3.54
CA PRO G 157 -19.28 34.71 4.76
C PRO G 157 -19.12 36.21 4.93
N VAL G 158 -18.64 36.63 6.09
CA VAL G 158 -18.34 38.05 6.29
C VAL G 158 -16.88 38.21 6.76
N THR G 159 -16.34 39.39 6.48
CA THR G 159 -14.92 39.67 6.53
C THR G 159 -14.73 40.83 7.50
N VAL G 160 -14.37 40.53 8.74
CA VAL G 160 -14.13 41.59 9.70
C VAL G 160 -12.63 41.74 9.93
N SER G 161 -12.04 42.80 9.36
CA SER G 161 -10.66 43.18 9.69
C SER G 161 -10.69 44.45 10.54
N TRP G 162 -9.61 44.67 11.27
CA TRP G 162 -9.49 45.86 12.14
C TRP G 162 -8.33 46.76 11.73
N ASN G 163 -8.63 48.05 11.62
CA ASN G 163 -7.64 49.06 11.21
C ASN G 163 -6.95 48.67 9.91
N SER G 164 -7.76 48.24 8.95
CA SER G 164 -7.30 47.89 7.60
C SER G 164 -6.34 46.69 7.58
N GLY G 165 -6.51 45.77 8.54
CA GLY G 165 -5.66 44.58 8.65
C GLY G 165 -4.40 44.77 9.50
N ALA G 166 -4.04 46.02 9.79
CA ALA G 166 -2.87 46.32 10.61
C ALA G 166 -3.16 46.35 12.12
N LEU G 167 -4.24 45.70 12.55
CA LEU G 167 -4.46 45.34 13.97
C LEU G 167 -4.94 43.90 14.07
N THR G 168 -4.01 42.96 14.19
CA THR G 168 -4.34 41.54 14.23
C THR G 168 -4.37 40.97 15.64
N SER G 169 -3.39 41.34 16.47
CA SER G 169 -3.30 40.78 17.81
C SER G 169 -4.40 41.34 18.71
N GLY G 170 -4.99 40.46 19.53
CA GLY G 170 -6.17 40.82 20.34
C GLY G 170 -7.51 40.53 19.67
N VAL G 171 -7.53 40.46 18.33
CA VAL G 171 -8.75 40.17 17.56
C VAL G 171 -9.43 38.91 18.03
N HIS G 172 -10.76 38.87 17.96
CA HIS G 172 -11.48 37.60 18.07
C HIS G 172 -12.86 37.74 17.42
N THR G 173 -12.91 37.38 16.13
CA THR G 173 -14.15 37.41 15.36
C THR G 173 -14.90 36.10 15.56
N PHE G 174 -16.01 36.13 16.31
CA PHE G 174 -16.78 34.90 16.63
C PHE G 174 -17.58 34.34 15.45
N PRO G 175 -17.78 33.00 15.40
CA PRO G 175 -18.55 32.46 14.28
C PRO G 175 -20.03 32.76 14.50
N ALA G 176 -20.77 32.95 13.41
CA ALA G 176 -22.11 33.54 13.49
C ALA G 176 -23.22 32.64 14.03
N VAL G 177 -24.27 33.30 14.52
CA VAL G 177 -25.53 32.64 14.79
C VAL G 177 -26.38 32.80 13.54
N LEU G 178 -27.10 31.73 13.17
CA LEU G 178 -28.09 31.79 12.11
C LEU G 178 -29.44 31.96 12.79
N GLN G 179 -30.00 33.15 12.69
CA GLN G 179 -31.21 33.49 13.42
C GLN G 179 -32.40 32.74 12.85
N SER G 180 -33.48 32.73 13.63
CA SER G 180 -34.78 32.23 13.19
C SER G 180 -35.23 32.87 11.88
N SER G 181 -34.92 34.15 11.69
CA SER G 181 -35.31 34.88 10.47
C SER G 181 -34.51 34.48 9.23
N GLY G 182 -33.44 33.70 9.43
CA GLY G 182 -32.64 33.20 8.31
C GLY G 182 -31.40 34.03 8.03
N LEU G 183 -31.35 35.24 8.59
CA LEU G 183 -30.20 36.12 8.45
C LEU G 183 -29.16 35.77 9.51
N TYR G 184 -27.90 36.06 9.21
CA TYR G 184 -26.78 35.74 10.09
C TYR G 184 -26.40 36.94 10.94
N SER G 185 -25.85 36.67 12.13
CA SER G 185 -25.28 37.70 12.96
C SER G 185 -24.04 37.19 13.68
N LEU G 186 -23.06 38.07 13.79
CA LEU G 186 -21.84 37.75 14.51
C LEU G 186 -21.27 39.01 15.11
N SER G 187 -20.34 38.81 16.03
CA SER G 187 -19.61 39.90 16.63
C SER G 187 -18.11 39.65 16.42
N SER G 188 -17.33 40.72 16.57
CA SER G 188 -15.87 40.66 16.56
C SER G 188 -15.32 41.54 17.68
N VAL G 189 -14.85 40.91 18.75
CA VAL G 189 -14.30 41.62 19.89
C VAL G 189 -12.78 41.87 19.73
N VAL G 190 -12.27 42.83 20.48
CA VAL G 190 -10.83 43.07 20.57
C VAL G 190 -10.49 43.55 21.99
N THR G 191 -9.42 43.00 22.57
CA THR G 191 -8.99 43.40 23.93
C THR G 191 -7.76 44.32 23.89
N VAL G 192 -7.98 45.60 24.24
CA VAL G 192 -7.03 46.69 23.98
C VAL G 192 -6.54 47.42 25.24
N PRO G 193 -5.39 48.13 25.13
CA PRO G 193 -4.87 48.90 26.26
C PRO G 193 -5.80 50.00 26.76
N SER G 194 -6.12 49.93 28.06
CA SER G 194 -6.83 50.99 28.76
C SER G 194 -6.05 52.32 28.71
N SER G 195 -4.72 52.23 28.67
CA SER G 195 -3.83 53.41 28.70
C SER G 195 -4.02 54.38 27.53
N SER G 196 -3.61 53.96 26.34
CA SER G 196 -3.73 54.79 25.13
C SER G 196 -5.02 54.48 24.36
N LEU G 197 -6.11 54.28 25.09
CA LEU G 197 -7.43 54.16 24.49
C LEU G 197 -7.90 55.53 23.98
N GLY G 198 -7.52 56.59 24.72
CA GLY G 198 -7.83 57.98 24.34
C GLY G 198 -6.93 58.60 23.28
N THR G 199 -5.94 57.84 22.79
CA THR G 199 -5.09 58.30 21.67
C THR G 199 -4.98 57.30 20.49
N GLN G 200 -5.52 56.09 20.65
CA GLN G 200 -5.52 55.09 19.55
C GLN G 200 -6.87 55.06 18.83
N THR G 201 -6.83 54.77 17.53
CA THR G 201 -8.00 54.74 16.64
C THR G 201 -8.43 53.30 16.34
N TYR G 202 -9.73 52.99 16.53
CA TYR G 202 -10.28 51.64 16.27
C TYR G 202 -11.46 51.65 15.30
N ILE G 203 -11.17 51.62 14.02
CA ILE G 203 -12.16 51.32 12.99
C ILE G 203 -12.25 49.81 12.87
N CYS G 204 -13.42 49.31 12.49
CA CYS G 204 -13.58 47.90 12.17
C CYS G 204 -14.20 47.79 10.80
N ASN G 205 -13.53 47.05 9.93
CA ASN G 205 -13.83 47.01 8.51
C ASN G 205 -14.55 45.71 8.23
N VAL G 206 -15.78 45.82 7.71
CA VAL G 206 -16.65 44.68 7.49
C VAL G 206 -16.97 44.57 6.01
N ASN G 207 -16.37 43.60 5.34
CA ASN G 207 -16.67 43.34 3.95
C ASN G 207 -17.64 42.16 3.79
N HIS G 208 -18.59 42.34 2.87
CA HIS G 208 -19.58 41.33 2.55
C HIS G 208 -19.66 41.22 1.02
N LYS G 209 -18.81 40.36 0.46
CA LYS G 209 -18.69 40.25 -0.99
C LYS G 209 -20.03 40.25 -1.73
N PRO G 210 -21.01 39.40 -1.33
CA PRO G 210 -22.25 39.20 -2.10
C PRO G 210 -23.21 40.39 -2.23
N SER G 211 -23.03 41.43 -1.42
CA SER G 211 -23.81 42.66 -1.58
C SER G 211 -22.90 43.90 -1.62
N ASN G 212 -21.64 43.69 -2.00
CA ASN G 212 -20.64 44.77 -2.11
C ASN G 212 -20.66 45.77 -0.94
N THR G 213 -21.04 45.30 0.24
CA THR G 213 -21.15 46.18 1.39
C THR G 213 -19.81 46.21 2.10
N LYS G 214 -19.10 47.32 1.91
CA LYS G 214 -17.82 47.59 2.58
C LYS G 214 -18.00 48.78 3.52
N VAL G 215 -18.52 48.50 4.71
CA VAL G 215 -18.81 49.55 5.68
C VAL G 215 -17.68 49.63 6.73
N ASP G 216 -17.30 50.86 7.06
CA ASP G 216 -16.27 51.15 8.07
C ASP G 216 -16.93 51.83 9.27
N LYS G 217 -16.75 51.27 10.46
CA LYS G 217 -17.34 51.83 11.68
C LYS G 217 -16.29 52.05 12.77
N ARG G 218 -16.09 53.30 13.18
CA ARG G 218 -15.19 53.64 14.29
C ARG G 218 -15.82 53.30 15.66
N VAL G 219 -15.04 52.59 16.48
CA VAL G 219 -15.48 52.14 17.81
C VAL G 219 -14.73 52.91 18.90
N VAL H 3 -30.52 1.71 6.86
CA VAL H 3 -30.70 0.42 6.12
C VAL H 3 -29.42 -0.45 6.16
N LEU H 4 -28.26 0.19 6.32
CA LEU H 4 -27.07 -0.47 6.87
C LEU H 4 -26.85 0.13 8.25
N THR H 5 -26.60 -0.73 9.24
CA THR H 5 -26.58 -0.31 10.63
C THR H 5 -25.18 -0.44 11.23
N GLN H 6 -24.68 0.69 11.75
CA GLN H 6 -23.46 0.72 12.59
C GLN H 6 -23.80 1.28 13.99
N PRO H 7 -22.98 0.91 14.99
CA PRO H 7 -23.08 1.61 16.26
C PRO H 7 -22.58 3.07 16.18
N PRO H 8 -23.34 4.02 16.75
CA PRO H 8 -23.03 5.45 16.81
C PRO H 8 -21.58 5.77 17.10
N SER H 9 -20.98 5.05 18.05
CA SER H 9 -19.62 5.35 18.48
C SER H 9 -18.90 4.13 19.02
N VAL H 10 -17.60 4.31 19.27
CA VAL H 10 -16.72 3.27 19.79
C VAL H 10 -15.49 3.96 20.40
N SER H 11 -15.05 3.49 21.56
CA SER H 11 -13.88 4.05 22.24
C SER H 11 -12.79 2.97 22.44
N ALA H 12 -11.53 3.40 22.52
CA ALA H 12 -10.39 2.51 22.81
C ALA H 12 -9.12 3.31 22.99
N ALA H 13 -8.10 2.67 23.56
CA ALA H 13 -6.83 3.34 23.88
C ALA H 13 -5.74 3.02 22.85
N PRO H 14 -4.74 3.93 22.71
CA PRO H 14 -3.62 3.75 21.77
C PRO H 14 -2.92 2.38 21.86
N GLY H 15 -2.62 1.79 20.70
CA GLY H 15 -2.06 0.44 20.66
C GLY H 15 -3.11 -0.63 20.44
N GLN H 16 -4.27 -0.45 21.09
CA GLN H 16 -5.36 -1.44 21.05
C GLN H 16 -6.03 -1.58 19.68
N LYS H 17 -6.70 -2.71 19.48
CA LYS H 17 -7.51 -2.96 18.30
C LYS H 17 -8.99 -2.68 18.58
N VAL H 18 -9.54 -1.77 17.78
CA VAL H 18 -10.99 -1.56 17.68
C VAL H 18 -11.53 -2.39 16.50
N THR H 19 -12.80 -2.80 16.60
CA THR H 19 -13.53 -3.26 15.42
C THR H 19 -14.89 -2.54 15.33
N ILE H 20 -15.23 -2.16 14.10
CA ILE H 20 -16.46 -1.46 13.76
C ILE H 20 -17.27 -2.36 12.85
N SER H 21 -18.48 -2.71 13.26
CA SER H 21 -19.32 -3.57 12.43
C SER H 21 -20.31 -2.76 11.60
N CYS H 22 -20.78 -3.38 10.52
CA CYS H 22 -21.74 -2.79 9.61
C CYS H 22 -22.71 -3.92 9.25
N SER H 23 -23.98 -3.75 9.60
CA SER H 23 -24.98 -4.81 9.50
C SER H 23 -26.07 -4.42 8.52
N GLY H 24 -26.23 -5.24 7.49
CA GLY H 24 -27.24 -5.00 6.48
C GLY H 24 -28.40 -5.98 6.56
N SER H 25 -29.01 -6.22 5.40
CA SER H 25 -30.18 -7.09 5.27
C SER H 25 -30.11 -7.93 4.00
N SER H 26 -31.25 -8.51 3.61
CA SER H 26 -31.36 -9.43 2.46
C SER H 26 -30.61 -8.94 1.21
N SER H 27 -31.16 -7.91 0.57
CA SER H 27 -30.77 -7.50 -0.79
C SER H 27 -29.71 -6.38 -0.88
N ASN H 28 -28.98 -6.10 0.21
CA ASN H 28 -27.81 -5.22 0.12
C ASN H 28 -26.48 -5.92 0.42
N ILE H 29 -26.17 -6.15 1.70
CA ILE H 29 -24.85 -6.58 2.12
C ILE H 29 -24.62 -8.08 1.95
N GLY H 30 -25.70 -8.87 1.95
CA GLY H 30 -25.63 -10.31 1.76
C GLY H 30 -25.75 -10.76 0.31
N ASN H 31 -25.43 -9.88 -0.64
CA ASN H 31 -25.40 -10.24 -2.07
C ASN H 31 -24.45 -9.42 -2.95
N ASP H 32 -23.58 -8.62 -2.34
CA ASP H 32 -22.45 -7.98 -3.05
C ASP H 32 -21.41 -7.40 -2.08
N TYR H 33 -20.33 -6.86 -2.64
CA TYR H 33 -19.14 -6.45 -1.87
C TYR H 33 -19.38 -5.20 -1.04
N VAL H 34 -18.47 -4.93 -0.11
CA VAL H 34 -18.59 -3.79 0.81
C VAL H 34 -17.32 -2.95 0.90
N SER H 35 -17.47 -1.63 1.03
CA SER H 35 -16.32 -0.75 1.19
C SER H 35 -16.41 0.06 2.47
N TRP H 36 -15.34 0.78 2.82
CA TRP H 36 -15.24 1.47 4.11
C TRP H 36 -14.48 2.75 3.96
N TYR H 37 -15.04 3.82 4.50
CA TYR H 37 -14.44 5.15 4.37
C TYR H 37 -14.17 5.73 5.74
N GLN H 38 -13.05 6.45 5.86
CA GLN H 38 -12.73 7.22 7.06
C GLN H 38 -12.87 8.69 6.71
N GLN H 39 -13.64 9.44 7.50
CA GLN H 39 -13.80 10.87 7.30
C GLN H 39 -13.30 11.65 8.48
N LEU H 40 -12.29 12.48 8.26
CA LEU H 40 -11.84 13.43 9.26
C LEU H 40 -12.60 14.74 9.08
N PRO H 41 -12.65 15.56 10.13
CA PRO H 41 -13.26 16.90 10.04
C PRO H 41 -12.70 17.79 8.92
N GLY H 42 -13.58 18.53 8.25
CA GLY H 42 -13.22 19.44 7.16
C GLY H 42 -12.82 18.75 5.87
N THR H 43 -13.14 17.46 5.73
CA THR H 43 -12.57 16.67 4.64
C THR H 43 -13.48 15.57 4.10
N ALA H 44 -13.17 15.15 2.88
CA ALA H 44 -14.01 14.23 2.14
C ALA H 44 -13.69 12.82 2.57
N PRO H 45 -14.67 11.93 2.48
CA PRO H 45 -14.40 10.55 2.79
C PRO H 45 -13.16 9.99 2.07
N LYS H 46 -12.46 9.10 2.77
CA LYS H 46 -11.26 8.44 2.28
C LYS H 46 -11.57 6.94 2.31
N LEU H 47 -11.23 6.26 1.23
CA LEU H 47 -11.46 4.84 1.08
C LEU H 47 -10.32 4.13 1.79
N LEU H 48 -10.67 3.18 2.66
CA LEU H 48 -9.70 2.32 3.36
C LEU H 48 -9.79 0.87 2.90
N ILE H 49 -10.99 0.41 2.54
CA ILE H 49 -11.20 -0.97 2.16
C ILE H 49 -12.23 -1.11 1.03
N TYR H 50 -11.87 -1.87 0.01
CA TYR H 50 -12.83 -2.23 -1.02
C TYR H 50 -12.86 -3.74 -1.19
N ASP H 51 -13.93 -4.24 -1.80
CA ASP H 51 -14.12 -5.65 -2.02
C ASP H 51 -13.91 -6.41 -0.70
N ASN H 52 -14.61 -5.96 0.33
CA ASN H 52 -14.60 -6.57 1.66
C ASN H 52 -13.31 -6.45 2.47
N ASN H 53 -12.17 -6.69 1.81
CA ASN H 53 -10.88 -6.89 2.49
C ASN H 53 -9.62 -6.32 1.82
N LYS H 54 -9.76 -5.48 0.80
CA LYS H 54 -8.58 -4.98 0.08
C LYS H 54 -8.27 -3.56 0.46
N ARG H 55 -7.11 -3.06 0.04
CA ARG H 55 -6.65 -1.74 0.44
C ARG H 55 -6.10 -0.98 -0.74
N PRO H 56 -6.53 0.28 -0.92
CA PRO H 56 -5.77 1.10 -1.84
C PRO H 56 -4.37 1.36 -1.29
N SER H 57 -3.40 1.48 -2.20
CA SER H 57 -2.03 1.81 -1.80
C SER H 57 -2.04 3.17 -1.11
N GLY H 58 -1.16 3.31 -0.11
CA GLY H 58 -1.14 4.48 0.77
C GLY H 58 -1.85 4.23 2.09
N ILE H 59 -2.64 3.16 2.17
CA ILE H 59 -3.32 2.77 3.42
C ILE H 59 -2.52 1.69 4.12
N PRO H 60 -2.14 1.93 5.40
CA PRO H 60 -1.36 0.93 6.14
C PRO H 60 -2.18 -0.31 6.45
N ASP H 61 -1.48 -1.42 6.70
CA ASP H 61 -2.10 -2.72 6.95
C ASP H 61 -2.65 -2.91 8.38
N ARG H 62 -2.63 -1.85 9.18
CA ARG H 62 -3.33 -1.83 10.47
C ARG H 62 -4.83 -1.94 10.24
N PHE H 63 -5.29 -1.39 9.12
CA PHE H 63 -6.69 -1.42 8.71
C PHE H 63 -6.96 -2.68 7.91
N SER H 64 -8.09 -3.33 8.19
CA SER H 64 -8.48 -4.56 7.49
C SER H 64 -9.98 -4.70 7.49
N GLY H 65 -10.47 -5.72 6.79
CA GLY H 65 -11.92 -5.97 6.75
C GLY H 65 -12.30 -7.39 6.42
N SER H 66 -13.57 -7.71 6.65
CA SER H 66 -14.10 -9.05 6.35
C SER H 66 -15.62 -9.02 6.19
N LYS H 67 -16.15 -9.98 5.44
CA LYS H 67 -17.59 -10.10 5.23
C LYS H 67 -18.05 -11.54 5.46
N SER H 68 -18.51 -11.80 6.68
CA SER H 68 -19.25 -13.03 6.99
C SER H 68 -20.76 -12.74 6.95
N GLY H 69 -21.51 -13.60 6.24
CA GLY H 69 -22.97 -13.51 6.22
C GLY H 69 -23.52 -12.17 5.74
N THR H 70 -24.42 -11.59 6.53
CA THR H 70 -25.14 -10.35 6.17
C THR H 70 -24.55 -9.11 6.87
N SER H 71 -23.22 -9.11 7.07
CA SER H 71 -22.56 -8.06 7.85
C SER H 71 -21.06 -7.98 7.54
N ALA H 72 -20.46 -6.84 7.89
CA ALA H 72 -19.03 -6.62 7.62
C ALA H 72 -18.36 -5.86 8.78
N THR H 73 -17.04 -5.97 8.84
CA THR H 73 -16.30 -5.41 9.96
C THR H 73 -15.04 -4.73 9.49
N LEU H 74 -14.78 -3.57 10.09
CA LEU H 74 -13.54 -2.86 9.87
C LEU H 74 -12.72 -3.00 11.14
N GLY H 75 -11.49 -3.48 10.98
CA GLY H 75 -10.62 -3.76 12.10
C GLY H 75 -9.44 -2.82 12.01
N ILE H 76 -9.16 -2.11 13.10
CA ILE H 76 -7.98 -1.24 13.15
C ILE H 76 -7.18 -1.52 14.43
N THR H 77 -5.98 -2.06 14.21
CA THR H 77 -5.04 -2.45 15.26
C THR H 77 -4.02 -1.33 15.44
N GLY H 78 -3.23 -1.38 16.52
CA GLY H 78 -2.21 -0.34 16.79
C GLY H 78 -2.76 1.07 16.70
N LEU H 79 -3.95 1.25 17.27
CA LEU H 79 -4.71 2.50 17.18
C LEU H 79 -3.88 3.70 17.62
N GLN H 80 -4.13 4.84 16.98
CA GLN H 80 -3.44 6.11 17.23
C GLN H 80 -4.48 7.23 17.28
N THR H 81 -4.07 8.41 17.75
CA THR H 81 -5.00 9.54 17.91
C THR H 81 -5.38 10.17 16.57
N GLY H 82 -4.49 10.07 15.59
CA GLY H 82 -4.80 10.43 14.19
C GLY H 82 -5.86 9.56 13.54
N ASP H 83 -6.17 8.41 14.15
CA ASP H 83 -7.29 7.56 13.71
C ASP H 83 -8.67 8.06 14.20
N GLU H 84 -8.73 9.08 15.06
CA GLU H 84 -10.01 9.60 15.56
C GLU H 84 -10.81 10.17 14.37
N ALA H 85 -11.96 9.57 14.08
CA ALA H 85 -12.68 9.86 12.84
C ALA H 85 -14.07 9.26 12.78
N ASN H 86 -14.82 9.70 11.78
CA ASN H 86 -16.10 9.09 11.45
C ASN H 86 -15.83 8.01 10.43
N TYR H 87 -16.52 6.87 10.56
CA TYR H 87 -16.25 5.75 9.65
C TYR H 87 -17.55 5.24 9.09
N TYR H 88 -17.64 5.13 7.76
CA TYR H 88 -18.87 4.73 7.08
C TYR H 88 -18.62 3.54 6.17
N CYS H 89 -19.44 2.51 6.30
CA CYS H 89 -19.43 1.43 5.32
C CYS H 89 -20.33 1.84 4.16
N ALA H 90 -20.10 1.25 2.99
CA ALA H 90 -20.91 1.48 1.80
C ALA H 90 -21.01 0.20 1.04
N THR H 91 -22.11 0.02 0.34
CA THR H 91 -22.35 -1.18 -0.44
C THR H 91 -23.30 -0.87 -1.57
N TRP H 92 -23.45 -1.81 -2.49
CA TRP H 92 -24.33 -1.67 -3.64
C TRP H 92 -25.73 -2.28 -3.36
N ASP H 93 -26.76 -1.73 -4.03
CA ASP H 93 -28.18 -2.25 -4.11
C ASP H 93 -29.01 -2.07 -2.82
N ARG H 94 -30.33 -2.25 -2.97
CA ARG H 94 -31.28 -2.38 -1.86
C ARG H 94 -32.62 -2.93 -2.38
N THR H 97 -34.94 -1.19 -7.00
CA THR H 97 -34.13 -0.18 -7.68
C THR H 97 -32.78 0.05 -6.97
N ALA H 98 -31.72 -0.51 -7.55
CA ALA H 98 -30.40 -0.59 -6.91
C ALA H 98 -29.68 0.76 -6.90
N TYR H 99 -28.79 0.95 -5.92
CA TYR H 99 -28.02 2.19 -5.79
C TYR H 99 -26.96 2.05 -4.71
N VAL H 100 -26.01 2.97 -4.65
CA VAL H 100 -25.01 2.90 -3.60
C VAL H 100 -25.66 3.37 -2.32
N VAL H 101 -25.48 2.57 -1.27
CA VAL H 101 -26.06 2.82 0.03
C VAL H 101 -24.98 2.92 1.11
N PHE H 102 -25.12 3.87 2.03
CA PHE H 102 -24.13 4.16 3.07
C PHE H 102 -24.65 3.84 4.45
N GLY H 103 -23.75 3.39 5.31
CA GLY H 103 -24.08 3.19 6.72
C GLY H 103 -24.19 4.49 7.47
N GLY H 104 -24.92 4.46 8.60
CA GLY H 104 -25.10 5.63 9.46
C GLY H 104 -23.80 6.28 9.92
N GLY H 105 -22.76 5.48 10.16
CA GLY H 105 -21.47 6.01 10.66
C GLY H 105 -21.13 5.64 12.10
N THR H 106 -19.84 5.55 12.40
CA THR H 106 -19.35 5.19 13.73
C THR H 106 -18.24 6.16 14.11
N LYS H 107 -18.53 7.01 15.08
CA LYS H 107 -17.52 7.90 15.63
C LYS H 107 -16.57 7.09 16.55
N LEU H 108 -15.29 7.05 16.18
CA LEU H 108 -14.25 6.38 16.96
C LEU H 108 -13.52 7.44 17.77
N THR H 109 -13.51 7.29 19.11
CA THR H 109 -12.81 8.21 20.03
C THR H 109 -11.61 7.50 20.68
N VAL H 110 -10.46 8.17 20.75
CA VAL H 110 -9.19 7.49 21.06
C VAL H 110 -8.73 7.52 22.54
N LEU H 111 -9.51 8.15 23.43
CA LEU H 111 -9.13 8.32 24.85
C LEU H 111 -7.84 9.15 25.00
N ALA H 121 -13.14 26.13 32.24
CA ALA H 121 -12.51 27.38 32.70
C ALA H 121 -12.84 28.54 31.76
N PRO H 122 -14.11 28.99 31.74
CA PRO H 122 -14.60 29.97 30.73
C PRO H 122 -14.37 31.47 31.04
N SER H 123 -14.64 32.32 30.05
CA SER H 123 -14.64 33.79 30.23
C SER H 123 -15.79 34.43 29.42
N VAL H 124 -16.59 35.26 30.08
CA VAL H 124 -17.93 35.64 29.60
C VAL H 124 -18.22 37.16 29.60
N THR H 125 -17.70 37.85 28.59
CA THR H 125 -18.02 39.26 28.35
C THR H 125 -19.49 39.43 27.99
N LEU H 126 -20.09 40.54 28.40
CA LEU H 126 -21.44 40.92 27.96
C LEU H 126 -21.34 42.28 27.28
N PHE H 127 -22.41 42.71 26.63
CA PHE H 127 -22.48 44.04 26.04
C PHE H 127 -23.91 44.54 26.03
N PRO H 128 -24.09 45.87 26.08
CA PRO H 128 -25.42 46.43 25.97
C PRO H 128 -25.70 46.89 24.54
N PRO H 129 -26.96 47.22 24.25
CA PRO H 129 -27.29 47.86 22.97
C PRO H 129 -26.55 49.18 22.77
N SER H 130 -26.03 49.39 21.56
CA SER H 130 -25.37 50.66 21.23
C SER H 130 -26.39 51.74 20.93
N SER H 131 -26.02 53.00 21.15
CA SER H 131 -26.92 54.14 20.89
C SER H 131 -27.11 54.45 19.40
N GLU H 132 -26.41 53.72 18.51
CA GLU H 132 -26.72 53.79 17.08
C GLU H 132 -27.86 52.81 16.77
N GLU H 133 -27.86 51.68 17.48
CA GLU H 133 -28.88 50.63 17.32
C GLU H 133 -30.18 51.05 17.99
N LEU H 134 -30.06 51.70 19.14
CA LEU H 134 -31.21 52.27 19.84
C LEU H 134 -31.80 53.35 18.96
N GLN H 135 -30.91 54.15 18.37
CA GLN H 135 -31.32 55.14 17.35
C GLN H 135 -32.02 54.47 16.18
N ALA H 136 -31.52 53.31 15.76
CA ALA H 136 -32.16 52.50 14.73
C ALA H 136 -33.38 51.71 15.23
N ASN H 137 -33.90 52.10 16.40
CA ASN H 137 -35.20 51.63 16.88
C ASN H 137 -35.21 50.14 17.28
N LYS H 138 -34.01 49.56 17.43
CA LYS H 138 -33.87 48.13 17.76
C LYS H 138 -32.80 47.98 18.86
N ALA H 139 -32.74 46.80 19.46
CA ALA H 139 -31.80 46.54 20.56
C ALA H 139 -31.35 45.08 20.64
N THR H 140 -30.08 44.88 20.95
CA THR H 140 -29.51 43.55 20.99
C THR H 140 -28.50 43.42 22.13
N LEU H 141 -28.68 42.39 22.95
CA LEU H 141 -27.80 42.12 24.07
C LEU H 141 -26.84 40.99 23.69
N VAL H 142 -25.58 41.34 23.44
CA VAL H 142 -24.59 40.40 22.92
C VAL H 142 -23.78 39.75 24.05
N CYS H 143 -23.97 38.44 24.25
CA CYS H 143 -23.26 37.69 25.28
C CYS H 143 -22.27 36.75 24.60
N LEU H 144 -20.97 37.03 24.75
CA LEU H 144 -19.92 36.22 24.15
C LEU H 144 -19.31 35.29 25.20
N ILE H 145 -18.71 34.20 24.76
CA ILE H 145 -18.13 33.18 25.64
C ILE H 145 -16.85 32.61 25.01
N SER H 146 -15.78 32.47 25.78
CA SER H 146 -14.50 32.06 25.18
C SER H 146 -13.53 31.30 26.09
N ASP H 147 -12.43 30.84 25.50
CA ASP H 147 -11.26 30.27 26.21
C ASP H 147 -11.55 29.04 27.10
N PHE H 148 -12.63 28.30 26.81
CA PHE H 148 -13.08 27.23 27.70
C PHE H 148 -12.74 25.80 27.22
N TYR H 149 -12.67 24.88 28.19
CA TYR H 149 -12.41 23.45 27.95
C TYR H 149 -12.83 22.59 29.16
N PRO H 150 -13.58 21.48 28.94
CA PRO H 150 -13.98 20.91 27.66
C PRO H 150 -15.06 21.75 27.00
N GLY H 151 -15.35 21.45 25.73
CA GLY H 151 -16.15 22.33 24.87
C GLY H 151 -17.66 22.10 24.83
N ALA H 152 -18.37 22.50 25.88
CA ALA H 152 -19.83 22.47 25.91
C ALA H 152 -20.37 23.33 27.05
N VAL H 153 -21.57 23.90 26.86
CA VAL H 153 -22.19 24.83 27.83
C VAL H 153 -23.72 24.91 27.66
N THR H 154 -24.38 25.63 28.57
CA THR H 154 -25.83 25.88 28.52
C THR H 154 -26.13 27.33 28.89
N VAL H 155 -27.32 27.83 28.53
CA VAL H 155 -27.66 29.26 28.72
C VAL H 155 -29.17 29.48 28.95
N ALA H 156 -29.51 30.64 29.52
CA ALA H 156 -30.91 31.10 29.64
C ALA H 156 -30.98 32.56 30.10
N TRP H 157 -31.85 33.34 29.46
CA TRP H 157 -31.96 34.79 29.68
C TRP H 157 -33.19 35.15 30.50
N LYS H 158 -32.99 35.96 31.53
CA LYS H 158 -34.02 36.26 32.52
C LYS H 158 -33.68 37.55 33.28
N ALA H 159 -34.72 38.25 33.74
CA ALA H 159 -34.58 39.54 34.43
C ALA H 159 -35.54 39.65 35.61
N ALA H 166 -37.85 33.34 25.59
CA ALA H 166 -38.19 33.64 24.19
C ALA H 166 -37.46 34.90 23.72
N GLY H 167 -36.70 34.77 22.63
CA GLY H 167 -35.85 35.86 22.07
C GLY H 167 -34.36 35.53 22.01
N VAL H 168 -33.97 34.45 22.68
CA VAL H 168 -32.59 33.97 22.73
C VAL H 168 -32.16 33.13 21.51
N GLU H 169 -31.06 33.53 20.88
CA GLU H 169 -30.43 32.76 19.80
C GLU H 169 -29.01 32.40 20.27
N THR H 170 -28.58 31.16 20.00
CA THR H 170 -27.31 30.64 20.53
C THR H 170 -26.62 29.68 19.55
N THR H 171 -25.29 29.71 19.52
CA THR H 171 -24.49 28.93 18.56
C THR H 171 -23.97 27.61 19.10
N THR H 172 -23.41 26.79 18.21
CA THR H 172 -22.68 25.59 18.58
C THR H 172 -21.37 26.03 19.19
N PRO H 173 -20.84 25.24 20.12
CA PRO H 173 -19.42 25.30 20.41
C PRO H 173 -18.55 25.16 19.15
N SER H 174 -17.42 25.87 19.08
CA SER H 174 -16.45 25.70 17.98
C SER H 174 -15.01 25.99 18.43
N LYS H 175 -14.04 25.32 17.81
CA LYS H 175 -12.64 25.35 18.27
C LYS H 175 -11.90 26.63 17.88
N GLN H 176 -11.19 27.22 18.86
CA GLN H 176 -10.37 28.41 18.65
C GLN H 176 -8.94 28.02 18.25
N SER H 177 -8.17 29.01 17.78
CA SER H 177 -6.74 28.81 17.46
C SER H 177 -5.99 28.14 18.61
N ASN H 178 -6.20 28.66 19.83
CA ASN H 178 -5.54 28.14 21.04
C ASN H 178 -6.13 26.80 21.58
N ASN H 179 -6.96 26.12 20.78
CA ASN H 179 -7.56 24.82 21.15
C ASN H 179 -8.56 24.85 22.33
N LYS H 180 -8.81 26.04 22.89
CA LYS H 180 -10.01 26.25 23.69
C LYS H 180 -11.17 26.49 22.71
N TYR H 181 -12.38 26.67 23.25
CA TYR H 181 -13.60 26.76 22.44
C TYR H 181 -14.25 28.14 22.48
N ALA H 182 -15.24 28.35 21.59
CA ALA H 182 -15.90 29.66 21.42
C ALA H 182 -17.41 29.52 21.16
N ALA H 183 -18.20 30.23 21.97
CA ALA H 183 -19.66 30.30 21.81
C ALA H 183 -20.16 31.75 21.76
N SER H 184 -21.39 31.95 21.30
CA SER H 184 -22.03 33.28 21.23
C SER H 184 -23.49 33.16 21.68
N SER H 185 -24.08 34.26 22.15
CA SER H 185 -25.51 34.26 22.52
C SER H 185 -26.15 35.65 22.53
N TYR H 186 -27.24 35.81 21.80
CA TYR H 186 -27.81 37.14 21.52
C TYR H 186 -29.26 37.23 21.98
N LEU H 187 -29.61 38.29 22.71
CA LEU H 187 -30.99 38.57 23.10
C LEU H 187 -31.52 39.81 22.39
N SER H 188 -32.49 39.63 21.50
CA SER H 188 -33.09 40.76 20.80
C SER H 188 -34.14 41.42 21.71
N LEU H 189 -34.41 42.69 21.46
CA LEU H 189 -35.38 43.45 22.25
C LEU H 189 -35.78 44.73 21.54
N THR H 190 -36.62 45.53 22.18
CA THR H 190 -36.98 46.86 21.68
C THR H 190 -36.38 47.91 22.60
N PRO H 191 -36.29 49.17 22.13
CA PRO H 191 -35.83 50.26 23.00
C PRO H 191 -36.52 50.32 24.37
N GLU H 192 -37.77 49.86 24.46
CA GLU H 192 -38.56 49.96 25.69
C GLU H 192 -38.28 48.82 26.67
N GLN H 193 -38.30 47.57 26.18
CA GLN H 193 -38.07 46.38 27.02
C GLN H 193 -36.78 46.43 27.82
N TRP H 194 -35.79 47.17 27.33
CA TRP H 194 -34.52 47.34 28.02
C TRP H 194 -34.71 48.31 29.19
N LYS H 195 -35.34 49.46 28.90
CA LYS H 195 -35.67 50.45 29.92
C LYS H 195 -36.52 49.82 31.04
N SER H 196 -37.57 49.09 30.65
CA SER H 196 -38.50 48.47 31.60
C SER H 196 -37.95 47.17 32.19
N HIS H 197 -36.99 47.29 33.10
CA HIS H 197 -36.43 46.13 33.82
C HIS H 197 -35.32 46.56 34.76
N ARG H 198 -35.07 45.73 35.78
CA ARG H 198 -33.99 45.98 36.74
C ARG H 198 -32.63 45.75 36.08
N SER H 199 -32.38 44.50 35.69
CA SER H 199 -31.17 44.16 34.94
C SER H 199 -31.37 42.83 34.19
N TYR H 200 -30.34 42.43 33.45
CA TYR H 200 -30.38 41.22 32.64
C TYR H 200 -29.17 40.30 32.88
N SER H 201 -29.39 39.00 32.83
CA SER H 201 -28.37 38.00 33.15
C SER H 201 -27.88 37.21 31.93
N CYS H 202 -26.92 36.33 32.17
CA CYS H 202 -26.44 35.39 31.16
C CYS H 202 -25.89 34.13 31.87
N GLN H 203 -26.81 33.37 32.48
CA GLN H 203 -26.44 32.22 33.30
C GLN H 203 -25.88 31.11 32.42
N VAL H 204 -24.55 31.03 32.36
CA VAL H 204 -23.84 30.12 31.45
C VAL H 204 -23.09 29.01 32.18
N THR H 205 -23.75 27.88 32.42
CA THR H 205 -23.15 26.79 33.21
C THR H 205 -21.94 26.15 32.49
N HIS H 206 -21.11 25.44 33.25
CA HIS H 206 -19.98 24.69 32.68
C HIS H 206 -19.76 23.35 33.42
N GLU H 207 -20.76 22.89 34.18
CA GLU H 207 -20.64 21.72 35.06
C GLU H 207 -19.61 21.97 36.17
N SER H 209 -20.98 25.62 37.00
CA SER H 209 -19.98 26.69 37.11
C SER H 209 -20.46 27.99 36.44
N THR H 210 -21.71 28.38 36.72
CA THR H 210 -22.37 29.55 36.08
C THR H 210 -21.65 30.89 36.32
N VAL H 211 -20.68 31.19 35.45
CA VAL H 211 -20.02 32.51 35.43
C VAL H 211 -20.94 33.52 34.74
N GLU H 212 -21.27 34.60 35.43
CA GLU H 212 -22.34 35.52 35.01
C GLU H 212 -21.90 36.97 34.94
N LYS H 213 -22.60 37.76 34.12
CA LYS H 213 -22.38 39.22 34.02
C LYS H 213 -23.71 39.93 33.76
N THR H 214 -23.74 41.26 33.91
CA THR H 214 -24.98 42.05 33.77
C THR H 214 -24.74 43.54 33.50
N VAL H 215 -25.71 44.18 32.84
CA VAL H 215 -25.74 45.63 32.66
C VAL H 215 -27.17 46.18 32.79
N ALA H 216 -27.30 47.50 32.68
CA ALA H 216 -28.60 48.16 32.66
C ALA H 216 -28.46 49.61 32.15
N PRO H 217 -29.57 50.20 31.66
CA PRO H 217 -29.53 51.49 30.91
C PRO H 217 -29.30 52.77 31.75
C1 NAG I . -0.62 -26.55 64.02
C2 NAG I . 0.22 -26.26 65.25
C3 NAG I . 1.35 -27.25 65.37
C4 NAG I . 0.84 -28.70 65.35
C5 NAG I . -0.16 -28.95 64.24
C6 NAG I . -0.93 -30.22 64.59
C7 NAG I . 0.64 -23.98 66.07
C8 NAG I . 1.36 -22.68 65.83
N2 NAG I . 0.83 -24.94 65.17
O3 NAG I . 1.99 -26.95 66.59
O4 NAG I . 1.86 -29.68 65.19
O5 NAG I . -1.09 -27.89 64.05
O6 NAG I . -1.81 -30.51 63.55
O7 NAG I . -0.10 -24.09 67.03
C1 NAG I . 2.56 -29.91 66.42
C2 NAG I . 3.20 -31.32 66.37
C3 NAG I . 4.72 -31.41 66.56
C4 NAG I . 5.43 -30.05 66.75
C5 NAG I . 4.51 -29.07 67.50
C6 NAG I . 5.17 -27.72 67.83
C7 NAG I . 1.68 -33.13 67.08
C8 NAG I . 1.09 -33.88 68.24
N2 NAG I . 2.55 -32.16 67.38
O3 NAG I . 5.26 -32.11 65.46
O4 NAG I . 6.69 -30.17 67.41
O5 NAG I . 3.44 -28.83 66.63
O6 NAG I . 5.27 -26.94 66.66
O7 NAG I . 1.37 -33.42 65.91
C1 NAG J . 13.39 65.11 -30.48
C2 NAG J . 14.80 65.03 -31.07
C3 NAG J . 15.81 64.40 -30.09
C4 NAG J . 15.74 65.02 -28.70
C5 NAG J . 14.28 64.85 -28.27
C6 NAG J . 13.99 65.26 -26.81
C7 NAG J . 15.21 64.52 -33.45
C8 NAG J . 15.02 63.49 -34.52
N2 NAG J . 14.72 64.19 -32.26
O3 NAG J . 17.12 64.52 -30.59
O4 NAG J . 16.64 64.32 -27.87
O5 NAG J . 13.46 65.61 -29.16
O6 NAG J . 12.65 65.66 -26.62
O7 NAG J . 15.79 65.57 -33.70
C1 NAG J . 17.27 65.05 -26.78
C2 NAG J . 17.27 64.11 -25.56
C3 NAG J . 18.48 64.36 -24.68
C4 NAG J . 19.65 63.92 -25.53
C5 NAG J . 19.78 64.93 -26.69
C6 NAG J . 20.46 64.27 -27.92
C7 NAG J . 15.49 63.03 -24.30
C8 NAG J . 14.23 63.19 -23.49
N2 NAG J . 16.06 64.15 -24.77
O3 NAG J . 18.47 63.56 -23.52
O4 NAG J . 20.78 63.75 -24.72
O5 NAG J . 18.56 65.58 -27.10
O6 NAG J . 21.62 63.57 -27.52
O7 NAG J . 15.95 61.91 -24.51
C1 NAG K . 24.42 9.99 7.01
C2 NAG K . 24.18 11.52 7.08
C3 NAG K . 22.77 11.84 7.67
C4 NAG K . 21.66 10.96 7.10
C5 NAG K . 22.07 9.47 7.11
C6 NAG K . 21.05 8.57 6.41
C7 NAG K . 26.38 12.59 7.41
C8 NAG K . 27.38 13.15 8.39
N2 NAG K . 25.24 12.09 7.90
O3 NAG K . 22.40 13.22 7.48
O4 NAG K . 20.47 11.18 7.85
O5 NAG K . 23.31 9.32 6.44
O6 NAG K . 21.05 8.86 5.02
O7 NAG K . 26.67 12.63 6.21
C1 BMA L . 19.63 -9.20 -22.16
C2 BMA L . 19.28 -8.74 -23.58
C3 BMA L . 19.94 -7.40 -23.88
C4 BMA L . 19.52 -6.40 -22.82
C5 BMA L . 19.74 -6.92 -21.39
C6 BMA L . 19.14 -5.94 -20.39
O2 BMA L . 17.86 -8.58 -23.73
O3 BMA L . 19.55 -6.97 -25.20
O4 BMA L . 20.24 -5.17 -22.98
O5 BMA L . 19.17 -8.23 -21.21
O6 BMA L . 18.79 -6.62 -19.17
C1 NAG M . -31.23 -10.93 72.28
C2 NAG M . -31.59 -12.41 72.42
C3 NAG M . -32.67 -12.57 73.50
C4 NAG M . -32.00 -12.15 74.81
C5 NAG M . -31.71 -10.64 74.75
C6 NAG M . -30.83 -10.21 75.92
C7 NAG M . -31.54 -14.04 70.54
C8 NAG M . -32.25 -14.47 69.28
N2 NAG M . -32.10 -12.99 71.18
O3 NAG M . -33.19 -13.87 73.52
O4 NAG M . -32.74 -12.53 75.95
O5 NAG M . -31.02 -10.26 73.55
O6 NAG M . -30.98 -8.83 76.19
O7 NAG M . -30.52 -14.62 70.93
C1 EDO N . 26.66 2.32 14.21
O1 EDO N . 25.49 3.11 14.48
C2 EDO N . 26.68 2.15 12.70
O2 EDO N . 27.94 1.68 12.18
C1 NAG O . 50.60 -24.23 -7.38
C2 NAG O . 50.22 -25.70 -7.11
C3 NAG O . 51.00 -26.64 -8.04
C4 NAG O . 50.72 -26.29 -9.48
C5 NAG O . 51.25 -24.89 -9.72
C6 NAG O . 50.80 -24.51 -11.13
C7 NAG O . 49.45 -26.21 -4.80
C8 NAG O . 49.86 -26.59 -3.40
N2 NAG O . 50.43 -26.06 -5.71
O3 NAG O . 50.57 -27.97 -7.88
O4 NAG O . 51.30 -27.22 -10.39
O5 NAG O . 50.71 -23.95 -8.78
O6 NAG O . 51.87 -23.93 -11.85
O7 NAG O . 48.24 -26.06 -5.04
C1 GOL P . 45.03 -19.14 -5.18
O1 GOL P . 46.06 -20.09 -5.34
C2 GOL P . 44.44 -19.35 -3.79
O2 GOL P . 43.10 -18.92 -3.81
C3 GOL P . 45.24 -18.57 -2.76
O3 GOL P . 45.35 -19.23 -1.53
C1 BMA Q . -47.31 0.17 -23.18
C2 BMA Q . -48.81 -0.09 -23.16
C3 BMA Q . -49.18 -1.13 -24.20
C4 BMA Q . -48.75 -0.64 -25.56
C5 BMA Q . -47.29 -0.27 -25.55
C6 BMA Q . -46.93 0.31 -26.93
O2 BMA Q . -49.53 1.09 -23.51
O3 BMA Q . -50.59 -1.31 -24.21
O4 BMA Q . -49.02 -1.63 -26.56
O5 BMA Q . -47.02 0.67 -24.49
O6 BMA Q . -45.64 0.93 -26.84
C1 NAG R . -24.02 4.80 -47.30
C2 NAG R . -24.98 5.85 -46.74
C3 NAG R . -25.32 6.85 -47.87
C4 NAG R . -24.20 7.11 -48.92
C5 NAG R . -23.32 5.87 -49.20
C6 NAG R . -22.00 6.11 -49.95
C7 NAG R . -26.71 5.35 -45.00
C8 NAG R . -27.86 4.44 -44.61
N2 NAG R . -26.11 5.10 -46.17
O3 NAG R . -25.64 8.10 -47.29
O4 NAG R . -24.79 7.58 -50.13
O5 NAG R . -22.93 5.40 -47.94
O6 NAG R . -21.20 4.95 -49.82
O7 NAG R . -26.40 6.26 -44.24
C1 EDO S . -15.87 8.59 -40.40
O1 EDO S . -16.61 7.54 -39.79
C2 EDO S . -16.79 9.61 -41.06
O2 EDO S . -15.99 10.56 -41.77
C1 NAG T . -17.04 -16.93 -7.98
C2 NAG T . -16.69 -16.54 -6.51
C3 NAG T . -17.19 -17.56 -5.47
C4 NAG T . -18.65 -17.94 -5.74
C5 NAG T . -18.69 -18.55 -7.16
C6 NAG T . -20.09 -19.05 -7.53
C7 NAG T . -14.45 -15.32 -6.54
C8 NAG T . -13.00 -15.49 -6.11
N2 NAG T . -15.24 -16.39 -6.22
O3 NAG T . -16.97 -17.08 -4.15
O4 NAG T . -19.19 -18.78 -4.71
O5 NAG T . -18.31 -17.59 -8.15
O6 NAG T . -20.17 -20.45 -7.40
O7 NAG T . -14.81 -14.28 -7.13
#